data_5Z1N
# 
_entry.id   5Z1N 
# 
_audit_conform.dict_name       mmcif_pdbx.dic 
_audit_conform.dict_version    5.380 
_audit_conform.dict_location   http://mmcif.pdb.org/dictionaries/ascii/mmcif_pdbx.dic 
# 
loop_
_database_2.database_id 
_database_2.database_code 
_database_2.pdbx_database_accession 
_database_2.pdbx_DOI 
PDB   5Z1N         pdb_00005z1n 10.2210/pdb5z1n/pdb 
WWPDB D_1300006317 ?            ?                   
# 
_pdbx_database_status.status_code                     REL 
_pdbx_database_status.status_code_sf                  REL 
_pdbx_database_status.status_code_mr                  ? 
_pdbx_database_status.entry_id                        5Z1N 
_pdbx_database_status.recvd_initial_deposition_date   2017-12-27 
_pdbx_database_status.SG_entry                        N 
_pdbx_database_status.deposit_site                    PDBJ 
_pdbx_database_status.process_site                    PDBJ 
_pdbx_database_status.status_code_cs                  ? 
_pdbx_database_status.methods_development_category    ? 
_pdbx_database_status.pdb_format_compatible           Y 
_pdbx_database_status.status_code_nmr_data            ? 
# 
loop_
_audit_author.name 
_audit_author.pdbx_ordinal 
_audit_author.identifier_ORCID 
'Miyagawa, T.'  1 ? 
'Koteishi, H.'  2 ? 
'Kamimura, Y.'  3 ? 
'Miyanaga, Y.'  4 ? 
'Takeshita, K.' 5 ? 
'Nakagawa, A.'  6 ? 
'Ueda, M.'      7 ? 
# 
_citation.abstract                  ? 
_citation.abstract_id_CAS           ? 
_citation.book_id_ISBN              ? 
_citation.book_publisher            ? 
_citation.book_publisher_city       ? 
_citation.book_title                ? 
_citation.coordinate_linkage        ? 
_citation.country                   UK 
_citation.database_id_Medline       ? 
_citation.details                   ? 
_citation.id                        primary 
_citation.journal_abbrev            'Nat Commun' 
_citation.journal_id_ASTM           ? 
_citation.journal_id_CSD            ? 
_citation.journal_id_ISSN           2041-1723 
_citation.journal_full              ? 
_citation.journal_issue             ? 
_citation.journal_volume            9 
_citation.language                  ? 
_citation.page_first                4635 
_citation.page_last                 4635 
_citation.title                     'Structural basis of Gip1 for cytosolic sequestration of G protein in wide-range chemotaxis' 
_citation.year                      2018 
_citation.database_id_CSD           ? 
_citation.pdbx_database_id_DOI      10.1038/s41467-018-07035-x 
_citation.pdbx_database_id_PubMed   30401901 
_citation.unpublished_flag          ? 
# 
loop_
_citation_author.citation_id 
_citation_author.name 
_citation_author.ordinal 
_citation_author.identifier_ORCID 
primary 'Miyagawa, T.'  1 ?                   
primary 'Koteishi, H.'  2 0000-0001-5115-0963 
primary 'Kamimura, Y.'  3 ?                   
primary 'Miyanaga, Y.'  4 ?                   
primary 'Takeshita, K.' 5 ?                   
primary 'Nakagawa, A.'  6 0000-0002-1700-7861 
primary 'Ueda, M.'      7 0000-0002-9354-3404 
# 
_cell.angle_alpha                  90.000 
_cell.angle_alpha_esd              ? 
_cell.angle_beta                   90.000 
_cell.angle_beta_esd               ? 
_cell.angle_gamma                  90.000 
_cell.angle_gamma_esd              ? 
_cell.entry_id                     5Z1N 
_cell.details                      ? 
_cell.formula_units_Z              ? 
_cell.length_a                     33.318 
_cell.length_a_esd                 ? 
_cell.length_b                     44.143 
_cell.length_b_esd                 ? 
_cell.length_c                     96.637 
_cell.length_c_esd                 ? 
_cell.volume                       ? 
_cell.volume_esd                   ? 
_cell.Z_PDB                        4 
_cell.reciprocal_angle_alpha       ? 
_cell.reciprocal_angle_beta        ? 
_cell.reciprocal_angle_gamma       ? 
_cell.reciprocal_angle_alpha_esd   ? 
_cell.reciprocal_angle_beta_esd    ? 
_cell.reciprocal_angle_gamma_esd   ? 
_cell.reciprocal_length_a          ? 
_cell.reciprocal_length_b          ? 
_cell.reciprocal_length_c          ? 
_cell.reciprocal_length_a_esd      ? 
_cell.reciprocal_length_b_esd      ? 
_cell.reciprocal_length_c_esd      ? 
_cell.pdbx_unique_axis             ? 
# 
_symmetry.entry_id                         5Z1N 
_symmetry.cell_setting                     ? 
_symmetry.Int_Tables_number                19 
_symmetry.space_group_name_Hall            ? 
_symmetry.space_group_name_H-M             'P 21 21 21' 
_symmetry.pdbx_full_space_group_name_H-M   ? 
# 
loop_
_entity.id 
_entity.type 
_entity.src_method 
_entity.pdbx_description 
_entity.formula_weight 
_entity.pdbx_number_of_molecules 
_entity.pdbx_ec 
_entity.pdbx_mutation 
_entity.pdbx_fragment 
_entity.details 
1 polymer     man 'G-protein interacting protein 1'          19318.480 1   ? ? 'ligand binding domain, UNP residues 146-310' ? 
2 non-polymer syn DI-PALMITOYL-3-SN-PHOSPHATIDYLETHANOLAMINE 691.959   1   ? ? ?                                             ? 
3 non-polymer syn 1,2-DIPALMITOYL-PHOSPHATIDYL-GLYCEROLE     722.970   1   ? ? ?                                             ? 
4 non-polymer syn 'SODIUM ION'                               22.990    1   ? ? ?                                             ? 
5 water       nat water                                      18.015    110 ? ? ?                                             ? 
# 
_entity_poly.entity_id                      1 
_entity_poly.type                           'polypeptide(L)' 
_entity_poly.nstd_linkage                   no 
_entity_poly.nstd_monomer                   no 
_entity_poly.pdbx_seq_one_letter_code       
;GPLSGLKKLIPEEGRELIGSVKKIIKRVSNEEKANEMEKNILKILIKVFFYIDSKAIQIGDLAKVDRALRDGFNHLDRAF
RYYGVKKAADLVVILEKASTALKEAEQETVTLLTPFFRPHNIQLIRNTFAFLGSLDFFTKVWDDLEIEDDLFLLISALNK
YTQIELIY
;
_entity_poly.pdbx_seq_one_letter_code_can   
;GPLSGLKKLIPEEGRELIGSVKKIIKRVSNEEKANEMEKNILKILIKVFFYIDSKAIQIGDLAKVDRALRDGFNHLDRAF
RYYGVKKAADLVVILEKASTALKEAEQETVTLLTPFFRPHNIQLIRNTFAFLGSLDFFTKVWDDLEIEDDLFLLISALNK
YTQIELIY
;
_entity_poly.pdbx_strand_id                 A 
_entity_poly.pdbx_target_identifier         ? 
# 
loop_
_entity_poly_seq.entity_id 
_entity_poly_seq.num 
_entity_poly_seq.mon_id 
_entity_poly_seq.hetero 
1 1   GLY n 
1 2   PRO n 
1 3   LEU n 
1 4   SER n 
1 5   GLY n 
1 6   LEU n 
1 7   LYS n 
1 8   LYS n 
1 9   LEU n 
1 10  ILE n 
1 11  PRO n 
1 12  GLU n 
1 13  GLU n 
1 14  GLY n 
1 15  ARG n 
1 16  GLU n 
1 17  LEU n 
1 18  ILE n 
1 19  GLY n 
1 20  SER n 
1 21  VAL n 
1 22  LYS n 
1 23  LYS n 
1 24  ILE n 
1 25  ILE n 
1 26  LYS n 
1 27  ARG n 
1 28  VAL n 
1 29  SER n 
1 30  ASN n 
1 31  GLU n 
1 32  GLU n 
1 33  LYS n 
1 34  ALA n 
1 35  ASN n 
1 36  GLU n 
1 37  MET n 
1 38  GLU n 
1 39  LYS n 
1 40  ASN n 
1 41  ILE n 
1 42  LEU n 
1 43  LYS n 
1 44  ILE n 
1 45  LEU n 
1 46  ILE n 
1 47  LYS n 
1 48  VAL n 
1 49  PHE n 
1 50  PHE n 
1 51  TYR n 
1 52  ILE n 
1 53  ASP n 
1 54  SER n 
1 55  LYS n 
1 56  ALA n 
1 57  ILE n 
1 58  GLN n 
1 59  ILE n 
1 60  GLY n 
1 61  ASP n 
1 62  LEU n 
1 63  ALA n 
1 64  LYS n 
1 65  VAL n 
1 66  ASP n 
1 67  ARG n 
1 68  ALA n 
1 69  LEU n 
1 70  ARG n 
1 71  ASP n 
1 72  GLY n 
1 73  PHE n 
1 74  ASN n 
1 75  HIS n 
1 76  LEU n 
1 77  ASP n 
1 78  ARG n 
1 79  ALA n 
1 80  PHE n 
1 81  ARG n 
1 82  TYR n 
1 83  TYR n 
1 84  GLY n 
1 85  VAL n 
1 86  LYS n 
1 87  LYS n 
1 88  ALA n 
1 89  ALA n 
1 90  ASP n 
1 91  LEU n 
1 92  VAL n 
1 93  VAL n 
1 94  ILE n 
1 95  LEU n 
1 96  GLU n 
1 97  LYS n 
1 98  ALA n 
1 99  SER n 
1 100 THR n 
1 101 ALA n 
1 102 LEU n 
1 103 LYS n 
1 104 GLU n 
1 105 ALA n 
1 106 GLU n 
1 107 GLN n 
1 108 GLU n 
1 109 THR n 
1 110 VAL n 
1 111 THR n 
1 112 LEU n 
1 113 LEU n 
1 114 THR n 
1 115 PRO n 
1 116 PHE n 
1 117 PHE n 
1 118 ARG n 
1 119 PRO n 
1 120 HIS n 
1 121 ASN n 
1 122 ILE n 
1 123 GLN n 
1 124 LEU n 
1 125 ILE n 
1 126 ARG n 
1 127 ASN n 
1 128 THR n 
1 129 PHE n 
1 130 ALA n 
1 131 PHE n 
1 132 LEU n 
1 133 GLY n 
1 134 SER n 
1 135 LEU n 
1 136 ASP n 
1 137 PHE n 
1 138 PHE n 
1 139 THR n 
1 140 LYS n 
1 141 VAL n 
1 142 TRP n 
1 143 ASP n 
1 144 ASP n 
1 145 LEU n 
1 146 GLU n 
1 147 ILE n 
1 148 GLU n 
1 149 ASP n 
1 150 ASP n 
1 151 LEU n 
1 152 PHE n 
1 153 LEU n 
1 154 LEU n 
1 155 ILE n 
1 156 SER n 
1 157 ALA n 
1 158 LEU n 
1 159 ASN n 
1 160 LYS n 
1 161 TYR n 
1 162 THR n 
1 163 GLN n 
1 164 ILE n 
1 165 GLU n 
1 166 LEU n 
1 167 ILE n 
1 168 TYR n 
# 
_entity_src_gen.entity_id                          1 
_entity_src_gen.pdbx_src_id                        1 
_entity_src_gen.pdbx_alt_source_flag               sample 
_entity_src_gen.pdbx_seq_type                      'Biological sequence' 
_entity_src_gen.pdbx_beg_seq_num                   1 
_entity_src_gen.pdbx_end_seq_num                   168 
_entity_src_gen.gene_src_common_name               'Slime mold' 
_entity_src_gen.gene_src_genus                     ? 
_entity_src_gen.pdbx_gene_src_gene                 DDB0216772 
_entity_src_gen.gene_src_species                   ? 
_entity_src_gen.gene_src_strain                    ? 
_entity_src_gen.gene_src_tissue                    ? 
_entity_src_gen.gene_src_tissue_fraction           ? 
_entity_src_gen.gene_src_details                   ? 
_entity_src_gen.pdbx_gene_src_fragment             ? 
_entity_src_gen.pdbx_gene_src_scientific_name      'Dictyostelium discoideum' 
_entity_src_gen.pdbx_gene_src_ncbi_taxonomy_id     44689 
_entity_src_gen.pdbx_gene_src_variant              ? 
_entity_src_gen.pdbx_gene_src_cell_line            ? 
_entity_src_gen.pdbx_gene_src_atcc                 ? 
_entity_src_gen.pdbx_gene_src_organ                ? 
_entity_src_gen.pdbx_gene_src_organelle            ? 
_entity_src_gen.pdbx_gene_src_cell                 ? 
_entity_src_gen.pdbx_gene_src_cellular_location    ? 
_entity_src_gen.host_org_common_name               ? 
_entity_src_gen.pdbx_host_org_scientific_name      'Escherichia coli' 
_entity_src_gen.pdbx_host_org_ncbi_taxonomy_id     562 
_entity_src_gen.host_org_genus                     ? 
_entity_src_gen.pdbx_host_org_gene                 ? 
_entity_src_gen.pdbx_host_org_organ                ? 
_entity_src_gen.host_org_species                   ? 
_entity_src_gen.pdbx_host_org_tissue               ? 
_entity_src_gen.pdbx_host_org_tissue_fraction      ? 
_entity_src_gen.pdbx_host_org_strain               'Rosetta(DE3)' 
_entity_src_gen.pdbx_host_org_variant              ? 
_entity_src_gen.pdbx_host_org_cell_line            ? 
_entity_src_gen.pdbx_host_org_atcc                 ? 
_entity_src_gen.pdbx_host_org_culture_collection   ? 
_entity_src_gen.pdbx_host_org_cell                 ? 
_entity_src_gen.pdbx_host_org_organelle            ? 
_entity_src_gen.pdbx_host_org_cellular_location    ? 
_entity_src_gen.pdbx_host_org_vector_type          plasmid 
_entity_src_gen.pdbx_host_org_vector               ? 
_entity_src_gen.host_org_details                   ? 
_entity_src_gen.expression_system_id               ? 
_entity_src_gen.plasmid_name                       pE-SUMOstar 
_entity_src_gen.plasmid_details                    ? 
_entity_src_gen.pdbx_description                   ? 
# 
_struct_ref.id                         1 
_struct_ref.db_name                    UNP 
_struct_ref.db_code                    Q55BQ2_DICDI 
_struct_ref.pdbx_db_accession          Q55BQ2 
_struct_ref.pdbx_db_isoform            ? 
_struct_ref.entity_id                  1 
_struct_ref.pdbx_seq_one_letter_code   
;SGLKKLIPEEGRELIGSVKKIIKRVSNEEKANEMEKNILKILIKVFFYIDSKAIQIGDLAKVDRALRDGFNHLDRAFRYY
GVKKAADLVVILEKASTALKEAEQETVTLLTPFFRPHNIQLIRNTFAFLGSLDFFTKVWDDLEIEDDLFLLISALNKYTQ
IELIY
;
_struct_ref.pdbx_align_begin           146 
# 
_struct_ref_seq.align_id                      1 
_struct_ref_seq.ref_id                        1 
_struct_ref_seq.pdbx_PDB_id_code              5Z1N 
_struct_ref_seq.pdbx_strand_id                A 
_struct_ref_seq.seq_align_beg                 4 
_struct_ref_seq.pdbx_seq_align_beg_ins_code   ? 
_struct_ref_seq.seq_align_end                 168 
_struct_ref_seq.pdbx_seq_align_end_ins_code   ? 
_struct_ref_seq.pdbx_db_accession             Q55BQ2 
_struct_ref_seq.db_align_beg                  146 
_struct_ref_seq.pdbx_db_align_beg_ins_code    ? 
_struct_ref_seq.db_align_end                  310 
_struct_ref_seq.pdbx_db_align_end_ins_code    ? 
_struct_ref_seq.pdbx_auth_seq_align_beg       146 
_struct_ref_seq.pdbx_auth_seq_align_end       310 
# 
loop_
_struct_ref_seq_dif.align_id 
_struct_ref_seq_dif.pdbx_pdb_id_code 
_struct_ref_seq_dif.mon_id 
_struct_ref_seq_dif.pdbx_pdb_strand_id 
_struct_ref_seq_dif.seq_num 
_struct_ref_seq_dif.pdbx_pdb_ins_code 
_struct_ref_seq_dif.pdbx_seq_db_name 
_struct_ref_seq_dif.pdbx_seq_db_accession_code 
_struct_ref_seq_dif.db_mon_id 
_struct_ref_seq_dif.pdbx_seq_db_seq_num 
_struct_ref_seq_dif.details 
_struct_ref_seq_dif.pdbx_auth_seq_num 
_struct_ref_seq_dif.pdbx_ordinal 
1 5Z1N GLY A 1 ? UNP Q55BQ2 ? ? 'expression tag' 143 1 
1 5Z1N PRO A 2 ? UNP Q55BQ2 ? ? 'expression tag' 144 2 
1 5Z1N LEU A 3 ? UNP Q55BQ2 ? ? 'expression tag' 145 3 
# 
loop_
_chem_comp.id 
_chem_comp.type 
_chem_comp.mon_nstd_flag 
_chem_comp.name 
_chem_comp.pdbx_synonyms 
_chem_comp.formula 
_chem_comp.formula_weight 
ALA 'L-peptide linking' y ALANINE                                    ?                                                         
'C3 H7 N O2'     89.093  
ARG 'L-peptide linking' y ARGININE                                   ?                                                         
'C6 H15 N4 O2 1' 175.209 
ASN 'L-peptide linking' y ASPARAGINE                                 ?                                                         
'C4 H8 N2 O3'    132.118 
ASP 'L-peptide linking' y 'ASPARTIC ACID'                            ?                                                         
'C4 H7 N O4'     133.103 
GLN 'L-peptide linking' y GLUTAMINE                                  ?                                                         
'C5 H10 N2 O3'   146.144 
GLU 'L-peptide linking' y 'GLUTAMIC ACID'                            ?                                                         
'C5 H9 N O4'     147.129 
GLY 'peptide linking'   y GLYCINE                                    ?                                                         
'C2 H5 N O2'     75.067  
HIS 'L-peptide linking' y HISTIDINE                                  ?                                                         
'C6 H10 N3 O2 1' 156.162 
HOH non-polymer         . WATER                                      ?                                                         
'H2 O'           18.015  
ILE 'L-peptide linking' y ISOLEUCINE                                 ?                                                         
'C6 H13 N O2'    131.173 
LEU 'L-peptide linking' y LEUCINE                                    ?                                                         
'C6 H13 N O2'    131.173 
LHG non-polymer         . 1,2-DIPALMITOYL-PHOSPHATIDYL-GLYCEROLE     ?                                                         
'C38 H75 O10 P'  722.970 
LYS 'L-peptide linking' y LYSINE                                     ?                                                         
'C6 H15 N2 O2 1' 147.195 
MET 'L-peptide linking' y METHIONINE                                 ?                                                         
'C5 H11 N O2 S'  149.211 
NA  non-polymer         . 'SODIUM ION'                               ?                                                         
'Na 1'           22.990  
PEF non-polymer         . DI-PALMITOYL-3-SN-PHOSPHATIDYLETHANOLAMINE '3-[AMINOETHYLPHOSPHORYL]-[1,2-DI-PALMITOYL]-SN-GLYCEROL' 
'C37 H74 N O8 P' 691.959 
PHE 'L-peptide linking' y PHENYLALANINE                              ?                                                         
'C9 H11 N O2'    165.189 
PRO 'L-peptide linking' y PROLINE                                    ?                                                         
'C5 H9 N O2'     115.130 
SER 'L-peptide linking' y SERINE                                     ?                                                         
'C3 H7 N O3'     105.093 
THR 'L-peptide linking' y THREONINE                                  ?                                                         
'C4 H9 N O3'     119.119 
TRP 'L-peptide linking' y TRYPTOPHAN                                 ?                                                         
'C11 H12 N2 O2'  204.225 
TYR 'L-peptide linking' y TYROSINE                                   ?                                                         
'C9 H11 N O3'    181.189 
VAL 'L-peptide linking' y VALINE                                     ?                                                         
'C5 H11 N O2'    117.146 
# 
_exptl.absorpt_coefficient_mu     ? 
_exptl.absorpt_correction_T_max   ? 
_exptl.absorpt_correction_T_min   ? 
_exptl.absorpt_correction_type    ? 
_exptl.absorpt_process_details    ? 
_exptl.entry_id                   5Z1N 
_exptl.crystals_number            1 
_exptl.details                    ? 
_exptl.method                     'X-RAY DIFFRACTION' 
_exptl.method_details             ? 
# 
_exptl_crystal.colour                      ? 
_exptl_crystal.density_diffrn              ? 
_exptl_crystal.density_Matthews            1.84 
_exptl_crystal.density_method              ? 
_exptl_crystal.density_percent_sol         33.13 
_exptl_crystal.description                 ? 
_exptl_crystal.F_000                       ? 
_exptl_crystal.id                          1 
_exptl_crystal.preparation                 ? 
_exptl_crystal.size_max                    ? 
_exptl_crystal.size_mid                    ? 
_exptl_crystal.size_min                    ? 
_exptl_crystal.size_rad                    ? 
_exptl_crystal.colour_lustre               ? 
_exptl_crystal.colour_modifier             ? 
_exptl_crystal.colour_primary              ? 
_exptl_crystal.density_meas                ? 
_exptl_crystal.density_meas_esd            ? 
_exptl_crystal.density_meas_gt             ? 
_exptl_crystal.density_meas_lt             ? 
_exptl_crystal.density_meas_temp           ? 
_exptl_crystal.density_meas_temp_esd       ? 
_exptl_crystal.density_meas_temp_gt        ? 
_exptl_crystal.density_meas_temp_lt        ? 
_exptl_crystal.pdbx_crystal_image_url      ? 
_exptl_crystal.pdbx_crystal_image_format   ? 
_exptl_crystal.pdbx_mosaicity              0.871 
_exptl_crystal.pdbx_mosaicity_esd          ? 
# 
_exptl_crystal_grow.apparatus       ? 
_exptl_crystal_grow.atmosphere      ? 
_exptl_crystal_grow.crystal_id      1 
_exptl_crystal_grow.details         ? 
_exptl_crystal_grow.method          'VAPOR DIFFUSION, HANGING DROP' 
_exptl_crystal_grow.method_ref      ? 
_exptl_crystal_grow.pH              ? 
_exptl_crystal_grow.pressure        ? 
_exptl_crystal_grow.pressure_esd    ? 
_exptl_crystal_grow.seeding         ? 
_exptl_crystal_grow.seeding_ref     ? 
_exptl_crystal_grow.temp            293 
_exptl_crystal_grow.temp_details    ? 
_exptl_crystal_grow.temp_esd        ? 
_exptl_crystal_grow.time            ? 
_exptl_crystal_grow.pdbx_details    '14-20% PEG 20000, 100mM Bicine,' 
_exptl_crystal_grow.pdbx_pH_range   8.0-9.0 
# 
_diffrn.ambient_environment    ? 
_diffrn.ambient_temp           100 
_diffrn.ambient_temp_details   ? 
_diffrn.ambient_temp_esd       ? 
_diffrn.crystal_id             1 
_diffrn.crystal_support        ? 
_diffrn.crystal_treatment      ? 
_diffrn.details                ? 
_diffrn.id                     1 
_diffrn.ambient_pressure       ? 
_diffrn.ambient_pressure_esd   ? 
_diffrn.ambient_pressure_gt    ? 
_diffrn.ambient_pressure_lt    ? 
_diffrn.ambient_temp_gt        ? 
_diffrn.ambient_temp_lt        ? 
# 
_diffrn_detector.details                      ? 
_diffrn_detector.detector                     CCD 
_diffrn_detector.diffrn_id                    1 
_diffrn_detector.type                         'RAYONIX MX225HE' 
_diffrn_detector.area_resol_mean              ? 
_diffrn_detector.dtime                        ? 
_diffrn_detector.pdbx_frames_total            ? 
_diffrn_detector.pdbx_collection_time_total   ? 
_diffrn_detector.pdbx_collection_date         2016-09-20 
# 
_diffrn_radiation.collimation                      ? 
_diffrn_radiation.diffrn_id                        1 
_diffrn_radiation.filter_edge                      ? 
_diffrn_radiation.inhomogeneity                    ? 
_diffrn_radiation.monochromator                    ? 
_diffrn_radiation.polarisn_norm                    ? 
_diffrn_radiation.polarisn_ratio                   ? 
_diffrn_radiation.probe                            ? 
_diffrn_radiation.type                             ? 
_diffrn_radiation.xray_symbol                      ? 
_diffrn_radiation.wavelength_id                    1 
_diffrn_radiation.pdbx_monochromatic_or_laue_m_l   M 
_diffrn_radiation.pdbx_wavelength_list             ? 
_diffrn_radiation.pdbx_wavelength                  ? 
_diffrn_radiation.pdbx_diffrn_protocol             'SINGLE WAVELENGTH' 
_diffrn_radiation.pdbx_analyzer                    ? 
_diffrn_radiation.pdbx_scattering_type             x-ray 
# 
_diffrn_radiation_wavelength.id           1 
_diffrn_radiation_wavelength.wavelength   1.000 
_diffrn_radiation_wavelength.wt           1.0 
# 
_diffrn_source.current                     ? 
_diffrn_source.details                     ? 
_diffrn_source.diffrn_id                   1 
_diffrn_source.power                       ? 
_diffrn_source.size                        ? 
_diffrn_source.source                      SYNCHROTRON 
_diffrn_source.target                      ? 
_diffrn_source.type                        'SPRING-8 BEAMLINE BL26B1' 
_diffrn_source.voltage                     ? 
_diffrn_source.take-off_angle              ? 
_diffrn_source.pdbx_wavelength_list        1.000 
_diffrn_source.pdbx_wavelength             ? 
_diffrn_source.pdbx_synchrotron_beamline   BL26B1 
_diffrn_source.pdbx_synchrotron_site       SPring-8 
# 
_reflns.B_iso_Wilson_estimate            18.340 
_reflns.entry_id                         5Z1N 
_reflns.data_reduction_details           ? 
_reflns.data_reduction_method            ? 
_reflns.d_resolution_high                1.9490 
_reflns.d_resolution_low                 50.000 
_reflns.details                          ? 
_reflns.limit_h_max                      ? 
_reflns.limit_h_min                      ? 
_reflns.limit_k_max                      ? 
_reflns.limit_k_min                      ? 
_reflns.limit_l_max                      ? 
_reflns.limit_l_min                      ? 
_reflns.number_all                       ? 
_reflns.number_obs                       10906 
_reflns.observed_criterion               ? 
_reflns.observed_criterion_F_max         ? 
_reflns.observed_criterion_F_min         ? 
_reflns.observed_criterion_I_max         ? 
_reflns.observed_criterion_I_min         ? 
_reflns.observed_criterion_sigma_F       ? 
_reflns.observed_criterion_sigma_I       ? 
_reflns.percent_possible_obs             98.300 
_reflns.R_free_details                   ? 
_reflns.Rmerge_F_all                     ? 
_reflns.Rmerge_F_obs                     ? 
_reflns.Friedel_coverage                 ? 
_reflns.number_gt                        ? 
_reflns.threshold_expression             ? 
_reflns.pdbx_redundancy                  3.800 
_reflns.pdbx_Rmerge_I_obs                0.090 
_reflns.pdbx_Rmerge_I_all                ? 
_reflns.pdbx_Rsym_value                  ? 
_reflns.pdbx_netI_over_av_sigmaI         ? 
_reflns.pdbx_netI_over_sigmaI            8.200 
_reflns.pdbx_res_netI_over_av_sigmaI_2   ? 
_reflns.pdbx_res_netI_over_sigmaI_2      ? 
_reflns.pdbx_chi_squared                 1.392 
_reflns.pdbx_scaling_rejects             ? 
_reflns.pdbx_d_res_high_opt              ? 
_reflns.pdbx_d_res_low_opt               ? 
_reflns.pdbx_d_res_opt_method            ? 
_reflns.phase_calculation_details        ? 
_reflns.pdbx_Rrim_I_all                  0.105 
_reflns.pdbx_Rpim_I_all                  0.054 
_reflns.pdbx_d_opt                       ? 
_reflns.pdbx_number_measured_all         ? 
_reflns.pdbx_diffrn_id                   1 
_reflns.pdbx_ordinal                     1 
_reflns.pdbx_CC_half                     ? 
_reflns.pdbx_R_split                     ? 
# 
loop_
_reflns_shell.d_res_high 
_reflns_shell.d_res_low 
_reflns_shell.meanI_over_sigI_all 
_reflns_shell.meanI_over_sigI_obs 
_reflns_shell.number_measured_all 
_reflns_shell.number_measured_obs 
_reflns_shell.number_possible 
_reflns_shell.number_unique_all 
_reflns_shell.number_unique_obs 
_reflns_shell.percent_possible_all 
_reflns_shell.percent_possible_obs 
_reflns_shell.Rmerge_F_all 
_reflns_shell.Rmerge_F_obs 
_reflns_shell.Rmerge_I_all 
_reflns_shell.Rmerge_I_obs 
_reflns_shell.meanI_over_sigI_gt 
_reflns_shell.meanI_over_uI_all 
_reflns_shell.meanI_over_uI_gt 
_reflns_shell.number_measured_gt 
_reflns_shell.number_unique_gt 
_reflns_shell.percent_possible_gt 
_reflns_shell.Rmerge_F_gt 
_reflns_shell.Rmerge_I_gt 
_reflns_shell.pdbx_redundancy 
_reflns_shell.pdbx_Rsym_value 
_reflns_shell.pdbx_chi_squared 
_reflns_shell.pdbx_netI_over_sigmaI_all 
_reflns_shell.pdbx_netI_over_sigmaI_obs 
_reflns_shell.pdbx_Rrim_I_all 
_reflns_shell.pdbx_Rpim_I_all 
_reflns_shell.pdbx_rejects 
_reflns_shell.pdbx_ordinal 
_reflns_shell.pdbx_diffrn_id 
_reflns_shell.pdbx_CC_half 
_reflns_shell.pdbx_R_split 
1.950 1.980  ? ? ? ? ? ? 359 66.200  ? ? ? ? 0.353 ? ? ? ? ? ? ? ? 3.200 ? 0.932 ? ? 0.424 0.232 ? 1  1 0.832 ? 
1.980 2.020  ? ? ? ? ? ? 532 99.800  ? ? ? ? 0.371 ? ? ? ? ? ? ? ? 3.700 ? 0.992 ? ? 0.434 0.222 ? 2  1 0.883 ? 
2.020 2.060  ? ? ? ? ? ? 547 99.600  ? ? ? ? 0.317 ? ? ? ? ? ? ? ? 3.900 ? 0.975 ? ? 0.369 0.187 ? 3  1 0.888 ? 
2.060 2.100  ? ? ? ? ? ? 542 99.300  ? ? ? ? 0.269 ? ? ? ? ? ? ? ? 3.800 ? 1.069 ? ? 0.313 0.158 ? 4  1 0.943 ? 
2.100 2.150  ? ? ? ? ? ? 530 100.000 ? ? ? ? 0.229 ? ? ? ? ? ? ? ? 3.900 ? 1.088 ? ? 0.266 0.134 ? 5  1 0.942 ? 
2.150 2.200  ? ? ? ? ? ? 545 100.000 ? ? ? ? 0.227 ? ? ? ? ? ? ? ? 3.900 ? 1.078 ? ? 0.264 0.133 ? 6  1 0.946 ? 
2.200 2.250  ? ? ? ? ? ? 536 100.000 ? ? ? ? 0.192 ? ? ? ? ? ? ? ? 3.800 ? 1.122 ? ? 0.224 0.113 ? 7  1 0.956 ? 
2.250 2.310  ? ? ? ? ? ? 545 100.000 ? ? ? ? 0.158 ? ? ? ? ? ? ? ? 3.900 ? 1.125 ? ? 0.184 0.093 ? 8  1 0.974 ? 
2.310 2.380  ? ? ? ? ? ? 564 100.000 ? ? ? ? 0.167 ? ? ? ? ? ? ? ? 3.900 ? 1.172 ? ? 0.194 0.097 ? 9  1 0.972 ? 
2.380 2.460  ? ? ? ? ? ? 523 100.000 ? ? ? ? 0.139 ? ? ? ? ? ? ? ? 3.900 ? 1.203 ? ? 0.161 0.081 ? 10 1 0.980 ? 
2.460 2.540  ? ? ? ? ? ? 556 100.000 ? ? ? ? 0.135 ? ? ? ? ? ? ? ? 3.900 ? 1.132 ? ? 0.156 0.078 ? 11 1 0.984 ? 
2.540 2.650  ? ? ? ? ? ? 542 100.000 ? ? ? ? 0.116 ? ? ? ? ? ? ? ? 3.900 ? 1.211 ? ? 0.136 0.069 ? 12 1 0.986 ? 
2.650 2.770  ? ? ? ? ? ? 573 100.000 ? ? ? ? 0.103 ? ? ? ? ? ? ? ? 3.900 ? 1.276 ? ? 0.120 0.060 ? 13 1 0.987 ? 
2.770 2.910  ? ? ? ? ? ? 538 100.000 ? ? ? ? 0.092 ? ? ? ? ? ? ? ? 3.900 ? 1.249 ? ? 0.107 0.054 ? 14 1 0.989 ? 
2.910 3.100  ? ? ? ? ? ? 557 100.000 ? ? ? ? 0.081 ? ? ? ? ? ? ? ? 3.900 ? 1.366 ? ? 0.094 0.048 ? 15 1 0.992 ? 
3.100 3.330  ? ? ? ? ? ? 563 100.000 ? ? ? ? 0.070 ? ? ? ? ? ? ? ? 3.800 ? 1.411 ? ? 0.081 0.041 ? 16 1 0.992 ? 
3.330 3.670  ? ? ? ? ? ? 573 100.000 ? ? ? ? 0.060 ? ? ? ? ? ? ? ? 3.800 ? 2.036 ? ? 0.071 0.036 ? 17 1 0.994 ? 
3.670 4.200  ? ? ? ? ? ? 565 100.000 ? ? ? ? 0.059 ? ? ? ? ? ? ? ? 3.700 ? 2.621 ? ? 0.069 0.035 ? 18 1 0.994 ? 
4.200 5.290  ? ? ? ? ? ? 571 99.800  ? ? ? ? 0.053 ? ? ? ? ? ? ? ? 3.600 ? 2.553 ? ? 0.062 0.032 ? 19 1 0.994 ? 
5.290 50.000 ? ? ? ? ? ? 645 99.500  ? ? ? ? 0.045 ? ? ? ? ? ? ? ? 3.300 ? 2.106 ? ? 0.054 0.030 ? 20 1 0.996 ? 
# 
_refine.aniso_B[1][1]                            ? 
_refine.aniso_B[1][2]                            ? 
_refine.aniso_B[1][3]                            ? 
_refine.aniso_B[2][2]                            ? 
_refine.aniso_B[2][3]                            ? 
_refine.aniso_B[3][3]                            ? 
_refine.B_iso_max                                72.880 
_refine.B_iso_mean                               18.9108 
_refine.B_iso_min                                3.810 
_refine.correlation_coeff_Fo_to_Fc               ? 
_refine.correlation_coeff_Fo_to_Fc_free          ? 
_refine.details                                  ? 
_refine.diff_density_max                         ? 
_refine.diff_density_max_esd                     ? 
_refine.diff_density_min                         ? 
_refine.diff_density_min_esd                     ? 
_refine.diff_density_rms                         ? 
_refine.diff_density_rms_esd                     ? 
_refine.entry_id                                 5Z1N 
_refine.pdbx_refine_id                           'X-RAY DIFFRACTION' 
_refine.ls_abs_structure_details                 ? 
_refine.ls_abs_structure_Flack                   ? 
_refine.ls_abs_structure_Flack_esd               ? 
_refine.ls_abs_structure_Rogers                  ? 
_refine.ls_abs_structure_Rogers_esd              ? 
_refine.ls_d_res_high                            1.9490 
_refine.ls_d_res_low                             48.3190 
_refine.ls_extinction_coef                       ? 
_refine.ls_extinction_coef_esd                   ? 
_refine.ls_extinction_expression                 ? 
_refine.ls_extinction_method                     ? 
_refine.ls_goodness_of_fit_all                   ? 
_refine.ls_goodness_of_fit_all_esd               ? 
_refine.ls_goodness_of_fit_obs                   ? 
_refine.ls_goodness_of_fit_obs_esd               ? 
_refine.ls_hydrogen_treatment                    ? 
_refine.ls_matrix_type                           ? 
_refine.ls_number_constraints                    ? 
_refine.ls_number_parameters                     ? 
_refine.ls_number_reflns_all                     ? 
_refine.ls_number_reflns_obs                     10864 
_refine.ls_number_reflns_R_free                  542 
_refine.ls_number_reflns_R_work                  ? 
_refine.ls_number_restraints                     ? 
_refine.ls_percent_reflns_obs                    99.2000 
_refine.ls_percent_reflns_R_free                 4.9900 
_refine.ls_R_factor_all                          ? 
_refine.ls_R_factor_obs                          0.1847 
_refine.ls_R_factor_R_free                       0.2304 
_refine.ls_R_factor_R_free_error                 ? 
_refine.ls_R_factor_R_free_error_details         ? 
_refine.ls_R_factor_R_work                       0.1824 
_refine.ls_R_Fsqd_factor_obs                     ? 
_refine.ls_R_I_factor_obs                        ? 
_refine.ls_redundancy_reflns_all                 ? 
_refine.ls_redundancy_reflns_obs                 ? 
_refine.ls_restrained_S_all                      ? 
_refine.ls_restrained_S_obs                      ? 
_refine.ls_shift_over_esd_max                    ? 
_refine.ls_shift_over_esd_mean                   ? 
_refine.ls_structure_factor_coef                 ? 
_refine.ls_weighting_details                     ? 
_refine.ls_weighting_scheme                      ? 
_refine.ls_wR_factor_all                         ? 
_refine.ls_wR_factor_obs                         ? 
_refine.ls_wR_factor_R_free                      ? 
_refine.ls_wR_factor_R_work                      ? 
_refine.occupancy_max                            ? 
_refine.occupancy_min                            ? 
_refine.solvent_model_details                    ? 
_refine.solvent_model_param_bsol                 ? 
_refine.solvent_model_param_ksol                 ? 
_refine.ls_R_factor_gt                           ? 
_refine.ls_goodness_of_fit_gt                    ? 
_refine.ls_goodness_of_fit_ref                   ? 
_refine.ls_shift_over_su_max                     ? 
_refine.ls_shift_over_su_max_lt                  ? 
_refine.ls_shift_over_su_mean                    ? 
_refine.ls_shift_over_su_mean_lt                 ? 
_refine.pdbx_ls_sigma_I                          ? 
_refine.pdbx_ls_sigma_F                          1.340 
_refine.pdbx_ls_sigma_Fsqd                       ? 
_refine.pdbx_data_cutoff_high_absF               ? 
_refine.pdbx_data_cutoff_high_rms_absF           ? 
_refine.pdbx_data_cutoff_low_absF                ? 
_refine.pdbx_isotropic_thermal_model             ? 
_refine.pdbx_ls_cross_valid_method               THROUGHOUT 
_refine.pdbx_method_to_determine_struct          'MOLECULAR REPLACEMENT' 
_refine.pdbx_starting_model                      3F4M 
_refine.pdbx_stereochemistry_target_values       ? 
_refine.pdbx_R_Free_selection_details            ? 
_refine.pdbx_stereochem_target_val_spec_case     ? 
_refine.pdbx_overall_ESU_R                       ? 
_refine.pdbx_overall_ESU_R_Free                  ? 
_refine.pdbx_solvent_vdw_probe_radii             1.1100 
_refine.pdbx_solvent_ion_probe_radii             ? 
_refine.pdbx_solvent_shrinkage_radii             0.9000 
_refine.pdbx_real_space_R                        ? 
_refine.pdbx_density_correlation                 ? 
_refine.pdbx_pd_number_of_powder_patterns        ? 
_refine.pdbx_pd_number_of_points                 ? 
_refine.pdbx_pd_meas_number_of_points            ? 
_refine.pdbx_pd_proc_ls_prof_R_factor            ? 
_refine.pdbx_pd_proc_ls_prof_wR_factor           ? 
_refine.pdbx_pd_Marquardt_correlation_coeff      ? 
_refine.pdbx_pd_Fsqrd_R_factor                   ? 
_refine.pdbx_pd_ls_matrix_band_width             ? 
_refine.pdbx_overall_phase_error                 23.3500 
_refine.pdbx_overall_SU_R_free_Cruickshank_DPI   ? 
_refine.pdbx_overall_SU_R_free_Blow_DPI          ? 
_refine.pdbx_overall_SU_R_Blow_DPI               ? 
_refine.pdbx_TLS_residual_ADP_flag               ? 
_refine.pdbx_diffrn_id                           1 
_refine.overall_SU_B                             ? 
_refine.overall_SU_ML                            0.2100 
_refine.overall_SU_R_Cruickshank_DPI             ? 
_refine.overall_SU_R_free                        ? 
_refine.overall_FOM_free_R_set                   ? 
_refine.overall_FOM_work_R_set                   ? 
_refine.pdbx_average_fsc_overall                 ? 
_refine.pdbx_average_fsc_work                    ? 
_refine.pdbx_average_fsc_free                    ? 
# 
_refine_hist.cycle_id                         final 
_refine_hist.pdbx_refine_id                   'X-RAY DIFFRACTION' 
_refine_hist.d_res_high                       1.9490 
_refine_hist.d_res_low                        48.3190 
_refine_hist.pdbx_number_atoms_ligand         53 
_refine_hist.number_atoms_solvent             110 
_refine_hist.number_atoms_total               1516 
_refine_hist.pdbx_number_residues_total       166 
_refine_hist.pdbx_B_iso_mean_ligand           27.79 
_refine_hist.pdbx_B_iso_mean_solvent          23.75 
_refine_hist.pdbx_number_atoms_protein        1353 
_refine_hist.pdbx_number_atoms_nucleic_acid   0 
# 
loop_
_refine_ls_restr.pdbx_refine_id 
_refine_ls_restr.criterion 
_refine_ls_restr.dev_ideal 
_refine_ls_restr.dev_ideal_target 
_refine_ls_restr.number 
_refine_ls_restr.rejects 
_refine_ls_restr.type 
_refine_ls_restr.weight 
_refine_ls_restr.pdbx_restraint_function 
'X-RAY DIFFRACTION' ? 0.003  ? 1449 ? f_bond_d           ? ? 
'X-RAY DIFFRACTION' ? 0.602  ? 1941 ? f_angle_d          ? ? 
'X-RAY DIFFRACTION' ? 0.040  ? 220  ? f_chiral_restr     ? ? 
'X-RAY DIFFRACTION' ? 0.005  ? 238  ? f_plane_restr      ? ? 
'X-RAY DIFFRACTION' ? 10.539 ? 1238 ? f_dihedral_angle_d ? ? 
# 
loop_
_refine_ls_shell.pdbx_refine_id 
_refine_ls_shell.d_res_high 
_refine_ls_shell.d_res_low 
_refine_ls_shell.number_reflns_all 
_refine_ls_shell.number_reflns_obs 
_refine_ls_shell.number_reflns_R_free 
_refine_ls_shell.number_reflns_R_work 
_refine_ls_shell.percent_reflns_obs 
_refine_ls_shell.percent_reflns_R_free 
_refine_ls_shell.R_factor_all 
_refine_ls_shell.R_factor_obs 
_refine_ls_shell.R_factor_R_free 
_refine_ls_shell.R_factor_R_free_error 
_refine_ls_shell.R_factor_R_work 
_refine_ls_shell.redundancy_reflns_all 
_refine_ls_shell.redundancy_reflns_obs 
_refine_ls_shell.wR_factor_all 
_refine_ls_shell.wR_factor_obs 
_refine_ls_shell.wR_factor_R_free 
_refine_ls_shell.wR_factor_R_work 
_refine_ls_shell.pdbx_total_number_of_bins_used 
_refine_ls_shell.pdbx_phase_error 
_refine_ls_shell.pdbx_fsc_work 
_refine_ls_shell.pdbx_fsc_free 
'X-RAY DIFFRACTION' 1.9494 2.1456  2582 . 126 2456 97.0000  . . . 0.2733 0.0000 0.2119 . . . . . . 4 . . . 
'X-RAY DIFFRACTION' 2.1456 2.4560  2690 . 145 2545 100.0000 . . . 0.2367 0.0000 0.1835 . . . . . . 4 . . . 
'X-RAY DIFFRACTION' 2.4560 3.0943  2733 . 133 2600 100.0000 . . . 0.2394 0.0000 0.1962 . . . . . . 4 . . . 
'X-RAY DIFFRACTION' 3.0943 48.3333 2859 . 138 2721 100.0000 . . . 0.2090 0.0000 0.1666 . . . . . . 4 . . . 
# 
_struct.entry_id                     5Z1N 
_struct.title                        
'Crystal structure of C terminal region of G-protein interacting protein 1 (Gip1) from Dictyostelium discoideum' 
_struct.pdbx_model_details           ? 
_struct.pdbx_formula_weight          ? 
_struct.pdbx_formula_weight_method   ? 
_struct.pdbx_model_type_details      ? 
_struct.pdbx_CASP_flag               N 
# 
_struct_keywords.entry_id        5Z1N 
_struct_keywords.text            'alpha helix, lipid binding, G-protein binding, social amoebae, chemotaxis, PROTEIN BINDING' 
_struct_keywords.pdbx_keywords   'PROTEIN BINDING' 
# 
loop_
_struct_asym.id 
_struct_asym.pdbx_blank_PDB_chainid_flag 
_struct_asym.pdbx_modified 
_struct_asym.entity_id 
_struct_asym.details 
A N N 1 ? 
B N N 2 ? 
C N N 3 ? 
D N N 4 ? 
E N N 5 ? 
# 
loop_
_struct_conf.conf_type_id 
_struct_conf.id 
_struct_conf.pdbx_PDB_helix_id 
_struct_conf.beg_label_comp_id 
_struct_conf.beg_label_asym_id 
_struct_conf.beg_label_seq_id 
_struct_conf.pdbx_beg_PDB_ins_code 
_struct_conf.end_label_comp_id 
_struct_conf.end_label_asym_id 
_struct_conf.end_label_seq_id 
_struct_conf.pdbx_end_PDB_ins_code 
_struct_conf.beg_auth_comp_id 
_struct_conf.beg_auth_asym_id 
_struct_conf.beg_auth_seq_id 
_struct_conf.end_auth_comp_id 
_struct_conf.end_auth_asym_id 
_struct_conf.end_auth_seq_id 
_struct_conf.pdbx_PDB_helix_class 
_struct_conf.details 
_struct_conf.pdbx_PDB_helix_length 
HELX_P HELX_P1  AA1 LEU A 3   ? LEU A 9   ? LEU A 145 LEU A 151 1 ? 7  
HELX_P HELX_P2  AA2 PRO A 11  ? SER A 29  ? PRO A 153 SER A 171 1 ? 19 
HELX_P HELX_P3  AA3 ASN A 30  ? SER A 54  ? ASN A 172 SER A 196 1 ? 25 
HELX_P HELX_P4  AA4 GLN A 58  ? TYR A 82  ? GLN A 200 TYR A 224 1 ? 25 
HELX_P HELX_P5  AA5 LYS A 87  ? ASP A 90  ? LYS A 229 ASP A 232 5 ? 4  
HELX_P HELX_P6  AA6 LEU A 91  ? THR A 114 ? LEU A 233 THR A 256 1 ? 24 
HELX_P HELX_P7  AA7 ARG A 118 ? GLY A 133 ? ARG A 260 GLY A 275 1 ? 16 
HELX_P HELX_P8  AA8 SER A 134 ? LEU A 145 ? SER A 276 LEU A 287 1 ? 12 
HELX_P HELX_P9  AA9 GLU A 146 ? ASP A 149 ? GLU A 288 ASP A 291 5 ? 4  
HELX_P HELX_P10 AB1 ASP A 150 ? ASN A 159 ? ASP A 292 ASN A 301 1 ? 10 
# 
_struct_conf_type.id          HELX_P 
_struct_conf_type.criteria    ? 
_struct_conf_type.reference   ? 
# 
loop_
_struct_conn.id 
_struct_conn.conn_type_id 
_struct_conn.pdbx_leaving_atom_flag 
_struct_conn.pdbx_PDB_id 
_struct_conn.ptnr1_label_asym_id 
_struct_conn.ptnr1_label_comp_id 
_struct_conn.ptnr1_label_seq_id 
_struct_conn.ptnr1_label_atom_id 
_struct_conn.pdbx_ptnr1_label_alt_id 
_struct_conn.pdbx_ptnr1_PDB_ins_code 
_struct_conn.pdbx_ptnr1_standard_comp_id 
_struct_conn.ptnr1_symmetry 
_struct_conn.ptnr2_label_asym_id 
_struct_conn.ptnr2_label_comp_id 
_struct_conn.ptnr2_label_seq_id 
_struct_conn.ptnr2_label_atom_id 
_struct_conn.pdbx_ptnr2_label_alt_id 
_struct_conn.pdbx_ptnr2_PDB_ins_code 
_struct_conn.ptnr1_auth_asym_id 
_struct_conn.ptnr1_auth_comp_id 
_struct_conn.ptnr1_auth_seq_id 
_struct_conn.ptnr2_auth_asym_id 
_struct_conn.ptnr2_auth_comp_id 
_struct_conn.ptnr2_auth_seq_id 
_struct_conn.ptnr2_symmetry 
_struct_conn.pdbx_ptnr3_label_atom_id 
_struct_conn.pdbx_ptnr3_label_seq_id 
_struct_conn.pdbx_ptnr3_label_comp_id 
_struct_conn.pdbx_ptnr3_label_asym_id 
_struct_conn.pdbx_ptnr3_label_alt_id 
_struct_conn.pdbx_ptnr3_PDB_ins_code 
_struct_conn.details 
_struct_conn.pdbx_dist_value 
_struct_conn.pdbx_value_order 
_struct_conn.pdbx_role 
metalc1 metalc ? ? A ASP 61 O  ? ? ? 1_555 D NA  . NA ? ? A ASP 203 A NA  403 1_555 ? ? ? ? ? ? ? 2.367 ? ? 
metalc2 metalc ? ? D NA  .  NA ? ? ? 1_555 E HOH . O  ? ? A NA  403 A HOH 534 1_555 ? ? ? ? ? ? ? 2.710 ? ? 
# 
_struct_conn_type.id          metalc 
_struct_conn_type.criteria    ? 
_struct_conn_type.reference   ? 
# 
loop_
_struct_site.id 
_struct_site.pdbx_evidence_code 
_struct_site.pdbx_auth_asym_id 
_struct_site.pdbx_auth_comp_id 
_struct_site.pdbx_auth_seq_id 
_struct_site.pdbx_auth_ins_code 
_struct_site.pdbx_num_residues 
_struct_site.details 
AC1 Software A PEF 401 ? 19 'binding site for residue PEF A 401' 
AC2 Software A LHG 402 ? 7  'binding site for residue LHG A 402' 
AC3 Software A NA  403 ? 5  'binding site for residue NA A 403'  
# 
loop_
_struct_site_gen.id 
_struct_site_gen.site_id 
_struct_site_gen.pdbx_num_res 
_struct_site_gen.label_comp_id 
_struct_site_gen.label_asym_id 
_struct_site_gen.label_seq_id 
_struct_site_gen.pdbx_auth_ins_code 
_struct_site_gen.auth_comp_id 
_struct_site_gen.auth_asym_id 
_struct_site_gen.auth_seq_id 
_struct_site_gen.label_atom_id 
_struct_site_gen.label_alt_id 
_struct_site_gen.symmetry 
_struct_site_gen.details 
1  AC1 19 PRO A 11  ? PRO A 153 . ? 1_555 ? 
2  AC1 19 GLU A 13  ? GLU A 155 . ? 1_555 ? 
3  AC1 19 GLY A 14  ? GLY A 156 . ? 1_555 ? 
4  AC1 19 LEU A 17  ? LEU A 159 . ? 1_555 ? 
5  AC1 19 VAL A 21  ? VAL A 163 . ? 1_555 ? 
6  AC1 19 LEU A 45  ? LEU A 187 . ? 1_555 ? 
7  AC1 19 LYS A 47  ? LYS A 189 . ? 3_747 ? 
8  AC1 19 PHE A 49  ? PHE A 191 . ? 1_555 ? 
9  AC1 19 LEU A 69  ? LEU A 211 . ? 1_555 ? 
10 AC1 19 PHE A 117 ? PHE A 259 . ? 3_747 ? 
11 AC1 19 ARG A 118 ? ARG A 260 . ? 3_747 ? 
12 AC1 19 ASN A 121 ? ASN A 263 . ? 3_747 ? 
13 AC1 19 PHE A 129 ? PHE A 271 . ? 1_555 ? 
14 AC1 19 TYR A 161 ? TYR A 303 . ? 1_555 ? 
15 AC1 19 LEU A 166 ? LEU A 308 . ? 1_555 ? 
16 AC1 19 ILE A 167 ? ILE A 309 . ? 1_555 ? 
17 AC1 19 TYR A 168 ? TYR A 310 . ? 1_555 ? 
18 AC1 19 LHG C .   ? LHG A 402 . ? 1_555 ? 
19 AC1 19 HOH E .   ? HOH A 537 . ? 1_555 ? 
20 AC2 7  LYS A 43  ? LYS A 185 . ? 3_747 ? 
21 AC2 7  LYS A 47  ? LYS A 189 . ? 3_747 ? 
22 AC2 7  LEU A 166 ? LEU A 308 . ? 1_555 ? 
23 AC2 7  ILE A 167 ? ILE A 309 . ? 1_555 ? 
24 AC2 7  TYR A 168 ? TYR A 310 . ? 1_555 ? 
25 AC2 7  PEF B .   ? PEF A 401 . ? 1_555 ? 
26 AC2 7  HOH E .   ? HOH A 537 . ? 1_555 ? 
27 AC3 5  ASP A 61  ? ASP A 203 . ? 1_555 ? 
28 AC3 5  LEU A 62  ? LEU A 204 . ? 1_555 ? 
29 AC3 5  LYS A 64  ? LYS A 206 . ? 1_555 ? 
30 AC3 5  VAL A 65  ? VAL A 207 . ? 1_555 ? 
31 AC3 5  HOH E .   ? HOH A 534 . ? 1_555 ? 
# 
_atom_sites.entry_id                    5Z1N 
_atom_sites.fract_transf_matrix[1][1]   0.00094919 
_atom_sites.fract_transf_matrix[1][2]   0.02516317 
_atom_sites.fract_transf_matrix[1][3]   -0.01633261 
_atom_sites.fract_transf_matrix[2][1]   -0.00186198 
_atom_sites.fract_transf_matrix[2][2]   -0.01224252 
_atom_sites.fract_transf_matrix[2][3]   -0.01896991 
_atom_sites.fract_transf_matrix[3][1]   -0.01030779 
_atom_sites.fract_transf_matrix[3][2]   0.00073686 
_atom_sites.fract_transf_matrix[3][3]   0.00053621 
_atom_sites.fract_transf_vector[1]      1.070684 
_atom_sites.fract_transf_vector[2]      1.048397 
_atom_sites.fract_transf_vector[3]      1.107565 
# 
loop_
_atom_type.symbol 
C  
N  
NA 
O  
P  
S  
# 
loop_
_atom_site.group_PDB 
_atom_site.id 
_atom_site.type_symbol 
_atom_site.label_atom_id 
_atom_site.label_alt_id 
_atom_site.label_comp_id 
_atom_site.label_asym_id 
_atom_site.label_entity_id 
_atom_site.label_seq_id 
_atom_site.pdbx_PDB_ins_code 
_atom_site.Cartn_x 
_atom_site.Cartn_y 
_atom_site.Cartn_z 
_atom_site.occupancy 
_atom_site.B_iso_or_equiv 
_atom_site.pdbx_formal_charge 
_atom_site.auth_seq_id 
_atom_site.auth_comp_id 
_atom_site.auth_asym_id 
_atom_site.auth_atom_id 
_atom_site.pdbx_PDB_model_num 
ATOM   1    N  N   . LEU A 1 3   ? -13.611 5.221   -13.309 1.00 38.22 ? 145 LEU A N   1 
ATOM   2    C  CA  . LEU A 1 3   ? -12.968 5.355   -12.005 1.00 45.76 ? 145 LEU A CA  1 
ATOM   3    C  C   . LEU A 1 3   ? -13.722 6.323   -11.084 1.00 55.15 ? 145 LEU A C   1 
ATOM   4    O  O   . LEU A 1 3   ? -13.350 6.495   -9.922  1.00 37.42 ? 145 LEU A O   1 
ATOM   5    C  CB  . LEU A 1 3   ? -11.519 5.817   -12.172 1.00 35.38 ? 145 LEU A CB  1 
ATOM   6    C  CG  . LEU A 1 3   ? -10.457 4.809   -11.735 1.00 37.32 ? 145 LEU A CG  1 
ATOM   7    C  CD1 . LEU A 1 3   ? -10.437 3.607   -12.674 1.00 39.70 ? 145 LEU A CD1 1 
ATOM   8    C  CD2 . LEU A 1 3   ? -9.090  5.468   -11.676 1.00 32.68 ? 145 LEU A CD2 1 
ATOM   9    N  N   . SER A 1 4   ? -14.786 6.935   -11.609 1.00 44.30 ? 146 SER A N   1 
ATOM   10   C  CA  . SER A 1 4   ? -15.543 7.930   -10.850 1.00 41.02 ? 146 SER A CA  1 
ATOM   11   C  C   . SER A 1 4   ? -16.183 7.311   -9.611  1.00 37.39 ? 146 SER A C   1 
ATOM   12   O  O   . SER A 1 4   ? -16.005 7.800   -8.486  1.00 44.70 ? 146 SER A O   1 
ATOM   13   C  CB  . SER A 1 4   ? -16.623 8.554   -11.740 1.00 62.57 ? 146 SER A CB  1 
ATOM   14   O  OG  . SER A 1 4   ? -16.185 8.694   -13.082 1.00 49.57 ? 146 SER A OG  1 
ATOM   15   N  N   . GLY A 1 5   ? -16.963 6.247   -9.812  1.00 39.26 ? 147 GLY A N   1 
ATOM   16   C  CA  . GLY A 1 5   ? -17.691 5.651   -8.703  1.00 49.93 ? 147 GLY A CA  1 
ATOM   17   C  C   . GLY A 1 5   ? -16.773 5.086   -7.638  1.00 43.53 ? 147 GLY A C   1 
ATOM   18   O  O   . GLY A 1 5   ? -16.978 5.318   -6.440  1.00 40.49 ? 147 GLY A O   1 
ATOM   19   N  N   . LEU A 1 6   ? -15.746 4.341   -8.059  1.00 31.30 ? 148 LEU A N   1 
ATOM   20   C  CA  . LEU A 1 6   ? -14.768 3.815   -7.115  1.00 34.76 ? 148 LEU A CA  1 
ATOM   21   C  C   . LEU A 1 6   ? -14.198 4.920   -6.236  1.00 30.32 ? 148 LEU A C   1 
ATOM   22   O  O   . LEU A 1 6   ? -14.018 4.732   -5.029  1.00 28.20 ? 148 LEU A O   1 
ATOM   23   C  CB  . LEU A 1 6   ? -13.645 3.103   -7.871  1.00 33.68 ? 148 LEU A CB  1 
ATOM   24   C  CG  . LEU A 1 6   ? -14.045 2.094   -8.950  1.00 34.96 ? 148 LEU A CG  1 
ATOM   25   C  CD1 . LEU A 1 6   ? -12.808 1.450   -9.557  1.00 28.71 ? 148 LEU A CD1 1 
ATOM   26   C  CD2 . LEU A 1 6   ? -14.976 1.036   -8.377  1.00 47.28 ? 148 LEU A CD2 1 
ATOM   27   N  N   . LYS A 1 7   ? -13.928 6.090   -6.822  1.00 30.44 ? 149 LYS A N   1 
ATOM   28   C  CA  . LYS A 1 7   ? -13.382 7.195   -6.041  1.00 25.85 ? 149 LYS A CA  1 
ATOM   29   C  C   . LYS A 1 7   ? -14.429 7.817   -5.128  1.00 28.07 ? 149 LYS A C   1 
ATOM   30   O  O   . LYS A 1 7   ? -14.095 8.251   -4.020  1.00 24.11 ? 149 LYS A O   1 
ATOM   31   C  CB  . LYS A 1 7   ? -12.778 8.252   -6.964  1.00 29.03 ? 149 LYS A CB  1 
ATOM   32   C  CG  . LYS A 1 7   ? -11.514 7.788   -7.667  1.00 35.24 ? 149 LYS A CG  1 
ATOM   33   C  CD  . LYS A 1 7   ? -10.781 8.932   -8.344  1.00 40.41 ? 149 LYS A CD  1 
ATOM   34   C  CE  . LYS A 1 7   ? -9.497  8.440   -8.998  1.00 43.75 ? 149 LYS A CE  1 
ATOM   35   N  NZ  . LYS A 1 7   ? -8.654  9.558   -9.513  1.00 33.99 ? 149 LYS A NZ  1 
ATOM   36   N  N   . LYS A 1 8   ? -15.693 7.872   -5.551  1.00 22.37 ? 150 LYS A N   1 
ATOM   37   C  CA  . LYS A 1 8   ? -16.692 8.394   -4.626  1.00 30.11 ? 150 LYS A CA  1 
ATOM   38   C  C   . LYS A 1 8   ? -17.085 7.383   -3.553  1.00 21.90 ? 150 LYS A C   1 
ATOM   39   O  O   . LYS A 1 8   ? -17.844 7.737   -2.645  1.00 21.92 ? 150 LYS A O   1 
ATOM   40   C  CB  . LYS A 1 8   ? -17.935 8.892   -5.378  1.00 36.18 ? 150 LYS A CB  1 
ATOM   41   C  CG  . LYS A 1 8   ? -18.762 7.845   -6.094  1.00 39.33 ? 150 LYS A CG  1 
ATOM   42   C  CD  . LYS A 1 8   ? -19.429 8.453   -7.327  1.00 53.64 ? 150 LYS A CD  1 
ATOM   43   C  CE  . LYS A 1 8   ? -20.836 7.910   -7.543  1.00 48.83 ? 150 LYS A CE  1 
ATOM   44   N  NZ  . LYS A 1 8   ? -21.423 8.389   -8.829  1.00 52.49 ? 150 LYS A NZ  1 
ATOM   45   N  N   . LEU A 1 9   ? -16.575 6.153   -3.615  1.00 17.87 ? 151 LEU A N   1 
ATOM   46   C  CA  . LEU A 1 9   ? -16.771 5.186   -2.543  1.00 11.88 ? 151 LEU A CA  1 
ATOM   47   C  C   . LEU A 1 9   ? -15.669 5.215   -1.486  1.00 16.35 ? 151 LEU A C   1 
ATOM   48   O  O   . LEU A 1 9   ? -15.729 4.437   -0.529  1.00 17.70 ? 151 LEU A O   1 
ATOM   49   C  CB  . LEU A 1 9   ? -16.888 3.774   -3.124  1.00 19.39 ? 151 LEU A CB  1 
ATOM   50   C  CG  . LEU A 1 9   ? -18.188 3.489   -3.876  1.00 22.56 ? 151 LEU A CG  1 
ATOM   51   C  CD1 . LEU A 1 9   ? -18.172 2.088   -4.464  1.00 27.80 ? 151 LEU A CD1 1 
ATOM   52   C  CD2 . LEU A 1 9   ? -19.381 3.671   -2.952  1.00 17.13 ? 151 LEU A CD2 1 
ATOM   53   N  N   . ILE A 1 10  ? -14.658 6.066   -1.631  1.00 13.50 ? 152 ILE A N   1 
ATOM   54   C  CA  . ILE A 1 10  ? -13.702 6.271   -0.542  1.00 20.70 ? 152 ILE A CA  1 
ATOM   55   C  C   . ILE A 1 10  ? -13.606 7.765   -0.251  1.00 25.42 ? 152 ILE A C   1 
ATOM   56   O  O   . ILE A 1 10  ? -13.775 8.586   -1.164  1.00 21.29 ? 152 ILE A O   1 
ATOM   57   C  CB  . ILE A 1 10  ? -12.322 5.670   -0.862  1.00 21.36 ? 152 ILE A CB  1 
ATOM   58   C  CG1 . ILE A 1 10  ? -11.661 6.405   -2.023  1.00 19.72 ? 152 ILE A CG1 1 
ATOM   59   C  CG2 . ILE A 1 10  ? -12.425 4.170   -1.134  1.00 22.01 ? 152 ILE A CG2 1 
ATOM   60   C  CD1 . ILE A 1 10  ? -10.163 6.282   -2.013  1.00 24.16 ? 152 ILE A CD1 1 
ATOM   61   N  N   . PRO A 1 11  ? -13.349 8.164   0.991   1.00 15.05 ? 153 PRO A N   1 
ATOM   62   C  CA  . PRO A 1 11  ? -13.367 9.588   1.336   1.00 16.25 ? 153 PRO A CA  1 
ATOM   63   C  C   . PRO A 1 11  ? -12.097 10.307  0.890   1.00 12.77 ? 153 PRO A C   1 
ATOM   64   O  O   . PRO A 1 11  ? -11.134 9.703   0.414   1.00 14.84 ? 153 PRO A O   1 
ATOM   65   C  CB  . PRO A 1 11  ? -13.487 9.570   2.862   1.00 13.72 ? 153 PRO A CB  1 
ATOM   66   C  CG  . PRO A 1 11  ? -12.812 8.311   3.257   1.00 11.23 ? 153 PRO A CG  1 
ATOM   67   C  CD  . PRO A 1 11  ? -13.131 7.314   2.175   1.00 10.40 ? 153 PRO A CD  1 
ATOM   68   N  N   . GLU A 1 12  ? -12.121 11.631  1.073   1.00 12.11 ? 154 GLU A N   1 
ATOM   69   C  CA  . GLU A 1 12  ? -11.020 12.493  0.642   1.00 17.84 ? 154 GLU A CA  1 
ATOM   70   C  C   . GLU A 1 12  ? -9.675  12.038  1.204   1.00 22.40 ? 154 GLU A C   1 
ATOM   71   O  O   . GLU A 1 12  ? -8.652  12.111  0.516   1.00 19.73 ? 154 GLU A O   1 
ATOM   72   C  CB  . GLU A 1 12  ? -11.315 13.938  1.057   1.00 15.76 ? 154 GLU A CB  1 
ATOM   73   C  CG  . GLU A 1 12  ? -10.129 14.884  0.976   1.00 30.77 ? 154 GLU A CG  1 
ATOM   74   C  CD  . GLU A 1 12  ? -10.363 16.178  1.738   1.00 44.91 ? 154 GLU A CD  1 
ATOM   75   O  OE1 . GLU A 1 12  ? -9.382  16.757  2.250   1.00 44.02 ? 154 GLU A OE1 1 
ATOM   76   O  OE2 . GLU A 1 12  ? -11.531 16.616  1.830   1.00 33.75 ? 154 GLU A OE2 1 
ATOM   77   N  N   . GLU A 1 13  ? -9.659  11.568  2.454   1.00 16.48 ? 155 GLU A N   1 
ATOM   78   C  CA  . GLU A 1 13  ? -8.416  11.109  3.073   1.00 20.23 ? 155 GLU A CA  1 
ATOM   79   C  C   . GLU A 1 13  ? -7.776  9.977   2.269   1.00 16.33 ? 155 GLU A C   1 
ATOM   80   O  O   . GLU A 1 13  ? -6.583  10.025  1.926   1.00 21.63 ? 155 GLU A O   1 
ATOM   81   C  CB  . GLU A 1 13  ? -8.703  10.663  4.509   1.00 17.92 ? 155 GLU A CB  1 
ATOM   82   C  CG  . GLU A 1 13  ? -7.559  9.943   5.203   1.00 22.62 ? 155 GLU A CG  1 
ATOM   83   C  CD  . GLU A 1 13  ? -6.779  10.851  6.127   1.00 29.52 ? 155 GLU A CD  1 
ATOM   84   O  OE1 . GLU A 1 13  ? -6.967  12.084  6.051   1.00 38.49 ? 155 GLU A OE1 1 
ATOM   85   O  OE2 . GLU A 1 13  ? -5.980  10.334  6.932   1.00 26.10 ? 155 GLU A OE2 1 
ATOM   86   N  N   . GLY A 1 14  ? -8.564  8.948   1.950   1.00 18.30 ? 156 GLY A N   1 
ATOM   87   C  CA  . GLY A 1 14  ? -8.036  7.845   1.166   1.00 14.99 ? 156 GLY A CA  1 
ATOM   88   C  C   . GLY A 1 14  ? -7.627  8.264   -0.232  1.00 14.65 ? 156 GLY A C   1 
ATOM   89   O  O   . GLY A 1 14  ? -6.594  7.825   -0.744  1.00 13.45 ? 156 GLY A O   1 
ATOM   90   N  N   . ARG A 1 15  ? -8.433  9.117   -0.871  1.00 16.12 ? 157 ARG A N   1 
ATOM   91   C  CA  . ARG A 1 15  ? -8.088  9.597   -2.205  1.00 13.18 ? 157 ARG A CA  1 
ATOM   92   C  C   . ARG A 1 15  ? -6.776  10.368  -2.198  1.00 16.63 ? 157 ARG A C   1 
ATOM   93   O  O   . ARG A 1 15  ? -6.008  10.291  -3.162  1.00 13.68 ? 157 ARG A O   1 
ATOM   94   C  CB  . ARG A 1 15  ? -9.215  10.470  -2.766  1.00 17.52 ? 157 ARG A CB  1 
ATOM   95   C  CG  . ARG A 1 15  ? -10.554 9.750   -2.895  1.00 22.14 ? 157 ARG A CG  1 
ATOM   96   C  CD  . ARG A 1 15  ? -11.546 10.541  -3.740  1.00 30.55 ? 157 ARG A CD  1 
ATOM   97   N  NE  . ARG A 1 15  ? -11.877 11.829  -3.137  1.00 41.31 ? 157 ARG A NE  1 
ATOM   98   C  CZ  . ARG A 1 15  ? -12.976 12.066  -2.427  1.00 50.53 ? 157 ARG A CZ  1 
ATOM   99   N  NH1 . ARG A 1 15  ? -13.861 11.096  -2.229  1.00 26.58 ? 157 ARG A NH1 1 
ATOM   100  N  NH2 . ARG A 1 15  ? -13.192 13.271  -1.915  1.00 25.11 ? 157 ARG A NH2 1 
ATOM   101  N  N   . GLU A 1 16  ? -6.500  11.109  -1.122  1.00 19.66 ? 158 GLU A N   1 
ATOM   102  C  CA  . GLU A 1 16  ? -5.225  11.812  -1.018  1.00 15.79 ? 158 GLU A CA  1 
ATOM   103  C  C   . GLU A 1 16  ? -4.070  10.836  -0.839  1.00 15.23 ? 158 GLU A C   1 
ATOM   104  O  O   . GLU A 1 16  ? -3.004  11.010  -1.445  1.00 14.91 ? 158 GLU A O   1 
ATOM   105  C  CB  . GLU A 1 16  ? -5.268  12.812  0.139   1.00 13.72 ? 158 GLU A CB  1 
ATOM   106  C  CG  . GLU A 1 16  ? -5.920  14.132  -0.220  1.00 24.28 ? 158 GLU A CG  1 
ATOM   107  C  CD  . GLU A 1 16  ? -4.948  15.103  -0.857  1.00 44.22 ? 158 GLU A CD  1 
ATOM   108  O  OE1 . GLU A 1 16  ? -5.387  15.926  -1.689  1.00 48.49 ? 158 GLU A OE1 1 
ATOM   109  O  OE2 . GLU A 1 16  ? -3.746  15.044  -0.525  1.00 40.85 ? 158 GLU A OE2 1 
ATOM   110  N  N   . LEU A 1 17  ? -4.259  9.805   -0.005  1.00 14.02 ? 159 LEU A N   1 
ATOM   111  C  CA  . LEU A 1 17  ? -3.229  8.776   0.129   1.00 14.32 ? 159 LEU A CA  1 
ATOM   112  C  C   . LEU A 1 17  ? -2.916  8.132   -1.220  1.00 15.81 ? 159 LEU A C   1 
ATOM   113  O  O   . LEU A 1 17  ? -1.745  7.995   -1.613  1.00 11.16 ? 159 LEU A O   1 
ATOM   114  C  CB  . LEU A 1 17  ? -3.683  7.720   1.135   1.00 12.09 ? 159 LEU A CB  1 
ATOM   115  C  CG  . LEU A 1 17  ? -3.419  8.045   2.602   1.00 24.84 ? 159 LEU A CG  1 
ATOM   116  C  CD1 . LEU A 1 17  ? -4.266  7.169   3.506   1.00 20.46 ? 159 LEU A CD1 1 
ATOM   117  C  CD2 . LEU A 1 17  ? -1.949  7.852   2.895   1.00 31.84 ? 159 LEU A CD2 1 
ATOM   118  N  N   . ILE A 1 18  ? -3.960  7.737   -1.949  1.00 9.03  ? 160 ILE A N   1 
ATOM   119  C  CA  . ILE A 1 18  ? -3.756  7.087   -3.236  1.00 8.05  ? 160 ILE A CA  1 
ATOM   120  C  C   . ILE A 1 18  ? -3.126  8.050   -4.233  1.00 7.69  ? 160 ILE A C   1 
ATOM   121  O  O   . ILE A 1 18  ? -2.310  7.642   -5.065  1.00 11.89 ? 160 ILE A O   1 
ATOM   122  C  CB  . ILE A 1 18  ? -5.088  6.514   -3.744  1.00 9.34  ? 160 ILE A CB  1 
ATOM   123  C  CG1 . ILE A 1 18  ? -5.629  5.498   -2.739  1.00 10.72 ? 160 ILE A CG1 1 
ATOM   124  C  CG2 . ILE A 1 18  ? -4.910  5.859   -5.105  1.00 10.38 ? 160 ILE A CG2 1 
ATOM   125  C  CD1 . ILE A 1 18  ? -6.963  4.912   -3.119  1.00 14.04 ? 160 ILE A CD1 1 
ATOM   126  N  N   . GLY A 1 19  ? -3.478  9.337   -4.162  1.00 11.32 ? 161 GLY A N   1 
ATOM   127  C  CA  . GLY A 1 19  ? -2.822  10.320  -5.010  1.00 11.31 ? 161 GLY A CA  1 
ATOM   128  C  C   . GLY A 1 19  ? -1.328  10.408  -4.757  1.00 11.31 ? 161 GLY A C   1 
ATOM   129  O  O   . GLY A 1 19  ? -0.529  10.461  -5.700  1.00 9.24  ? 161 GLY A O   1 
ATOM   130  N  N   . SER A 1 20  ? -0.926  10.411  -3.482  1.00 10.69 ? 162 SER A N   1 
ATOM   131  C  CA  . SER A 1 20  ? 0.501   10.466  -3.166  1.00 14.70 ? 162 SER A CA  1 
ATOM   132  C  C   . SER A 1 20  ? 1.228   9.230   -3.693  1.00 10.01 ? 162 SER A C   1 
ATOM   133  O  O   . SER A 1 20  ? 2.282   9.335   -4.349  1.00 15.74 ? 162 SER A O   1 
ATOM   134  C  CB  . SER A 1 20  ? 0.692   10.613  -1.656  1.00 16.72 ? 162 SER A CB  1 
ATOM   135  O  OG  . SER A 1 20  ? 0.145   11.837  -1.199  1.00 16.17 ? 162 SER A OG  1 
ATOM   136  N  N   . VAL A 1 21  ? 0.668   8.046   -3.425  1.00 8.68  ? 163 VAL A N   1 
ATOM   137  C  CA  . VAL A 1 21  ? 1.250   6.812   -3.953  1.00 9.51  ? 163 VAL A CA  1 
ATOM   138  C  C   . VAL A 1 21  ? 1.376   6.887   -5.472  1.00 10.27 ? 163 VAL A C   1 
ATOM   139  O  O   . VAL A 1 21  ? 2.419   6.552   -6.045  1.00 11.10 ? 163 VAL A O   1 
ATOM   140  C  CB  . VAL A 1 21  ? 0.410   5.596   -3.523  1.00 9.19  ? 163 VAL A CB  1 
ATOM   141  C  CG1 . VAL A 1 21  ? 0.920   4.344   -4.205  1.00 20.26 ? 163 VAL A CG1 1 
ATOM   142  C  CG2 . VAL A 1 21  ? 0.455   5.435   -2.022  1.00 13.99 ? 163 VAL A CG2 1 
ATOM   143  N  N   . LYS A 1 22  ? 0.314   7.342   -6.144  1.00 8.59  ? 164 LYS A N   1 
ATOM   144  C  CA  . LYS A 1 22  ? 0.309   7.362   -7.604  1.00 7.22  ? 164 LYS A CA  1 
ATOM   145  C  C   . LYS A 1 22  ? 1.383   8.289   -8.151  1.00 8.81  ? 164 LYS A C   1 
ATOM   146  O  O   . LYS A 1 22  ? 2.042   7.962   -9.145  1.00 9.55  ? 164 LYS A O   1 
ATOM   147  C  CB  . LYS A 1 22  ? -1.061  7.780   -8.131  1.00 6.21  ? 164 LYS A CB  1 
ATOM   148  C  CG  . LYS A 1 22  ? -1.135  7.791   -9.656  1.00 7.58  ? 164 LYS A CG  1 
ATOM   149  C  CD  . LYS A 1 22  ? -2.498  8.222   -10.169 1.00 8.08  ? 164 LYS A CD  1 
ATOM   150  C  CE  . LYS A 1 22  ? -2.569  8.072   -11.681 1.00 12.24 ? 164 LYS A CE  1 
ATOM   151  N  NZ  . LYS A 1 22  ? -3.876  8.496   -12.260 1.00 11.38 ? 164 LYS A NZ  1 
ATOM   152  N  N   . LYS A 1 23  ? 1.573   9.454   -7.526  1.00 8.81  ? 165 LYS A N   1 
ATOM   153  C  CA  . LYS A 1 23  ? 2.621   10.352  -8.006  1.00 12.01 ? 165 LYS A CA  1 
ATOM   154  C  C   . LYS A 1 23  ? 3.995   9.711   -7.857  1.00 12.40 ? 165 LYS A C   1 
ATOM   155  O  O   . LYS A 1 23  ? 4.832   9.788   -8.772  1.00 10.86 ? 165 LYS A O   1 
ATOM   156  C  CB  . LYS A 1 23  ? 2.567   11.686  -7.262  1.00 11.15 ? 165 LYS A CB  1 
ATOM   157  C  CG  . LYS A 1 23  ? 3.610   12.690  -7.738  1.00 23.15 ? 165 LYS A CG  1 
ATOM   158  C  CD  . LYS A 1 23  ? 3.257   14.117  -7.339  1.00 22.67 ? 165 LYS A CD  1 
ATOM   159  C  CE  . LYS A 1 23  ? 3.223   14.289  -5.824  1.00 25.90 ? 165 LYS A CE  1 
ATOM   160  N  NZ  . LYS A 1 23  ? 2.747   15.651  -5.428  1.00 24.86 ? 165 LYS A NZ  1 
ATOM   161  N  N   . ILE A 1 24  ? 4.237   9.048   -6.721  1.00 8.08  ? 166 ILE A N   1 
ATOM   162  C  CA  . ILE A 1 24  ? 5.528   8.385   -6.540  1.00 8.83  ? 166 ILE A CA  1 
ATOM   163  C  C   . ILE A 1 24  ? 5.729   7.290   -7.588  1.00 12.84 ? 166 ILE A C   1 
ATOM   164  O  O   . ILE A 1 24  ? 6.815   7.160   -8.177  1.00 10.25 ? 166 ILE A O   1 
ATOM   165  C  CB  . ILE A 1 24  ? 5.642   7.844   -5.104  1.00 6.56  ? 166 ILE A CB  1 
ATOM   166  C  CG1 . ILE A 1 24  ? 5.837   9.014   -4.134  1.00 13.67 ? 166 ILE A CG1 1 
ATOM   167  C  CG2 . ILE A 1 24  ? 6.787   6.856   -4.991  1.00 5.76  ? 166 ILE A CG2 1 
ATOM   168  C  CD1 . ILE A 1 24  ? 5.641   8.660   -2.670  1.00 13.31 ? 166 ILE A CD1 1 
ATOM   169  N  N   . ILE A 1 25  ? 4.682   6.504   -7.857  1.00 7.64  ? 167 ILE A N   1 
ATOM   170  C  CA  . ILE A 1 25  ? 4.783   5.450   -8.866  1.00 8.71  ? 167 ILE A CA  1 
ATOM   171  C  C   . ILE A 1 25  ? 5.093   6.048   -10.231 1.00 13.57 ? 167 ILE A C   1 
ATOM   172  O  O   . ILE A 1 25  ? 5.929   5.521   -10.978 1.00 10.52 ? 167 ILE A O   1 
ATOM   173  C  CB  . ILE A 1 25  ? 3.496   4.608   -8.905  1.00 9.47  ? 167 ILE A CB  1 
ATOM   174  C  CG1 . ILE A 1 25  ? 3.291   3.870   -7.585  1.00 9.41  ? 167 ILE A CG1 1 
ATOM   175  C  CG2 . ILE A 1 25  ? 3.552   3.604   -10.054 1.00 9.44  ? 167 ILE A CG2 1 
ATOM   176  C  CD1 . ILE A 1 25  ? 2.034   3.038   -7.565  1.00 13.74 ? 167 ILE A CD1 1 
ATOM   177  N  N   . LYS A 1 26  ? 4.415   7.145   -10.586 1.00 9.04  ? 168 LYS A N   1 
ATOM   178  C  CA  . LYS A 1 26  ? 4.740   7.853   -11.820 1.00 14.37 ? 168 LYS A CA  1 
ATOM   179  C  C   . LYS A 1 26  ? 6.228   8.169   -11.885 1.00 18.03 ? 168 LYS A C   1 
ATOM   180  O  O   . LYS A 1 26  ? 6.891   7.911   -12.895 1.00 13.19 ? 168 LYS A O   1 
ATOM   181  C  CB  . LYS A 1 26  ? 3.924   9.145   -11.927 1.00 17.99 ? 168 LYS A CB  1 
ATOM   182  C  CG  . LYS A 1 26  ? 2.531   8.984   -12.507 1.00 23.37 ? 168 LYS A CG  1 
ATOM   183  C  CD  . LYS A 1 26  ? 2.010   10.295  -13.090 1.00 15.56 ? 168 LYS A CD  1 
ATOM   184  C  CE  . LYS A 1 26  ? 1.905   11.375  -12.033 1.00 15.58 ? 168 LYS A CE  1 
ATOM   185  N  NZ  . LYS A 1 26  ? 1.385   12.653  -12.607 1.00 12.95 ? 168 LYS A NZ  1 
ATOM   186  N  N   . ARG A 1 27  ? 6.773   8.712   -10.793 1.00 15.09 ? 169 ARG A N   1 
ATOM   187  C  CA  . ARG A 1 27  ? 8.176   9.112   -10.802 1.00 13.98 ? 169 ARG A CA  1 
ATOM   188  C  C   . ARG A 1 27  ? 9.120   7.922   -10.942 1.00 19.60 ? 169 ARG A C   1 
ATOM   189  O  O   . ARG A 1 27  ? 10.175  8.047   -11.575 1.00 21.96 ? 169 ARG A O   1 
ATOM   190  C  CB  . ARG A 1 27  ? 8.497   9.906   -9.536  1.00 15.55 ? 169 ARG A CB  1 
ATOM   191  C  CG  . ARG A 1 27  ? 7.740   11.227  -9.425  1.00 25.34 ? 169 ARG A CG  1 
ATOM   192  C  CD  . ARG A 1 27  ? 8.169   12.233  -10.495 1.00 33.79 ? 169 ARG A CD  1 
ATOM   193  N  NE  . ARG A 1 27  ? 7.421   12.088  -11.745 1.00 23.07 ? 169 ARG A NE  1 
ATOM   194  C  CZ  . ARG A 1 27  ? 6.283   12.720  -12.016 1.00 23.29 ? 169 ARG A CZ  1 
ATOM   195  N  NH1 . ARG A 1 27  ? 5.680   12.528  -13.179 1.00 19.35 ? 169 ARG A NH1 1 
ATOM   196  N  NH2 . ARG A 1 27  ? 5.746   13.540  -11.123 1.00 22.05 ? 169 ARG A NH2 1 
ATOM   197  N  N   . VAL A 1 28  ? 8.776   6.764   -10.374 1.00 11.80 ? 170 VAL A N   1 
ATOM   198  C  CA  . VAL A 1 28  ? 9.711   5.642   -10.413 1.00 15.06 ? 170 VAL A CA  1 
ATOM   199  C  C   . VAL A 1 28  ? 9.548   4.735   -11.629 1.00 14.37 ? 170 VAL A C   1 
ATOM   200  O  O   . VAL A 1 28  ? 10.491  4.006   -11.970 1.00 11.75 ? 170 VAL A O   1 
ATOM   201  C  CB  . VAL A 1 28  ? 9.605   4.780   -9.145  1.00 15.99 ? 170 VAL A CB  1 
ATOM   202  C  CG1 . VAL A 1 28  ? 9.948   5.602   -7.913  1.00 18.81 ? 170 VAL A CG1 1 
ATOM   203  C  CG2 . VAL A 1 28  ? 8.225   4.181   -9.045  1.00 18.36 ? 170 VAL A CG2 1 
ATOM   204  N  N   . SER A 1 29  ? 8.383   4.735   -12.279 1.00 15.92 ? 171 SER A N   1 
ATOM   205  C  CA  . SER A 1 29  ? 8.190   3.887   -13.452 1.00 12.02 ? 171 SER A CA  1 
ATOM   206  C  C   . SER A 1 29  ? 7.594   4.686   -14.607 1.00 11.15 ? 171 SER A C   1 
ATOM   207  O  O   . SER A 1 29  ? 8.329   5.361   -15.334 1.00 14.07 ? 171 SER A O   1 
ATOM   208  C  CB  . SER A 1 29  ? 7.312   2.679   -13.116 1.00 11.99 ? 171 SER A CB  1 
ATOM   209  O  OG  . SER A 1 29  ? 6.038   3.074   -12.645 1.00 20.58 ? 171 SER A OG  1 
ATOM   210  N  N   . ASN A 1 30  ? 6.276   4.618   -14.793 1.00 6.69  ? 172 ASN A N   1 
ATOM   211  C  CA  . ASN A 1 30  ? 5.649   5.293   -15.924 1.00 12.10 ? 172 ASN A CA  1 
ATOM   212  C  C   . ASN A 1 30  ? 4.173   5.523   -15.630 1.00 11.90 ? 172 ASN A C   1 
ATOM   213  O  O   . ASN A 1 30  ? 3.612   4.978   -14.678 1.00 7.33  ? 172 ASN A O   1 
ATOM   214  C  CB  . ASN A 1 30  ? 5.826   4.492   -17.218 1.00 9.00  ? 172 ASN A CB  1 
ATOM   215  C  CG  . ASN A 1 30  ? 5.333   3.066   -17.094 1.00 9.22  ? 172 ASN A CG  1 
ATOM   216  O  OD1 . ASN A 1 30  ? 4.130   2.813   -17.080 1.00 9.96  ? 172 ASN A OD1 1 
ATOM   217  N  ND2 . ASN A 1 30  ? 6.265   2.125   -16.998 1.00 9.75  ? 172 ASN A ND2 1 
ATOM   218  N  N   . GLU A 1 31  ? 3.546   6.336   -16.486 1.00 11.36 ? 173 GLU A N   1 
ATOM   219  C  CA  . GLU A 1 31  ? 2.146   6.693   -16.282 1.00 10.92 ? 173 GLU A CA  1 
ATOM   220  C  C   . GLU A 1 31  ? 1.217   5.497   -16.442 1.00 10.19 ? 173 GLU A C   1 
ATOM   221  O  O   . GLU A 1 31  ? 0.180   5.430   -15.774 1.00 6.48  ? 173 GLU A O   1 
ATOM   222  C  CB  . GLU A 1 31  ? 1.737   7.788   -17.257 1.00 10.18 ? 173 GLU A CB  1 
ATOM   223  C  CG  . GLU A 1 31  ? 2.315   9.143   -16.941 1.00 6.87  ? 173 GLU A CG  1 
ATOM   224  C  CD  . GLU A 1 31  ? 1.558   10.245  -17.639 1.00 19.07 ? 173 GLU A CD  1 
ATOM   225  O  OE1 . GLU A 1 31  ? 1.865   10.520  -18.819 1.00 17.94 ? 173 GLU A OE1 1 
ATOM   226  O  OE2 . GLU A 1 31  ? 0.643   10.820  -17.010 1.00 21.11 ? 173 GLU A OE2 1 
ATOM   227  N  N   . GLU A 1 32  ? 1.548   4.561   -17.333 1.00 9.59  ? 174 GLU A N   1 
ATOM   228  C  CA  A GLU A 1 32  ? 0.693   3.396   -17.523 0.70 11.67 ? 174 GLU A CA  1 
ATOM   229  C  CA  B GLU A 1 32  ? 0.692   3.395   -17.524 0.30 11.90 ? 174 GLU A CA  1 
ATOM   230  C  C   . GLU A 1 32  ? 0.649   2.545   -16.262 1.00 11.59 ? 174 GLU A C   1 
ATOM   231  O  O   . GLU A 1 32  ? -0.428  2.143   -15.804 1.00 10.14 ? 174 GLU A O   1 
ATOM   232  C  CB  A GLU A 1 32  ? 1.181   2.571   -18.714 0.70 15.87 ? 174 GLU A CB  1 
ATOM   233  C  CB  B GLU A 1 32  ? 1.181   2.573   -18.718 0.30 15.86 ? 174 GLU A CB  1 
ATOM   234  C  CG  A GLU A 1 32  ? 0.707   3.094   -20.057 0.70 21.88 ? 174 GLU A CG  1 
ATOM   235  C  CG  B GLU A 1 32  ? 0.747   3.115   -20.075 0.30 21.65 ? 174 GLU A CG  1 
ATOM   236  C  CD  A GLU A 1 32  ? -0.779  2.892   -20.262 0.70 14.05 ? 174 GLU A CD  1 
ATOM   237  C  CD  B GLU A 1 32  ? 1.451   4.407   -20.450 0.30 17.46 ? 174 GLU A CD  1 
ATOM   238  O  OE1 A GLU A 1 32  ? -1.258  1.753   -20.076 0.70 20.49 ? 174 GLU A OE1 1 
ATOM   239  O  OE1 B GLU A 1 32  ? 0.890   5.173   -21.263 0.30 13.66 ? 174 GLU A OE1 1 
ATOM   240  O  OE2 A GLU A 1 32  ? -1.469  3.873   -20.607 0.70 22.69 ? 174 GLU A OE2 1 
ATOM   241  O  OE2 B GLU A 1 32  ? 2.562   4.658   -19.935 0.30 16.37 ? 174 GLU A OE2 1 
ATOM   242  N  N   . LYS A 1 33  ? 1.819   2.263   -15.686 1.00 10.05 ? 175 LYS A N   1 
ATOM   243  C  CA  . LYS A 1 33  ? 1.872   1.503   -14.442 1.00 11.38 ? 175 LYS A CA  1 
ATOM   244  C  C   . LYS A 1 33  ? 1.194   2.260   -13.306 1.00 11.64 ? 175 LYS A C   1 
ATOM   245  O  O   . LYS A 1 33  ? 0.537   1.656   -12.452 1.00 9.38  ? 175 LYS A O   1 
ATOM   246  C  CB  . LYS A 1 33  ? 3.327   1.180   -14.096 1.00 8.63  ? 175 LYS A CB  1 
ATOM   247  C  CG  . LYS A 1 33  ? 3.524   0.446   -12.771 1.00 11.92 ? 175 LYS A CG  1 
ATOM   248  C  CD  . LYS A 1 33  ? 2.851   -0.925  -12.772 1.00 21.64 ? 175 LYS A CD  1 
ATOM   249  C  CE  . LYS A 1 33  ? 3.370   -1.819  -13.896 1.00 23.87 ? 175 LYS A CE  1 
ATOM   250  N  NZ  . LYS A 1 33  ? 2.804   -3.203  -13.821 1.00 22.54 ? 175 LYS A NZ  1 
ATOM   251  N  N   . ALA A 1 34  ? 1.328   3.588   -13.283 1.00 7.20  ? 176 ALA A N   1 
ATOM   252  C  CA  . ALA A 1 34  ? 0.691   4.366   -12.222 1.00 7.21  ? 176 ALA A CA  1 
ATOM   253  C  C   . ALA A 1 34  ? -0.827  4.315   -12.333 1.00 9.48  ? 176 ALA A C   1 
ATOM   254  O  O   . ALA A 1 34  ? -1.527  4.190   -11.319 1.00 10.29 ? 176 ALA A O   1 
ATOM   255  C  CB  . ALA A 1 34  ? 1.182   5.811   -12.262 1.00 7.65  ? 176 ALA A CB  1 
ATOM   256  N  N   . ASN A 1 35  ? -1.353  4.418   -13.556 1.00 8.11  ? 177 ASN A N   1 
ATOM   257  C  CA  . ASN A 1 35  ? -2.794  4.332   -13.757 1.00 7.98  ? 177 ASN A CA  1 
ATOM   258  C  C   . ASN A 1 35  ? -3.307  2.940   -13.411 1.00 7.86  ? 177 ASN A C   1 
ATOM   259  O  O   . ASN A 1 35  ? -4.345  2.795   -12.747 1.00 11.61 ? 177 ASN A O   1 
ATOM   260  C  CB  . ASN A 1 35  ? -3.146  4.697   -15.202 1.00 6.41  ? 177 ASN A CB  1 
ATOM   261  C  CG  . ASN A 1 35  ? -2.875  6.159   -15.520 1.00 13.49 ? 177 ASN A CG  1 
ATOM   262  O  OD1 . ASN A 1 35  ? -2.846  7.005   -14.628 1.00 13.48 ? 177 ASN A OD1 1 
ATOM   263  N  ND2 . ASN A 1 35  ? -2.678  6.461   -16.798 1.00 16.12 ? 177 ASN A ND2 1 
ATOM   264  N  N   . GLU A 1 36  ? -2.577  1.905   -13.836 1.00 9.19  ? 178 GLU A N   1 
ATOM   265  C  CA  . GLU A 1 36  ? -2.973  0.538   -13.516 1.00 10.24 ? 178 GLU A CA  1 
ATOM   266  C  C   . GLU A 1 36  ? -2.979  0.303   -12.012 1.00 11.27 ? 178 GLU A C   1 
ATOM   267  O  O   . GLU A 1 36  ? -3.913  -0.299  -11.474 1.00 10.24 ? 178 GLU A O   1 
ATOM   268  C  CB  . GLU A 1 36  ? -2.037  -0.460  -14.204 1.00 16.07 ? 178 GLU A CB  1 
ATOM   269  C  CG  . GLU A 1 36  ? -2.386  -1.921  -13.921 1.00 14.75 ? 178 GLU A CG  1 
ATOM   270  C  CD  . GLU A 1 36  ? -1.206  -2.862  -14.100 1.00 27.18 ? 178 GLU A CD  1 
ATOM   271  O  OE1 . GLU A 1 36  ? -0.059  -2.380  -14.206 1.00 20.89 ? 178 GLU A OE1 1 
ATOM   272  O  OE2 . GLU A 1 36  ? -1.428  -4.090  -14.130 1.00 33.81 ? 178 GLU A OE2 1 
ATOM   273  N  N   . MET A 1 37  ? -1.940  0.769   -11.317 1.00 10.68 ? 179 MET A N   1 
ATOM   274  C  CA  . MET A 1 37  ? -1.860  0.556   -9.877  1.00 10.24 ? 179 MET A CA  1 
ATOM   275  C  C   . MET A 1 37  ? -2.935  1.342   -9.140  1.00 8.46  ? 179 MET A C   1 
ATOM   276  O  O   . MET A 1 37  ? -3.487  0.855   -8.150  1.00 8.83  ? 179 MET A O   1 
ATOM   277  C  CB  . MET A 1 37  ? -0.469  0.927   -9.368  1.00 13.34 ? 179 MET A CB  1 
ATOM   278  C  CG  . MET A 1 37  ? 0.618   -0.049  -9.807  1.00 8.88  ? 179 MET A CG  1 
ATOM   279  S  SD  . MET A 1 37  ? 0.445   -1.657  -9.018  1.00 12.81 ? 179 MET A SD  1 
ATOM   280  C  CE  . MET A 1 37  ? 0.838   -2.758  -10.372 1.00 14.88 ? 179 MET A CE  1 
ATOM   281  N  N   . GLU A 1 38  ? -3.247  2.557   -9.600  1.00 9.26  ? 180 GLU A N   1 
ATOM   282  C  CA  . GLU A 1 38  ? -4.326  3.319   -8.974  1.00 8.33  ? 180 GLU A CA  1 
ATOM   283  C  C   . GLU A 1 38  ? -5.654  2.587   -9.114  1.00 12.55 ? 180 GLU A C   1 
ATOM   284  O  O   . GLU A 1 38  ? -6.395  2.414   -8.131  1.00 11.84 ? 180 GLU A O   1 
ATOM   285  C  CB  . GLU A 1 38  ? -4.415  4.720   -9.586  1.00 7.08  ? 180 GLU A CB  1 
ATOM   286  C  CG  . GLU A 1 38  ? -5.565  5.561   -9.043  1.00 12.81 ? 180 GLU A CG  1 
ATOM   287  C  CD  . GLU A 1 38  ? -5.829  6.816   -9.864  1.00 15.57 ? 180 GLU A CD  1 
ATOM   288  O  OE1 . GLU A 1 38  ? -5.662  6.774   -11.101 1.00 14.97 ? 180 GLU A OE1 1 
ATOM   289  O  OE2 . GLU A 1 38  ? -6.199  7.851   -9.270  1.00 14.75 ? 180 GLU A OE2 1 
ATOM   290  N  N   . LYS A 1 39  ? -5.965  2.134   -10.334 1.00 10.38 ? 181 LYS A N   1 
ATOM   291  C  CA  . LYS A 1 39  ? -7.185  1.364   -10.545 1.00 13.35 ? 181 LYS A CA  1 
ATOM   292  C  C   . LYS A 1 39  ? -7.201  0.106   -9.685  1.00 9.96  ? 181 LYS A C   1 
ATOM   293  O  O   . LYS A 1 39  ? -8.232  -0.239  -9.097  1.00 12.98 ? 181 LYS A O   1 
ATOM   294  C  CB  . LYS A 1 39  ? -7.330  0.999   -12.022 1.00 13.86 ? 181 LYS A CB  1 
ATOM   295  C  CG  . LYS A 1 39  ? -8.613  0.255   -12.353 1.00 23.47 ? 181 LYS A CG  1 
ATOM   296  C  CD  . LYS A 1 39  ? -8.785  0.067   -13.854 1.00 48.18 ? 181 LYS A CD  1 
ATOM   297  C  CE  . LYS A 1 39  ? -8.046  -1.165  -14.350 1.00 56.29 ? 181 LYS A CE  1 
ATOM   298  N  NZ  . LYS A 1 39  ? -8.712  -1.767  -15.542 1.00 53.04 ? 181 LYS A NZ  1 
ATOM   299  N  N   . ASN A 1 40  ? -6.066  -0.592  -9.599  1.00 8.95  ? 182 ASN A N   1 
ATOM   300  C  CA  . ASN A 1 40  ? -6.012  -1.846  -8.850  1.00 10.75 ? 182 ASN A CA  1 
ATOM   301  C  C   . ASN A 1 40  ? -6.239  -1.609  -7.362  1.00 10.00 ? 182 ASN A C   1 
ATOM   302  O  O   . ASN A 1 40  ? -6.998  -2.341  -6.713  1.00 15.43 ? 182 ASN A O   1 
ATOM   303  C  CB  . ASN A 1 40  ? -4.666  -2.533  -9.079  1.00 11.22 ? 182 ASN A CB  1 
ATOM   304  C  CG  . ASN A 1 40  ? -4.579  -3.216  -10.428 1.00 17.41 ? 182 ASN A CG  1 
ATOM   305  O  OD1 . ASN A 1 40  ? -5.530  -3.202  -11.211 1.00 18.21 ? 182 ASN A OD1 1 
ATOM   306  N  ND2 . ASN A 1 40  ? -3.427  -3.819  -10.708 1.00 20.91 ? 182 ASN A ND2 1 
ATOM   307  N  N   . ILE A 1 41  ? -5.576  -0.593  -6.805  1.00 11.12 ? 183 ILE A N   1 
ATOM   308  C  CA  . ILE A 1 41  ? -5.749  -0.263  -5.393  1.00 14.06 ? 183 ILE A CA  1 
ATOM   309  C  C   . ILE A 1 41  ? -7.209  0.060   -5.107  1.00 14.06 ? 183 ILE A C   1 
ATOM   310  O  O   . ILE A 1 41  ? -7.805  -0.456  -4.150  1.00 12.18 ? 183 ILE A O   1 
ATOM   311  C  CB  . ILE A 1 41  ? -4.824  0.904   -5.000  1.00 7.82  ? 183 ILE A CB  1 
ATOM   312  C  CG1 . ILE A 1 41  ? -3.360  0.468   -5.025  1.00 12.13 ? 183 ILE A CG1 1 
ATOM   313  C  CG2 . ILE A 1 41  ? -5.178  1.436   -3.623  1.00 15.07 ? 183 ILE A CG2 1 
ATOM   314  C  CD1 . ILE A 1 41  ? -2.397  1.600   -4.772  1.00 13.73 ? 183 ILE A CD1 1 
ATOM   315  N  N   . LEU A 1 42  ? -7.812  0.905   -5.950  1.00 13.49 ? 184 LEU A N   1 
ATOM   316  C  CA  . LEU A 1 42  ? -9.223  1.234   -5.771  1.00 18.83 ? 184 LEU A CA  1 
ATOM   317  C  C   . LEU A 1 42  ? -10.101 -0.012  -5.834  1.00 12.29 ? 184 LEU A C   1 
ATOM   318  O  O   . LEU A 1 42  ? -11.002 -0.182  -5.011  1.00 13.43 ? 184 LEU A O   1 
ATOM   319  C  CB  . LEU A 1 42  ? -9.661  2.248   -6.825  1.00 9.98  ? 184 LEU A CB  1 
ATOM   320  C  CG  . LEU A 1 42  ? -9.092  3.654   -6.642  1.00 15.22 ? 184 LEU A CG  1 
ATOM   321  C  CD1 . LEU A 1 42  ? -9.324  4.482   -7.895  1.00 13.77 ? 184 LEU A CD1 1 
ATOM   322  C  CD2 . LEU A 1 42  ? -9.715  4.314   -5.424  1.00 16.20 ? 184 LEU A CD2 1 
ATOM   323  N  N   . LYS A 1 43  ? -9.849  -0.893  -6.803  1.00 12.09 ? 185 LYS A N   1 
ATOM   324  C  CA  . LYS A 1 43  ? -10.678 -2.081  -6.988  1.00 15.69 ? 185 LYS A CA  1 
ATOM   325  C  C   . LYS A 1 43  ? -10.612 -2.997  -5.770  1.00 14.62 ? 185 LYS A C   1 
ATOM   326  O  O   . LYS A 1 43  ? -11.645 -3.439  -5.242  1.00 16.28 ? 185 LYS A O   1 
ATOM   327  C  CB  . LYS A 1 43  ? -10.219 -2.806  -8.252  1.00 14.04 ? 185 LYS A CB  1 
ATOM   328  C  CG  . LYS A 1 43  ? -10.711 -4.223  -8.435  1.00 20.20 ? 185 LYS A CG  1 
ATOM   329  C  CD  . LYS A 1 43  ? -10.099 -4.794  -9.707  1.00 29.86 ? 185 LYS A CD  1 
ATOM   330  C  CE  . LYS A 1 43  ? -10.901 -5.953  -10.260 1.00 42.63 ? 185 LYS A CE  1 
ATOM   331  N  NZ  . LYS A 1 43  ? -10.468 -6.292  -11.646 1.00 42.40 ? 185 LYS A NZ  1 
ATOM   332  N  N   . ILE A 1 44  ? -9.394  -3.287  -5.304  1.00 11.63 ? 186 ILE A N   1 
ATOM   333  C  CA  . ILE A 1 44  ? -9.219  -4.153  -4.141  1.00 10.16 ? 186 ILE A CA  1 
ATOM   334  C  C   . ILE A 1 44  ? -9.893  -3.540  -2.919  1.00 11.26 ? 186 ILE A C   1 
ATOM   335  O  O   . ILE A 1 44  ? -10.653 -4.208  -2.204  1.00 11.63 ? 186 ILE A O   1 
ATOM   336  C  CB  . ILE A 1 44  ? -7.724  -4.407  -3.887  1.00 8.96  ? 186 ILE A CB  1 
ATOM   337  C  CG1 . ILE A 1 44  ? -7.083  -5.088  -5.096  1.00 7.34  ? 186 ILE A CG1 1 
ATOM   338  C  CG2 . ILE A 1 44  ? -7.531  -5.239  -2.620  1.00 12.03 ? 186 ILE A CG2 1 
ATOM   339  C  CD1 . ILE A 1 44  ? -5.573  -5.029  -5.075  1.00 8.93  ? 186 ILE A CD1 1 
ATOM   340  N  N   . LEU A 1 45  ? -9.615  -2.257  -2.660  1.00 8.48  ? 187 LEU A N   1 
ATOM   341  C  CA  . LEU A 1 45  ? -10.205 -1.584  -1.505  1.00 9.18  ? 187 LEU A CA  1 
ATOM   342  C  C   . LEU A 1 45  ? -11.725 -1.628  -1.557  1.00 12.95 ? 187 LEU A C   1 
ATOM   343  O  O   . LEU A 1 45  ? -12.382 -2.004  -0.579  1.00 12.69 ? 187 LEU A O   1 
ATOM   344  C  CB  . LEU A 1 45  ? -9.730  -0.135  -1.445  1.00 9.47  ? 187 LEU A CB  1 
ATOM   345  C  CG  . LEU A 1 45  ? -8.311  0.142   -0.964  1.00 12.35 ? 187 LEU A CG  1 
ATOM   346  C  CD1 . LEU A 1 45  ? -7.944  1.573   -1.322  1.00 12.99 ? 187 LEU A CD1 1 
ATOM   347  C  CD2 . LEU A 1 45  ? -8.197  -0.103  0.536   1.00 14.37 ? 187 LEU A CD2 1 
ATOM   348  N  N   . ILE A 1 46  ? -12.300 -1.225  -2.693  1.00 9.58  ? 188 ILE A N   1 
ATOM   349  C  CA  . ILE A 1 46  ? -13.751 -1.197  -2.842  1.00 12.91 ? 188 ILE A CA  1 
ATOM   350  C  C   . ILE A 1 46  ? -14.345 -2.570  -2.564  1.00 13.29 ? 188 ILE A C   1 
ATOM   351  O  O   . ILE A 1 46  ? -15.374 -2.687  -1.889  1.00 13.65 ? 188 ILE A O   1 
ATOM   352  C  CB  . ILE A 1 46  ? -14.136 -0.689  -4.246  1.00 17.00 ? 188 ILE A CB  1 
ATOM   353  C  CG1 . ILE A 1 46  ? -13.823 0.804   -4.386  1.00 24.03 ? 188 ILE A CG1 1 
ATOM   354  C  CG2 . ILE A 1 46  ? -15.607 -0.961  -4.538  1.00 18.25 ? 188 ILE A CG2 1 
ATOM   355  C  CD1 . ILE A 1 46  ? -14.027 1.594   -3.124  1.00 27.71 ? 188 ILE A CD1 1 
ATOM   356  N  N   . LYS A 1 47  ? -13.704 -3.632  -3.065  1.00 14.63 ? 189 LYS A N   1 
ATOM   357  C  CA  . LYS A 1 47  ? -14.239 -4.973  -2.832  1.00 17.14 ? 189 LYS A CA  1 
ATOM   358  C  C   . LYS A 1 47  ? -14.180 -5.346  -1.352  1.00 13.94 ? 189 LYS A C   1 
ATOM   359  O  O   . LYS A 1 47  ? -15.168 -5.836  -0.783  1.00 16.81 ? 189 LYS A O   1 
ATOM   360  C  CB  . LYS A 1 47  ? -13.487 -5.999  -3.683  1.00 18.02 ? 189 LYS A CB  1 
ATOM   361  C  CG  . LYS A 1 47  ? -14.159 -7.369  -3.752  1.00 36.53 ? 189 LYS A CG  1 
ATOM   362  C  CD  . LYS A 1 47  ? -15.184 -7.450  -4.886  1.00 41.87 ? 189 LYS A CD  1 
ATOM   363  C  CE  . LYS A 1 47  ? -15.373 -8.889  -5.385  1.00 37.12 ? 189 LYS A CE  1 
ATOM   364  N  NZ  . LYS A 1 47  ? -16.536 -9.042  -6.310  1.00 34.32 ? 189 LYS A NZ  1 
ATOM   365  N  N   . VAL A 1 48  ? -13.031 -5.120  -0.706  1.00 10.37 ? 190 VAL A N   1 
ATOM   366  C  CA  . VAL A 1 48  ? -12.909 -5.453  0.715   1.00 12.17 ? 190 VAL A CA  1 
ATOM   367  C  C   . VAL A 1 48  ? -13.966 -4.714  1.529   1.00 15.81 ? 190 VAL A C   1 
ATOM   368  O  O   . VAL A 1 48  ? -14.681 -5.312  2.344   1.00 16.18 ? 190 VAL A O   1 
ATOM   369  C  CB  . VAL A 1 48  ? -11.492 -5.142  1.228   1.00 14.06 ? 190 VAL A CB  1 
ATOM   370  C  CG1 . VAL A 1 48  ? -11.423 -5.383  2.730   1.00 17.10 ? 190 VAL A CG1 1 
ATOM   371  C  CG2 . VAL A 1 48  ? -10.466 -5.994  0.506   1.00 18.90 ? 190 VAL A CG2 1 
ATOM   372  N  N   . PHE A 1 49  ? -14.078 -3.400  1.318   1.00 14.18 ? 191 PHE A N   1 
ATOM   373  C  CA  . PHE A 1 49  ? -15.087 -2.618  2.027   1.00 9.31  ? 191 PHE A CA  1 
ATOM   374  C  C   . PHE A 1 49  ? -16.490 -3.131  1.729   1.00 12.41 ? 191 PHE A C   1 
ATOM   375  O  O   . PHE A 1 49  ? -17.356 -3.142  2.612   1.00 12.97 ? 191 PHE A O   1 
ATOM   376  C  CB  . PHE A 1 49  ? -14.971 -1.140  1.647   1.00 14.28 ? 191 PHE A CB  1 
ATOM   377  C  CG  . PHE A 1 49  ? -13.703 -0.485  2.124   1.00 16.98 ? 191 PHE A CG  1 
ATOM   378  C  CD1 . PHE A 1 49  ? -13.247 -0.685  3.414   1.00 18.88 ? 191 PHE A CD1 1 
ATOM   379  C  CD2 . PHE A 1 49  ? -12.972 0.334   1.278   1.00 23.01 ? 191 PHE A CD2 1 
ATOM   380  C  CE1 . PHE A 1 49  ? -12.082 -0.082  3.853   1.00 26.71 ? 191 PHE A CE1 1 
ATOM   381  C  CE2 . PHE A 1 49  ? -11.808 0.938   1.711   1.00 21.59 ? 191 PHE A CE2 1 
ATOM   382  C  CZ  . PHE A 1 49  ? -11.362 0.729   3.000   1.00 19.60 ? 191 PHE A CZ  1 
ATOM   383  N  N   . PHE A 1 50  ? -16.730 -3.561  0.489   1.00 14.85 ? 192 PHE A N   1 
ATOM   384  C  CA  . PHE A 1 50  ? -18.049 -4.048  0.106   1.00 15.61 ? 192 PHE A CA  1 
ATOM   385  C  C   . PHE A 1 50  ? -18.428 -5.286  0.904   1.00 21.40 ? 192 PHE A C   1 
ATOM   386  O  O   . PHE A 1 50  ? -19.543 -5.382  1.430   1.00 11.79 ? 192 PHE A O   1 
ATOM   387  C  CB  . PHE A 1 50  ? -18.088 -4.343  -1.394  1.00 12.08 ? 192 PHE A CB  1 
ATOM   388  C  CG  . PHE A 1 50  ? -19.385 -4.950  -1.863  1.00 19.73 ? 192 PHE A CG  1 
ATOM   389  C  CD1 . PHE A 1 50  ? -20.459 -4.143  -2.205  1.00 21.25 ? 192 PHE A CD1 1 
ATOM   390  C  CD2 . PHE A 1 50  ? -19.526 -6.325  -1.972  1.00 20.49 ? 192 PHE A CD2 1 
ATOM   391  C  CE1 . PHE A 1 50  ? -21.651 -4.697  -2.637  1.00 24.03 ? 192 PHE A CE1 1 
ATOM   392  C  CE2 . PHE A 1 50  ? -20.715 -6.884  -2.403  1.00 24.52 ? 192 PHE A CE2 1 
ATOM   393  C  CZ  . PHE A 1 50  ? -21.777 -6.072  -2.739  1.00 20.40 ? 192 PHE A CZ  1 
ATOM   394  N  N   . TYR A 1 51  ? -17.512 -6.251  1.009   1.00 14.74 ? 193 TYR A N   1 
ATOM   395  C  CA  . TYR A 1 51  ? -17.863 -7.476  1.719   1.00 12.87 ? 193 TYR A CA  1 
ATOM   396  C  C   . TYR A 1 51  ? -17.771 -7.335  3.232   1.00 22.94 ? 193 TYR A C   1 
ATOM   397  O  O   . TYR A 1 51  ? -18.371 -8.142  3.950   1.00 16.89 ? 193 TYR A O   1 
ATOM   398  C  CB  . TYR A 1 51  ? -16.998 -8.633  1.235   1.00 18.40 ? 193 TYR A CB  1 
ATOM   399  C  CG  . TYR A 1 51  ? -17.366 -9.037  -0.165  1.00 14.37 ? 193 TYR A CG  1 
ATOM   400  C  CD1 . TYR A 1 51  ? -18.528 -9.756  -0.422  1.00 21.11 ? 193 TYR A CD1 1 
ATOM   401  C  CD2 . TYR A 1 51  ? -16.577 -8.671  -1.236  1.00 24.93 ? 193 TYR A CD2 1 
ATOM   402  C  CE1 . TYR A 1 51  ? -18.878 -10.111 -1.709  1.00 24.19 ? 193 TYR A CE1 1 
ATOM   403  C  CE2 . TYR A 1 51  ? -16.920 -9.021  -2.513  1.00 19.18 ? 193 TYR A CE2 1 
ATOM   404  C  CZ  . TYR A 1 51  ? -18.065 -9.740  -2.755  1.00 26.87 ? 193 TYR A CZ  1 
ATOM   405  O  OH  . TYR A 1 51  ? -18.386 -10.081 -4.050  1.00 29.61 ? 193 TYR A OH  1 
ATOM   406  N  N   . ILE A 1 52  ? -17.048 -6.333  3.732   1.00 14.18 ? 194 ILE A N   1 
ATOM   407  C  CA  . ILE A 1 52  ? -17.176 -5.984  5.144   1.00 20.06 ? 194 ILE A CA  1 
ATOM   408  C  C   . ILE A 1 52  ? -18.572 -5.436  5.421   1.00 21.65 ? 194 ILE A C   1 
ATOM   409  O  O   . ILE A 1 52  ? -19.248 -5.862  6.365   1.00 20.49 ? 194 ILE A O   1 
ATOM   410  C  CB  . ILE A 1 52  ? -16.083 -4.980  5.555   1.00 20.56 ? 194 ILE A CB  1 
ATOM   411  C  CG1 . ILE A 1 52  ? -14.733 -5.682  5.695   1.00 24.93 ? 194 ILE A CG1 1 
ATOM   412  C  CG2 . ILE A 1 52  ? -16.459 -4.276  6.859   1.00 19.57 ? 194 ILE A CG2 1 
ATOM   413  C  CD1 . ILE A 1 52  ? -13.560 -4.722  5.768   1.00 19.33 ? 194 ILE A CD1 1 
ATOM   414  N  N   . ASP A 1 53  ? -19.032 -4.502  4.581   1.00 19.50 ? 195 ASP A N   1 
ATOM   415  C  CA  . ASP A 1 53  ? -20.328 -3.863  4.806   1.00 18.15 ? 195 ASP A CA  1 
ATOM   416  C  C   . ASP A 1 53  ? -21.478 -4.851  4.644   1.00 23.29 ? 195 ASP A C   1 
ATOM   417  O  O   . ASP A 1 53  ? -22.452 -4.811  5.406   1.00 22.47 ? 195 ASP A O   1 
ATOM   418  C  CB  . ASP A 1 53  ? -20.505 -2.683  3.850   1.00 19.56 ? 195 ASP A CB  1 
ATOM   419  C  CG  . ASP A 1 53  ? -19.471 -1.599  4.065   1.00 20.20 ? 195 ASP A CG  1 
ATOM   420  O  OD1 . ASP A 1 53  ? -18.849 -1.575  5.146   1.00 14.09 ? 195 ASP A OD1 1 
ATOM   421  O  OD2 . ASP A 1 53  ? -19.274 -0.772  3.149   1.00 16.43 ? 195 ASP A OD2 1 
ATOM   422  N  N   . SER A 1 54  ? -21.398 -5.734  3.651   1.00 18.84 ? 196 SER A N   1 
ATOM   423  C  CA  . SER A 1 54  ? -22.435 -6.746  3.493   1.00 23.41 ? 196 SER A CA  1 
ATOM   424  C  C   . SER A 1 54  ? -22.327 -7.860  4.523   1.00 18.90 ? 196 SER A C   1 
ATOM   425  O  O   . SER A 1 54  ? -23.167 -8.766  4.515   1.00 32.64 ? 196 SER A O   1 
ATOM   426  C  CB  . SER A 1 54  ? -22.384 -7.335  2.083   1.00 22.54 ? 196 SER A CB  1 
ATOM   427  O  OG  . SER A 1 54  ? -21.264 -8.188  1.937   1.00 27.77 ? 196 SER A OG  1 
ATOM   428  N  N   . LYS A 1 55  ? -21.319 -7.813  5.393   1.00 22.64 ? 197 LYS A N   1 
ATOM   429  C  CA  . LYS A 1 55  ? -21.068 -8.780  6.456   1.00 26.93 ? 197 LYS A CA  1 
ATOM   430  C  C   . LYS A 1 55  ? -20.659 -10.148 5.928   1.00 22.28 ? 197 LYS A C   1 
ATOM   431  O  O   . LYS A 1 55  ? -20.655 -11.121 6.690   1.00 34.18 ? 197 LYS A O   1 
ATOM   432  C  CB  . LYS A 1 55  ? -22.275 -8.921  7.393   1.00 27.58 ? 197 LYS A CB  1 
ATOM   433  C  CG  . LYS A 1 55  ? -22.806 -7.590  7.906   1.00 28.41 ? 197 LYS A CG  1 
ATOM   434  C  CD  . LYS A 1 55  ? -23.517 -7.742  9.238   1.00 38.96 ? 197 LYS A CD  1 
ATOM   435  C  CE  . LYS A 1 55  ? -23.948 -6.391  9.785   1.00 48.60 ? 197 LYS A CE  1 
ATOM   436  N  NZ  . LYS A 1 55  ? -25.009 -5.767  8.944   1.00 50.66 ? 197 LYS A NZ  1 
ATOM   437  N  N   . ALA A 1 56  ? -20.310 -10.255 4.643   1.00 29.65 ? 198 ALA A N   1 
ATOM   438  C  CA  . ALA A 1 56  ? -19.707 -11.489 4.150   1.00 16.99 ? 198 ALA A CA  1 
ATOM   439  C  C   . ALA A 1 56  ? -18.328 -11.704 4.757   1.00 27.53 ? 198 ALA A C   1 
ATOM   440  O  O   . ALA A 1 56  ? -17.876 -12.848 4.879   1.00 32.13 ? 198 ALA A O   1 
ATOM   441  C  CB  . ALA A 1 56  ? -19.621 -11.467 2.624   1.00 20.04 ? 198 ALA A CB  1 
ATOM   442  N  N   . ILE A 1 57  ? -17.652 -10.622 5.134   1.00 27.59 ? 199 ILE A N   1 
ATOM   443  C  CA  . ILE A 1 57  ? -16.405 -10.671 5.885   1.00 25.71 ? 199 ILE A CA  1 
ATOM   444  C  C   . ILE A 1 57  ? -16.654 -10.052 7.251   1.00 30.90 ? 199 ILE A C   1 
ATOM   445  O  O   . ILE A 1 57  ? -17.283 -8.992  7.355   1.00 26.07 ? 199 ILE A O   1 
ATOM   446  C  CB  . ILE A 1 57  ? -15.263 -9.927  5.167   1.00 24.50 ? 199 ILE A CB  1 
ATOM   447  C  CG1 . ILE A 1 57  ? -15.094 -10.432 3.737   1.00 28.66 ? 199 ILE A CG1 1 
ATOM   448  C  CG2 . ILE A 1 57  ? -13.969 -10.107 5.926   1.00 32.72 ? 199 ILE A CG2 1 
ATOM   449  C  CD1 . ILE A 1 57  ? -14.013 -9.698  2.967   1.00 20.74 ? 199 ILE A CD1 1 
ATOM   450  N  N   . GLN A 1 58  ? -16.164 -10.709 8.296   1.00 27.22 ? 200 GLN A N   1 
ATOM   451  C  CA  . GLN A 1 58  ? -16.266 -10.174 9.643   1.00 47.06 ? 200 GLN A CA  1 
ATOM   452  C  C   . GLN A 1 58  ? -15.017 -9.372  9.985   1.00 42.27 ? 200 GLN A C   1 
ATOM   453  O  O   . GLN A 1 58  ? -13.917 -9.670  9.510   1.00 35.67 ? 200 GLN A O   1 
ATOM   454  C  CB  . GLN A 1 58  ? -16.469 -11.297 10.661  1.00 38.33 ? 200 GLN A CB  1 
ATOM   455  C  CG  . GLN A 1 58  ? -17.541 -12.301 10.266  1.00 53.44 ? 200 GLN A CG  1 
ATOM   456  C  CD  . GLN A 1 58  ? -18.724 -12.282 11.213  1.00 72.88 ? 200 GLN A CD  1 
ATOM   457  O  OE1 . GLN A 1 58  ? -18.834 -11.401 12.069  1.00 56.36 ? 200 GLN A OE1 1 
ATOM   458  N  NE2 . GLN A 1 58  ? -19.621 -13.251 11.064  1.00 65.18 ? 200 GLN A NE2 1 
ATOM   459  N  N   . ILE A 1 59  ? -15.203 -8.348  10.823  1.00 42.40 ? 201 ILE A N   1 
ATOM   460  C  CA  . ILE A 1 59  ? -14.113 -7.433  11.160  1.00 37.03 ? 201 ILE A CA  1 
ATOM   461  C  C   . ILE A 1 59  ? -12.915 -8.198  11.709  1.00 34.82 ? 201 ILE A C   1 
ATOM   462  O  O   . ILE A 1 59  ? -11.760 -7.876  11.401  1.00 44.10 ? 201 ILE A O   1 
ATOM   463  C  CB  . ILE A 1 59  ? -14.605 -6.363  12.155  1.00 47.42 ? 201 ILE A CB  1 
ATOM   464  C  CG1 . ILE A 1 59  ? -15.709 -5.511  11.522  1.00 59.50 ? 201 ILE A CG1 1 
ATOM   465  C  CG2 . ILE A 1 59  ? -13.453 -5.479  12.609  1.00 50.67 ? 201 ILE A CG2 1 
ATOM   466  C  CD1 . ILE A 1 59  ? -15.198 -4.454  10.560  1.00 45.92 ? 201 ILE A CD1 1 
ATOM   467  N  N   . GLY A 1 60  ? -13.171 -9.234  12.511  1.00 38.61 ? 202 GLY A N   1 
ATOM   468  C  CA  . GLY A 1 60  ? -12.077 -10.030 13.047  1.00 30.12 ? 202 GLY A CA  1 
ATOM   469  C  C   . GLY A 1 60  ? -11.212 -10.645 11.965  1.00 41.53 ? 202 GLY A C   1 
ATOM   470  O  O   . GLY A 1 60  ? -9.985  -10.697 12.092  1.00 50.46 ? 202 GLY A O   1 
ATOM   471  N  N   . ASP A 1 61  ? -11.837 -11.103 10.874  1.00 37.87 ? 203 ASP A N   1 
ATOM   472  C  CA  . ASP A 1 61  ? -11.082 -11.679 9.766   1.00 36.90 ? 203 ASP A CA  1 
ATOM   473  C  C   . ASP A 1 61  ? -10.096 -10.679 9.176   1.00 28.34 ? 203 ASP A C   1 
ATOM   474  O  O   . ASP A 1 61  ? -9.099  -11.080 8.569   1.00 29.60 ? 203 ASP A O   1 
ATOM   475  C  CB  . ASP A 1 61  ? -12.034 -12.171 8.676   1.00 39.38 ? 203 ASP A CB  1 
ATOM   476  C  CG  . ASP A 1 61  ? -13.222 -12.929 9.235   1.00 52.40 ? 203 ASP A CG  1 
ATOM   477  O  OD1 . ASP A 1 61  ? -13.039 -13.706 10.194  1.00 32.32 ? 203 ASP A OD1 1 
ATOM   478  O  OD2 . ASP A 1 61  ? -14.342 -12.743 8.713   1.00 47.53 ? 203 ASP A OD2 1 
ATOM   479  N  N   . LEU A 1 62  ? -10.358 -9.381  9.340   1.00 32.99 ? 204 LEU A N   1 
ATOM   480  C  CA  . LEU A 1 62  ? -9.462  -8.361  8.812   1.00 30.36 ? 204 LEU A CA  1 
ATOM   481  C  C   . LEU A 1 62  ? -8.182  -8.233  9.625   1.00 22.68 ? 204 LEU A C   1 
ATOM   482  O  O   . LEU A 1 62  ? -7.194  -7.690  9.111   1.00 29.19 ? 204 LEU A O   1 
ATOM   483  C  CB  . LEU A 1 62  ? -10.173 -7.009  8.766   1.00 25.81 ? 204 LEU A CB  1 
ATOM   484  C  CG  . LEU A 1 62  ? -10.716 -6.554  7.412   1.00 37.56 ? 204 LEU A CG  1 
ATOM   485  C  CD1 . LEU A 1 62  ? -9.580  -6.311  6.428   1.00 38.54 ? 204 LEU A CD1 1 
ATOM   486  C  CD2 . LEU A 1 62  ? -11.683 -7.581  6.869   1.00 40.80 ? 204 LEU A CD2 1 
ATOM   487  N  N   . ALA A 1 63  ? -8.178  -8.735  10.865  1.00 19.35 ? 205 ALA A N   1 
ATOM   488  C  CA  . ALA A 1 63  ? -7.070  -8.489  11.787  1.00 23.13 ? 205 ALA A CA  1 
ATOM   489  C  C   . ALA A 1 63  ? -5.720  -8.776  11.142  1.00 24.08 ? 205 ALA A C   1 
ATOM   490  O  O   . ALA A 1 63  ? -4.820  -7.927  11.152  1.00 20.22 ? 205 ALA A O   1 
ATOM   491  C  CB  . ALA A 1 63  ? -7.251  -9.332  13.051  1.00 26.48 ? 205 ALA A CB  1 
ATOM   492  N  N   . LYS A 1 64  ? -5.581  -9.965  10.542  1.00 11.53 ? 206 LYS A N   1 
ATOM   493  C  CA  . LYS A 1 64  ? -4.318  -10.370 9.933   1.00 15.49 ? 206 LYS A CA  1 
ATOM   494  C  C   . LYS A 1 64  ? -3.808  -9.322  8.952   1.00 11.62 ? 206 LYS A C   1 
ATOM   495  O  O   . LYS A 1 64  ? -2.630  -8.950  8.979   1.00 11.64 ? 206 LYS A O   1 
ATOM   496  C  CB  . LYS A 1 64  ? -4.483  -11.716 9.225   1.00 21.79 ? 206 LYS A CB  1 
ATOM   497  C  CG  . LYS A 1 64  ? -5.016  -12.845 10.089  1.00 22.80 ? 206 LYS A CG  1 
ATOM   498  C  CD  . LYS A 1 64  ? -4.879  -14.174 9.357   1.00 35.98 ? 206 LYS A CD  1 
ATOM   499  C  CE  . LYS A 1 64  ? -5.453  -15.333 10.156  1.00 42.37 ? 206 LYS A CE  1 
ATOM   500  N  NZ  . LYS A 1 64  ? -4.916  -16.644 9.680   1.00 17.66 ? 206 LYS A NZ  1 
ATOM   501  N  N   . VAL A 1 65  ? -4.679  -8.840  8.065   1.00 14.51 ? 207 VAL A N   1 
ATOM   502  C  CA  . VAL A 1 65  ? -4.249  -7.820  7.114   1.00 11.97 ? 207 VAL A CA  1 
ATOM   503  C  C   . VAL A 1 65  ? -3.895  -6.540  7.856   1.00 14.94 ? 207 VAL A C   1 
ATOM   504  O  O   . VAL A 1 65  ? -2.816  -5.962  7.660   1.00 13.69 ? 207 VAL A O   1 
ATOM   505  C  CB  . VAL A 1 65  ? -5.333  -7.580  6.047   1.00 17.35 ? 207 VAL A CB  1 
ATOM   506  C  CG1 . VAL A 1 65  ? -4.810  -6.656  4.956   1.00 12.03 ? 207 VAL A CG1 1 
ATOM   507  C  CG2 . VAL A 1 65  ? -5.787  -8.899  5.444   1.00 23.95 ? 207 VAL A CG2 1 
ATOM   508  N  N   . ASP A 1 66  ? -4.773  -6.121  8.770   1.00 13.51 ? 208 ASP A N   1 
ATOM   509  C  CA  . ASP A 1 66  ? -4.579  -4.872  9.495   1.00 20.49 ? 208 ASP A CA  1 
ATOM   510  C  C   . ASP A 1 66  ? -3.190  -4.823  10.114  1.00 17.88 ? 208 ASP A C   1 
ATOM   511  O  O   . ASP A 1 66  ? -2.361  -3.968  9.766   1.00 13.42 ? 208 ASP A O   1 
ATOM   512  C  CB  . ASP A 1 66  ? -5.665  -4.733  10.565  1.00 21.62 ? 208 ASP A CB  1 
ATOM   513  C  CG  . ASP A 1 66  ? -5.381  -3.618  11.543  1.00 24.76 ? 208 ASP A CG  1 
ATOM   514  O  OD1 . ASP A 1 66  ? -5.545  -2.443  11.164  1.00 23.95 ? 208 ASP A OD1 1 
ATOM   515  O  OD2 . ASP A 1 66  ? -4.999  -3.916  12.693  1.00 25.38 ? 208 ASP A OD2 1 
ATOM   516  N  N   . ARG A 1 67  ? -2.905  -5.787  10.992  1.00 14.28 ? 209 ARG A N   1 
ATOM   517  C  CA  A ARG A 1 67  ? -1.602  -5.842  11.645  0.54 14.33 ? 209 ARG A CA  1 
ATOM   518  C  CA  B ARG A 1 67  ? -1.602  -5.842  11.645  0.46 14.34 ? 209 ARG A CA  1 
ATOM   519  C  C   . ARG A 1 67  ? -0.476  -5.778  10.623  1.00 10.09 ? 209 ARG A C   1 
ATOM   520  O  O   . ARG A 1 67  ? 0.446   -4.960  10.746  1.00 12.60 ? 209 ARG A O   1 
ATOM   521  C  CB  A ARG A 1 67  ? -1.494  -7.113  12.489  0.54 16.56 ? 209 ARG A CB  1 
ATOM   522  C  CB  B ARG A 1 67  ? -1.499  -7.112  12.491  0.46 16.58 ? 209 ARG A CB  1 
ATOM   523  C  CG  A ARG A 1 67  ? -2.078  -6.976  13.884  0.54 25.34 ? 209 ARG A CG  1 
ATOM   524  C  CG  B ARG A 1 67  ? -2.522  -7.184  13.612  0.46 24.43 ? 209 ARG A CG  1 
ATOM   525  C  CD  A ARG A 1 67  ? -1.741  -8.184  14.749  0.54 32.47 ? 209 ARG A CD  1 
ATOM   526  C  CD  B ARG A 1 67  ? -2.853  -8.623  13.981  0.46 28.45 ? 209 ARG A CD  1 
ATOM   527  N  NE  A ARG A 1 67  ? -2.801  -9.189  14.723  0.54 32.26 ? 209 ARG A NE  1 
ATOM   528  N  NE  B ARG A 1 67  ? -1.660  -9.395  14.317  0.46 25.29 ? 209 ARG A NE  1 
ATOM   529  C  CZ  A ARG A 1 67  ? -3.879  -9.159  15.498  0.54 28.70 ? 209 ARG A CZ  1 
ATOM   530  C  CZ  B ARG A 1 67  ? -1.685  -10.619 14.834  0.46 24.26 ? 209 ARG A CZ  1 
ATOM   531  N  NH1 A ARG A 1 67  ? -4.791  -10.116 15.406  0.54 28.21 ? 209 ARG A NH1 1 
ATOM   532  N  NH1 B ARG A 1 67  ? -2.844  -11.217 15.080  0.46 27.47 ? 209 ARG A NH1 1 
ATOM   533  N  NH2 A ARG A 1 67  ? -4.048  -8.170  16.367  0.54 36.65 ? 209 ARG A NH2 1 
ATOM   534  N  NH2 B ARG A 1 67  ? -0.551  -11.249 15.104  0.46 19.74 ? 209 ARG A NH2 1 
ATOM   535  N  N   . ALA A 1 68  ? -0.557  -6.612  9.580   1.00 10.19 ? 210 ALA A N   1 
ATOM   536  C  CA  . ALA A 1 68  ? 0.518   -6.639  8.597   1.00 9.64  ? 210 ALA A CA  1 
ATOM   537  C  C   . ALA A 1 68  ? 0.724   -5.255  8.003   1.00 10.19 ? 210 ALA A C   1 
ATOM   538  O  O   . ALA A 1 68  ? 1.843   -4.723  8.005   1.00 11.01 ? 210 ALA A O   1 
ATOM   539  C  CB  . ALA A 1 68  ? 0.217   -7.665  7.504   1.00 9.89  ? 210 ALA A CB  1 
ATOM   540  N  N   . LEU A 1 69  ? -0.368  -4.624  7.566   1.00 8.30  ? 211 LEU A N   1 
ATOM   541  C  CA  . LEU A 1 69  ? -0.251  -3.303  6.966   1.00 7.81  ? 211 LEU A CA  1 
ATOM   542  C  C   . LEU A 1 69  ? 0.410   -2.344  7.939   1.00 7.61  ? 211 LEU A C   1 
ATOM   543  O  O   . LEU A 1 69  ? 1.362   -1.639  7.585   1.00 10.16 ? 211 LEU A O   1 
ATOM   544  C  CB  . LEU A 1 69  ? -1.628  -2.790  6.546   1.00 8.57  ? 211 LEU A CB  1 
ATOM   545  C  CG  . LEU A 1 69  ? -2.243  -3.461  5.317   1.00 6.43  ? 211 LEU A CG  1 
ATOM   546  C  CD1 . LEU A 1 69  ? -3.649  -2.936  5.086   1.00 12.06 ? 211 LEU A CD1 1 
ATOM   547  C  CD2 . LEU A 1 69  ? -1.373  -3.234  4.088   1.00 12.63 ? 211 LEU A CD2 1 
ATOM   548  N  N   . ARG A 1 70  ? -0.031  -2.367  9.198   1.00 10.44 ? 212 ARG A N   1 
ATOM   549  C  CA  . ARG A 1 70  ? 0.523   -1.420  10.153  1.00 10.88 ? 212 ARG A CA  1 
ATOM   550  C  C   . ARG A 1 70  ? 2.007   -1.678  10.349  1.00 8.91  ? 212 ARG A C   1 
ATOM   551  O  O   . ARG A 1 70  ? 2.814   -0.739  10.313  1.00 9.14  ? 212 ARG A O   1 
ATOM   552  C  CB  . ARG A 1 70  ? -0.262  -1.482  11.465  1.00 8.34  ? 212 ARG A CB  1 
ATOM   553  C  CG  . ARG A 1 70  ? -1.657  -0.878  11.299  1.00 10.69 ? 212 ARG A CG  1 
ATOM   554  C  CD  . ARG A 1 70  ? -2.366  -0.629  12.608  1.00 19.09 ? 212 ARG A CD  1 
ATOM   555  N  NE  . ARG A 1 70  ? -2.868  -1.858  13.211  1.00 21.15 ? 212 ARG A NE  1 
ATOM   556  C  CZ  . ARG A 1 70  ? -2.493  -2.306  14.403  1.00 26.10 ? 212 ARG A CZ  1 
ATOM   557  N  NH1 . ARG A 1 70  ? -1.613  -1.622  15.123  1.00 18.11 ? 212 ARG A NH1 1 
ATOM   558  N  NH2 . ARG A 1 70  ? -3.000  -3.433  14.881  1.00 25.80 ? 212 ARG A NH2 1 
ATOM   559  N  N   . ASP A 1 71  ? 2.397   -2.958  10.433  1.00 10.08 ? 213 ASP A N   1 
ATOM   560  C  CA  . ASP A 1 71  ? 3.818   -3.282  10.493  1.00 6.43  ? 213 ASP A CA  1 
ATOM   561  C  C   . ASP A 1 71  ? 4.545   -2.646  9.322   1.00 10.04 ? 213 ASP A C   1 
ATOM   562  O  O   . ASP A 1 71  ? 5.519   -1.905  9.504   1.00 9.81  ? 213 ASP A O   1 
ATOM   563  C  CB  . ASP A 1 71  ? 4.025   -4.797  10.489  1.00 7.82  ? 213 ASP A CB  1 
ATOM   564  C  CG  . ASP A 1 71  ? 3.859   -5.415  11.857  1.00 14.12 ? 213 ASP A CG  1 
ATOM   565  O  OD1 . ASP A 1 71  ? 3.596   -6.633  11.920  1.00 16.44 ? 213 ASP A OD1 1 
ATOM   566  O  OD2 . ASP A 1 71  ? 3.985   -4.688  12.867  1.00 13.50 ? 213 ASP A OD2 1 
ATOM   567  N  N   . GLY A 1 72  ? 4.032   -2.878  8.109   1.00 10.69 ? 214 GLY A N   1 
ATOM   568  C  CA  . GLY A 1 72  ? 4.643   -2.281  6.937   1.00 10.99 ? 214 GLY A CA  1 
ATOM   569  C  C   . GLY A 1 72  ? 4.776   -0.784  7.084   1.00 8.01  ? 214 GLY A C   1 
ATOM   570  O  O   . GLY A 1 72  ? 5.875   -0.231  6.969   1.00 9.27  ? 214 GLY A O   1 
ATOM   571  N  N   . PHE A 1 73  ? 3.662   -0.118  7.421   1.00 10.51 ? 215 PHE A N   1 
ATOM   572  C  CA  . PHE A 1 73  ? 3.692   1.333   7.550   1.00 6.99  ? 215 PHE A CA  1 
ATOM   573  C  C   . PHE A 1 73  ? 4.759   1.742   8.550   1.00 11.12 ? 215 PHE A C   1 
ATOM   574  O  O   . PHE A 1 73  ? 5.602   2.609   8.264   1.00 11.39 ? 215 PHE A O   1 
ATOM   575  C  CB  . PHE A 1 73  ? 2.321   1.863   7.985   1.00 10.76 ? 215 PHE A CB  1 
ATOM   576  C  CG  . PHE A 1 73  ? 1.211   1.608   6.993   1.00 13.18 ? 215 PHE A CG  1 
ATOM   577  C  CD1 . PHE A 1 73  ? 1.488   1.213   5.694   1.00 11.56 ? 215 PHE A CD1 1 
ATOM   578  C  CD2 . PHE A 1 73  ? -0.116  1.785   7.365   1.00 11.79 ? 215 PHE A CD2 1 
ATOM   579  C  CE1 . PHE A 1 73  ? 0.463   0.985   4.786   1.00 11.42 ? 215 PHE A CE1 1 
ATOM   580  C  CE2 . PHE A 1 73  ? -1.144  1.560   6.462   1.00 14.95 ? 215 PHE A CE2 1 
ATOM   581  C  CZ  . PHE A 1 73  ? -0.852  1.159   5.171   1.00 10.75 ? 215 PHE A CZ  1 
ATOM   582  N  N   . ASN A 1 74  ? 4.803   1.037   9.683   1.00 6.89  ? 216 ASN A N   1 
ATOM   583  C  CA  . ASN A 1 74  ? 5.727   1.403   10.744  1.00 8.31  ? 216 ASN A CA  1 
ATOM   584  C  C   . ASN A 1 74  ? 7.156   1.352   10.234  1.00 10.83 ? 216 ASN A C   1 
ATOM   585  O  O   . ASN A 1 74  ? 7.932   2.296   10.429  1.00 9.71  ? 216 ASN A O   1 
ATOM   586  C  CB  . ASN A 1 74  ? 5.530   0.469   11.935  1.00 4.48  ? 216 ASN A CB  1 
ATOM   587  C  CG  . ASN A 1 74  ? 6.192   0.976   13.195  1.00 11.62 ? 216 ASN A CG  1 
ATOM   588  O  OD1 . ASN A 1 74  ? 6.334   2.180   13.406  1.00 12.04 ? 216 ASN A OD1 1 
ATOM   589  N  ND2 . ASN A 1 74  ? 6.604   0.045   14.048  1.00 9.08  ? 216 ASN A ND2 1 
ATOM   590  N  N   . HIS A 1 75  ? 7.502   0.280   9.510   1.00 6.96  ? 217 HIS A N   1 
ATOM   591  C  CA  . HIS A 1 75  ? 8.882   0.150   9.059   1.00 6.70  ? 217 HIS A CA  1 
ATOM   592  C  C   . HIS A 1 75  ? 9.210   1.231   8.045   1.00 11.77 ? 217 HIS A C   1 
ATOM   593  O  O   . HIS A 1 75  ? 10.294  1.829   8.095   1.00 10.79 ? 217 HIS A O   1 
ATOM   594  C  CB  . HIS A 1 75  ? 9.132   -1.248  8.494   1.00 5.76  ? 217 HIS A CB  1 
ATOM   595  C  CG  . HIS A 1 75  ? 9.146   -2.318  9.539   1.00 9.49  ? 217 HIS A CG  1 
ATOM   596  N  ND1 . HIS A 1 75  ? 10.160  -2.438  10.462  1.00 15.24 ? 217 HIS A ND1 1 
ATOM   597  C  CD2 . HIS A 1 75  ? 8.274   -3.321  9.803   1.00 14.78 ? 217 HIS A CD2 1 
ATOM   598  C  CE1 . HIS A 1 75  ? 9.912   -3.464  11.256  1.00 15.79 ? 217 HIS A CE1 1 
ATOM   599  N  NE2 . HIS A 1 75  ? 8.774   -4.018  10.877  1.00 16.77 ? 217 HIS A NE2 1 
ATOM   600  N  N   . LEU A 1 76  ? 8.255   1.545   7.165   1.00 6.74  ? 218 LEU A N   1 
ATOM   601  C  CA  . LEU A 1 76  ? 8.476   2.653   6.248   1.00 8.61  ? 218 LEU A CA  1 
ATOM   602  C  C   . LEU A 1 76  ? 8.720   3.934   7.032   1.00 9.46  ? 218 LEU A C   1 
ATOM   603  O  O   . LEU A 1 76  ? 9.676   4.672   6.751   1.00 8.05  ? 218 LEU A O   1 
ATOM   604  C  CB  . LEU A 1 76  ? 7.289   2.797   5.299   1.00 4.79  ? 218 LEU A CB  1 
ATOM   605  C  CG  . LEU A 1 76  ? 7.145   1.669   4.270   1.00 7.66  ? 218 LEU A CG  1 
ATOM   606  C  CD1 . LEU A 1 76  ? 5.811   1.769   3.553   1.00 7.41  ? 218 LEU A CD1 1 
ATOM   607  C  CD2 . LEU A 1 76  ? 8.292   1.700   3.268   1.00 6.29  ? 218 LEU A CD2 1 
ATOM   608  N  N   . ASP A 1 77  ? 7.918   4.163   8.079   1.00 8.69  ? 219 ASP A N   1 
ATOM   609  C  CA  . ASP A 1 77  ? 8.132   5.334   8.919   1.00 7.35  ? 219 ASP A CA  1 
ATOM   610  C  C   . ASP A 1 77  ? 9.546   5.330   9.479   1.00 8.19  ? 219 ASP A C   1 
ATOM   611  O  O   . ASP A 1 77  ? 10.267  6.332   9.382   1.00 11.39 ? 219 ASP A O   1 
ATOM   612  C  CB  . ASP A 1 77  ? 7.097   5.383   10.039  1.00 11.58 ? 219 ASP A CB  1 
ATOM   613  C  CG  . ASP A 1 77  ? 7.159   6.676   10.827  1.00 17.82 ? 219 ASP A CG  1 
ATOM   614  O  OD1 . ASP A 1 77  ? 7.247   6.606   12.070  1.00 17.67 ? 219 ASP A OD1 1 
ATOM   615  O  OD2 . ASP A 1 77  ? 7.135   7.760   10.203  1.00 14.58 ? 219 ASP A OD2 1 
ATOM   616  N  N   . ARG A 1 78  ? 9.985   4.178   10.002  1.00 12.12 ? 220 ARG A N   1 
ATOM   617  C  CA  . ARG A 1 78  ? 11.340  4.092   10.534  1.00 12.18 ? 220 ARG A CA  1 
ATOM   618  C  C   . ARG A 1 78  ? 12.350  4.470   9.465   1.00 10.60 ? 220 ARG A C   1 
ATOM   619  O  O   . ARG A 1 78  ? 13.224  5.319   9.688   1.00 8.10  ? 220 ARG A O   1 
ATOM   620  C  CB  . ARG A 1 78  ? 11.616  2.683   11.062  1.00 10.72 ? 220 ARG A CB  1 
ATOM   621  C  CG  . ARG A 1 78  ? 10.760  2.283   12.250  1.00 21.02 ? 220 ARG A CG  1 
ATOM   622  C  CD  . ARG A 1 78  ? 11.202  0.942   12.799  1.00 18.21 ? 220 ARG A CD  1 
ATOM   623  N  NE  . ARG A 1 78  ? 10.400  0.518   13.942  1.00 13.02 ? 220 ARG A NE  1 
ATOM   624  C  CZ  . ARG A 1 78  ? 10.470  -0.689  14.490  1.00 20.98 ? 220 ARG A CZ  1 
ATOM   625  N  NH1 . ARG A 1 78  ? 11.307  -1.594  13.997  1.00 17.85 ? 220 ARG A NH1 1 
ATOM   626  N  NH2 . ARG A 1 78  ? 9.703   -0.994  15.529  1.00 22.62 ? 220 ARG A NH2 1 
ATOM   627  N  N   . ALA A 1 79  ? 12.206  3.890   8.269   1.00 6.62  ? 221 ALA A N   1 
ATOM   628  C  CA  . ALA A 1 79  ? 13.166  4.188   7.221   1.00 7.97  ? 221 ALA A CA  1 
ATOM   629  C  C   . ALA A 1 79  ? 13.056  5.639   6.795   1.00 8.45  ? 221 ALA A C   1 
ATOM   630  O  O   . ALA A 1 79  ? 14.071  6.276   6.482   1.00 6.59  ? 221 ALA A O   1 
ATOM   631  C  CB  . ALA A 1 79  ? 12.960  3.256   6.029   1.00 5.50  ? 221 ALA A CB  1 
ATOM   632  N  N   . PHE A 1 80  ? 11.842  6.191   6.822   1.00 5.73  ? 222 PHE A N   1 
ATOM   633  C  CA  . PHE A 1 80  ? 11.699  7.574   6.415   1.00 6.49  ? 222 PHE A CA  1 
ATOM   634  C  C   . PHE A 1 80  ? 12.395  8.516   7.382   1.00 6.89  ? 222 PHE A C   1 
ATOM   635  O  O   . PHE A 1 80  ? 12.718  9.644   6.996   1.00 8.74  ? 222 PHE A O   1 
ATOM   636  C  CB  . PHE A 1 80  ? 10.228  7.956   6.278   1.00 7.38  ? 222 PHE A CB  1 
ATOM   637  C  CG  . PHE A 1 80  ? 10.025  9.335   5.723   1.00 14.63 ? 222 PHE A CG  1 
ATOM   638  C  CD1 . PHE A 1 80  ? 10.342  9.613   4.404   1.00 9.38  ? 222 PHE A CD1 1 
ATOM   639  C  CD2 . PHE A 1 80  ? 9.546   10.360  6.524   1.00 16.21 ? 222 PHE A CD2 1 
ATOM   640  C  CE1 . PHE A 1 80  ? 10.173  10.887  3.888   1.00 11.69 ? 222 PHE A CE1 1 
ATOM   641  C  CE2 . PHE A 1 80  ? 9.372   11.635  6.013   1.00 9.38  ? 222 PHE A CE2 1 
ATOM   642  C  CZ  . PHE A 1 80  ? 9.686   11.898  4.696   1.00 15.67 ? 222 PHE A CZ  1 
ATOM   643  N  N   . ARG A 1 81  ? 12.660  8.072   8.617   1.00 11.74 ? 223 ARG A N   1 
ATOM   644  C  CA  . ARG A 1 81  ? 13.424  8.924   9.525   1.00 14.73 ? 223 ARG A CA  1 
ATOM   645  C  C   . ARG A 1 81  ? 14.808  9.219   8.961   1.00 14.09 ? 223 ARG A C   1 
ATOM   646  O  O   . ARG A 1 81  ? 15.385  10.275  9.246   1.00 12.00 ? 223 ARG A O   1 
ATOM   647  C  CB  . ARG A 1 81  ? 13.524  8.272   10.908  1.00 11.70 ? 223 ARG A CB  1 
ATOM   648  C  CG  . ARG A 1 81  ? 14.347  9.063   11.930  1.00 15.43 ? 223 ARG A CG  1 
ATOM   649  C  CD  . ARG A 1 81  ? 15.770  8.531   12.013  1.00 16.93 ? 223 ARG A CD  1 
ATOM   650  N  NE  . ARG A 1 81  ? 16.596  9.233   12.992  1.00 19.47 ? 223 ARG A NE  1 
ATOM   651  C  CZ  . ARG A 1 81  ? 17.315  10.315  12.716  1.00 26.17 ? 223 ARG A CZ  1 
ATOM   652  N  NH1 . ARG A 1 81  ? 18.044  10.887  13.664  1.00 24.50 ? 223 ARG A NH1 1 
ATOM   653  N  NH2 . ARG A 1 81  ? 17.300  10.832  11.495  1.00 14.04 ? 223 ARG A NH2 1 
ATOM   654  N  N   . TYR A 1 82  ? 15.343  8.315   8.141   1.00 8.41  ? 224 TYR A N   1 
ATOM   655  C  CA  . TYR A 1 82  ? 16.662  8.482   7.547   1.00 11.92 ? 224 TYR A CA  1 
ATOM   656  C  C   . TYR A 1 82  ? 16.601  8.934   6.096   1.00 11.12 ? 224 TYR A C   1 
ATOM   657  O  O   . TYR A 1 82  ? 17.650  9.039   5.451   1.00 10.77 ? 224 TYR A O   1 
ATOM   658  C  CB  . TYR A 1 82  ? 17.457  7.176   7.654   1.00 8.31  ? 224 TYR A CB  1 
ATOM   659  C  CG  . TYR A 1 82  ? 17.552  6.661   9.070   1.00 7.89  ? 224 TYR A CG  1 
ATOM   660  C  CD1 . TYR A 1 82  ? 18.491  7.178   9.956   1.00 8.71  ? 224 TYR A CD1 1 
ATOM   661  C  CD2 . TYR A 1 82  ? 16.685  5.677   9.532   1.00 11.50 ? 224 TYR A CD2 1 
ATOM   662  C  CE1 . TYR A 1 82  ? 18.574  6.714   11.263  1.00 14.14 ? 224 TYR A CE1 1 
ATOM   663  C  CE2 . TYR A 1 82  ? 16.760  5.207   10.830  1.00 19.90 ? 224 TYR A CE2 1 
ATOM   664  C  CZ  . TYR A 1 82  ? 17.703  5.729   11.692  1.00 20.77 ? 224 TYR A CZ  1 
ATOM   665  O  OH  . TYR A 1 82  ? 17.768  5.264   12.984  1.00 30.14 ? 224 TYR A OH  1 
ATOM   666  N  N   . TYR A 1 83  ? 15.411  9.207   5.569   1.00 9.36  ? 225 TYR A N   1 
ATOM   667  C  CA  . TYR A 1 83  ? 15.300  9.679   4.195   1.00 8.23  ? 225 TYR A CA  1 
ATOM   668  C  C   . TYR A 1 83  ? 15.977  11.035  4.058   1.00 15.92 ? 225 TYR A C   1 
ATOM   669  O  O   . TYR A 1 83  ? 15.611  11.995  4.744   1.00 15.92 ? 225 TYR A O   1 
ATOM   670  C  CB  . TYR A 1 83  ? 13.835  9.767   3.774   1.00 9.62  ? 225 TYR A CB  1 
ATOM   671  C  CG  . TYR A 1 83  ? 13.637  10.306  2.372   1.00 11.60 ? 225 TYR A CG  1 
ATOM   672  C  CD1 . TYR A 1 83  ? 13.948  9.537   1.260   1.00 11.87 ? 225 TYR A CD1 1 
ATOM   673  C  CD2 . TYR A 1 83  ? 13.140  11.588  2.162   1.00 23.70 ? 225 TYR A CD2 1 
ATOM   674  C  CE1 . TYR A 1 83  ? 13.771  10.029  -0.028  1.00 17.58 ? 225 TYR A CE1 1 
ATOM   675  C  CE2 . TYR A 1 83  ? 12.957  12.088  0.880   1.00 17.78 ? 225 TYR A CE2 1 
ATOM   676  C  CZ  . TYR A 1 83  ? 13.276  11.305  -0.208  1.00 19.74 ? 225 TYR A CZ  1 
ATOM   677  O  OH  . TYR A 1 83  ? 13.093  11.801  -1.476  1.00 23.30 ? 225 TYR A OH  1 
ATOM   678  N  N   . GLY A 1 84  ? 16.974  11.106  3.180   1.00 16.13 ? 226 GLY A N   1 
ATOM   679  C  CA  . GLY A 1 84  ? 17.722  12.322  2.963   1.00 16.27 ? 226 GLY A CA  1 
ATOM   680  C  C   . GLY A 1 84  ? 19.018  12.422  3.736   1.00 13.79 ? 226 GLY A C   1 
ATOM   681  O  O   . GLY A 1 84  ? 19.831  13.297  3.424   1.00 19.67 ? 226 GLY A O   1 
ATOM   682  N  N   . VAL A 1 85  ? 19.239  11.566  4.732   1.00 16.18 ? 227 VAL A N   1 
ATOM   683  C  CA  . VAL A 1 85  ? 20.492  11.569  5.482   1.00 13.08 ? 227 VAL A CA  1 
ATOM   684  C  C   . VAL A 1 85  ? 21.258  10.259  5.368   1.00 19.85 ? 227 VAL A C   1 
ATOM   685  O  O   . VAL A 1 85  ? 22.442  10.222  5.738   1.00 19.98 ? 227 VAL A O   1 
ATOM   686  C  CB  . VAL A 1 85  ? 20.271  11.927  6.969   1.00 14.10 ? 227 VAL A CB  1 
ATOM   687  C  CG1 . VAL A 1 85  ? 19.842  13.383  7.107   1.00 10.66 ? 227 VAL A CG1 1 
ATOM   688  C  CG2 . VAL A 1 85  ? 19.246  11.008  7.605   1.00 15.03 ? 227 VAL A CG2 1 
ATOM   689  N  N   . LYS A 1 86  ? 20.637  9.187   4.880   1.00 12.53 ? 228 LYS A N   1 
ATOM   690  C  CA  . LYS A 1 86  ? 21.325  7.935   4.601   1.00 14.60 ? 228 LYS A CA  1 
ATOM   691  C  C   . LYS A 1 86  ? 20.910  7.429   3.228   1.00 22.11 ? 228 LYS A C   1 
ATOM   692  O  O   . LYS A 1 86  ? 19.795  7.690   2.767   1.00 18.74 ? 228 LYS A O   1 
ATOM   693  C  CB  . LYS A 1 86  ? 21.017  6.865   5.658   1.00 15.92 ? 228 LYS A CB  1 
ATOM   694  C  CG  . LYS A 1 86  ? 21.634  7.134   7.021   1.00 12.86 ? 228 LYS A CG  1 
ATOM   695  C  CD  . LYS A 1 86  ? 21.485  5.931   7.937   1.00 22.06 ? 228 LYS A CD  1 
ATOM   696  C  CE  . LYS A 1 86  ? 22.182  6.159   9.269   1.00 38.46 ? 228 LYS A CE  1 
ATOM   697  N  NZ  . LYS A 1 86  ? 22.188  4.922   10.104  1.00 48.77 ? 228 LYS A NZ  1 
ATOM   698  N  N   . LYS A 1 87  ? 21.820  6.711   2.574   1.00 16.93 ? 229 LYS A N   1 
ATOM   699  C  CA  . LYS A 1 87  ? 21.501  6.092   1.296   1.00 22.67 ? 229 LYS A CA  1 
ATOM   700  C  C   . LYS A 1 87  ? 20.651  4.845   1.512   1.00 14.91 ? 229 LYS A C   1 
ATOM   701  O  O   . LYS A 1 87  ? 20.660  4.233   2.583   1.00 17.37 ? 229 LYS A O   1 
ATOM   702  C  CB  . LYS A 1 87  ? 22.775  5.731   0.527   1.00 25.22 ? 229 LYS A CB  1 
ATOM   703  C  CG  . LYS A 1 87  ? 23.731  6.894   0.311   1.00 27.02 ? 229 LYS A CG  1 
ATOM   704  C  CD  . LYS A 1 87  ? 23.033  8.085   -0.330  1.00 48.33 ? 229 LYS A CD  1 
ATOM   705  C  CE  . LYS A 1 87  ? 22.523  7.756   -1.726  1.00 39.67 ? 229 LYS A CE  1 
ATOM   706  N  NZ  . LYS A 1 87  ? 21.753  8.892   -2.314  1.00 51.10 ? 229 LYS A NZ  1 
ATOM   707  N  N   . ALA A 1 88  ? 19.909  4.469   0.467   1.00 16.42 ? 230 ALA A N   1 
ATOM   708  C  CA  . ALA A 1 88  ? 18.999  3.332   0.581   1.00 16.98 ? 230 ALA A CA  1 
ATOM   709  C  C   . ALA A 1 88  ? 19.738  2.051   0.940   1.00 18.81 ? 230 ALA A C   1 
ATOM   710  O  O   . ALA A 1 88  ? 19.199  1.209   1.668   1.00 13.28 ? 230 ALA A O   1 
ATOM   711  C  CB  . ALA A 1 88  ? 18.216  3.150   -0.720  1.00 19.32 ? 230 ALA A CB  1 
ATOM   712  N  N   . ALA A 1 89  ? 20.971  1.886   0.450   1.00 16.26 ? 231 ALA A N   1 
ATOM   713  C  CA  . ALA A 1 89  ? 21.730  0.677   0.754   1.00 13.03 ? 231 ALA A CA  1 
ATOM   714  C  C   . ALA A 1 89  ? 21.975  0.533   2.250   1.00 20.37 ? 231 ALA A C   1 
ATOM   715  O  O   . ALA A 1 89  ? 22.036  -0.589  2.768   1.00 15.73 ? 231 ALA A O   1 
ATOM   716  C  CB  . ALA A 1 89  ? 23.058  0.684   -0.004  1.00 17.99 ? 231 ALA A CB  1 
ATOM   717  N  N   . ASP A 1 90  ? 22.108  1.651   2.961   1.00 14.80 ? 232 ASP A N   1 
ATOM   718  C  CA  . ASP A 1 90  ? 22.287  1.625   4.405   1.00 14.73 ? 232 ASP A CA  1 
ATOM   719  C  C   . ASP A 1 90  ? 20.992  1.352   5.159   1.00 18.41 ? 232 ASP A C   1 
ATOM   720  O  O   . ASP A 1 90  ? 21.032  1.173   6.382   1.00 14.80 ? 232 ASP A O   1 
ATOM   721  C  CB  . ASP A 1 90  ? 22.884  2.956   4.874   1.00 13.30 ? 232 ASP A CB  1 
ATOM   722  C  CG  . ASP A 1 90  ? 24.250  3.221   4.277   1.00 29.44 ? 232 ASP A CG  1 
ATOM   723  O  OD1 . ASP A 1 90  ? 25.075  2.284   4.247   1.00 26.16 ? 232 ASP A OD1 1 
ATOM   724  O  OD2 . ASP A 1 90  ? 24.497  4.363   3.834   1.00 42.84 ? 232 ASP A OD2 1 
ATOM   725  N  N   . LEU A 1 91  ? 19.855  1.308   4.465   1.00 10.43 ? 233 LEU A N   1 
ATOM   726  C  CA  . LEU A 1 91  ? 18.544  1.179   5.089   1.00 14.08 ? 233 LEU A CA  1 
ATOM   727  C  C   . LEU A 1 91  ? 17.829  -0.114  4.712   1.00 14.17 ? 233 LEU A C   1 
ATOM   728  O  O   . LEU A 1 91  ? 16.670  -0.302  5.106   1.00 12.77 ? 233 LEU A O   1 
ATOM   729  C  CB  . LEU A 1 91  ? 17.669  2.379   4.718   1.00 11.38 ? 233 LEU A CB  1 
ATOM   730  C  CG  . LEU A 1 91  ? 18.265  3.744   5.067   1.00 10.63 ? 233 LEU A CG  1 
ATOM   731  C  CD1 . LEU A 1 91  ? 17.399  4.878   4.528   1.00 7.77  ? 233 LEU A CD1 1 
ATOM   732  C  CD2 . LEU A 1 91  ? 18.438  3.860   6.578   1.00 10.71 ? 233 LEU A CD2 1 
ATOM   733  N  N   . VAL A 1 92  ? 18.485  -1.011  3.969   1.00 13.86 ? 234 VAL A N   1 
ATOM   734  C  CA  . VAL A 1 92  ? 17.801  -2.207  3.483   1.00 12.83 ? 234 VAL A CA  1 
ATOM   735  C  C   . VAL A 1 92  ? 17.242  -3.015  4.648   1.00 14.26 ? 234 VAL A C   1 
ATOM   736  O  O   . VAL A 1 92  ? 16.106  -3.507  4.589   1.00 17.28 ? 234 VAL A O   1 
ATOM   737  C  CB  . VAL A 1 92  ? 18.739  -3.048  2.591   1.00 18.92 ? 234 VAL A CB  1 
ATOM   738  C  CG1 . VAL A 1 92  ? 19.038  -2.307  1.302   1.00 22.07 ? 234 VAL A CG1 1 
ATOM   739  C  CG2 . VAL A 1 92  ? 20.032  -3.392  3.316   1.00 27.98 ? 234 VAL A CG2 1 
ATOM   740  N  N   . VAL A 1 93  ? 17.997  -3.102  5.750   1.00 14.97 ? 235 VAL A N   1 
ATOM   741  C  CA  . VAL A 1 93  ? 17.558  -3.885  6.902   1.00 10.17 ? 235 VAL A CA  1 
ATOM   742  C  C   . VAL A 1 93  ? 16.201  -3.407  7.404   1.00 14.41 ? 235 VAL A C   1 
ATOM   743  O  O   . VAL A 1 93  ? 15.385  -4.213  7.866   1.00 20.38 ? 235 VAL A O   1 
ATOM   744  C  CB  . VAL A 1 93  ? 18.625  -3.848  8.016   1.00 32.98 ? 235 VAL A CB  1 
ATOM   745  C  CG1 . VAL A 1 93  ? 18.853  -2.422  8.505   1.00 37.14 ? 235 VAL A CG1 1 
ATOM   746  C  CG2 . VAL A 1 93  ? 18.232  -4.765  9.167   1.00 33.90 ? 235 VAL A CG2 1 
ATOM   747  N  N   . ILE A 1 94  ? 15.922  -2.104  7.303   1.00 11.40 ? 236 ILE A N   1 
ATOM   748  C  CA  . ILE A 1 94  ? 14.591  -1.615  7.649   1.00 11.74 ? 236 ILE A CA  1 
ATOM   749  C  C   . ILE A 1 94  ? 13.622  -1.854  6.502   1.00 10.92 ? 236 ILE A C   1 
ATOM   750  O  O   . ILE A 1 94  ? 12.521  -2.389  6.692   1.00 10.28 ? 236 ILE A O   1 
ATOM   751  C  CB  . ILE A 1 94  ? 14.637  -0.122  8.026   1.00 14.44 ? 236 ILE A CB  1 
ATOM   752  C  CG1 . ILE A 1 94  ? 15.605  0.128   9.184   1.00 12.87 ? 236 ILE A CG1 1 
ATOM   753  C  CG2 . ILE A 1 94  ? 13.241  0.370   8.378   1.00 13.14 ? 236 ILE A CG2 1 
ATOM   754  C  CD1 . ILE A 1 94  ? 15.763  1.601   9.538   1.00 14.45 ? 236 ILE A CD1 1 
ATOM   755  N  N   . LEU A 1 95  ? 14.023  -1.472  5.287   1.00 10.76 ? 237 LEU A N   1 
ATOM   756  C  CA  . LEU A 1 95  ? 13.094  -1.514  4.166   1.00 10.63 ? 237 LEU A CA  1 
ATOM   757  C  C   . LEU A 1 95  ? 12.667  -2.944  3.873   1.00 6.90  ? 237 LEU A C   1 
ATOM   758  O  O   . LEU A 1 95  ? 11.492  -3.205  3.576   1.00 8.66  ? 237 LEU A O   1 
ATOM   759  C  CB  . LEU A 1 95  ? 13.731  -0.864  2.936   1.00 6.98  ? 237 LEU A CB  1 
ATOM   760  C  CG  . LEU A 1 95  ? 13.889  0.660   2.997   1.00 10.62 ? 237 LEU A CG  1 
ATOM   761  C  CD1 . LEU A 1 95  ? 14.641  1.178   1.778   1.00 13.04 ? 237 LEU A CD1 1 
ATOM   762  C  CD2 . LEU A 1 95  ? 12.527  1.333   3.105   1.00 8.32  ? 237 LEU A CD2 1 
ATOM   763  N  N   . GLU A 1 96  ? 13.605  -3.886  3.986   1.00 8.83  ? 238 GLU A N   1 
ATOM   764  C  CA  . GLU A 1 96  ? 13.267  -5.291  3.810   1.00 9.63  ? 238 GLU A CA  1 
ATOM   765  C  C   . GLU A 1 96  ? 12.120  -5.691  4.723   1.00 11.31 ? 238 GLU A C   1 
ATOM   766  O  O   . GLU A 1 96  ? 11.165  -6.341  4.281   1.00 9.59  ? 238 GLU A O   1 
ATOM   767  C  CB  . GLU A 1 96  ? 14.491  -6.167  4.075   1.00 15.20 ? 238 GLU A CB  1 
ATOM   768  C  CG  . GLU A 1 96  ? 14.301  -7.618  3.688   1.00 22.87 ? 238 GLU A CG  1 
ATOM   769  C  CD  . GLU A 1 96  ? 15.615  -8.339  3.485   1.00 51.85 ? 238 GLU A CD  1 
ATOM   770  O  OE1 . GLU A 1 96  ? 16.653  -7.826  3.960   1.00 42.98 ? 238 GLU A OE1 1 
ATOM   771  O  OE2 . GLU A 1 96  ? 15.610  -9.414  2.846   1.00 41.86 ? 238 GLU A OE2 1 
ATOM   772  N  N   . LYS A 1 97  ? 12.175  -5.278  5.994   1.00 11.73 ? 239 LYS A N   1 
ATOM   773  C  CA  . LYS A 1 97  ? 11.097  -5.634  6.907   1.00 9.16  ? 239 LYS A CA  1 
ATOM   774  C  C   . LYS A 1 97  ? 9.773   -5.075  6.412   1.00 8.52  ? 239 LYS A C   1 
ATOM   775  O  O   . LYS A 1 97  ? 8.767   -5.798  6.367   1.00 14.18 ? 239 LYS A O   1 
ATOM   776  C  CB  . LYS A 1 97  ? 11.414  -5.145  8.320   1.00 9.83  ? 239 LYS A CB  1 
ATOM   777  C  CG  . LYS A 1 97  ? 12.508  -5.964  8.985   1.00 19.26 ? 239 LYS A CG  1 
ATOM   778  C  CD  . LYS A 1 97  ? 12.661  -5.639  10.458  1.00 17.68 ? 239 LYS A CD  1 
ATOM   779  C  CE  . LYS A 1 97  ? 13.664  -6.580  11.115  1.00 24.21 ? 239 LYS A CE  1 
ATOM   780  N  NZ  . LYS A 1 97  ? 13.646  -6.457  12.599  1.00 32.23 ? 239 LYS A NZ  1 
ATOM   781  N  N   . ALA A 1 98  ? 9.771   -3.813  5.963   1.00 6.54  ? 240 ALA A N   1 
ATOM   782  C  CA  . ALA A 1 98  ? 8.571   -3.260  5.347   1.00 6.03  ? 240 ALA A CA  1 
ATOM   783  C  C   . ALA A 1 98  ? 8.085   -4.171  4.231   1.00 6.59  ? 240 ALA A C   1 
ATOM   784  O  O   . ALA A 1 98  ? 6.922   -4.599  4.218   1.00 8.51  ? 240 ALA A O   1 
ATOM   785  C  CB  . ALA A 1 98  ? 8.846   -1.852  4.816   1.00 7.72  ? 240 ALA A CB  1 
ATOM   786  N  N   . SER A 1 99  ? 8.994   -4.535  3.323   1.00 6.67  ? 241 SER A N   1 
ATOM   787  C  CA  . SER A 1 99  ? 8.610   -5.382  2.201   1.00 6.35  ? 241 SER A CA  1 
ATOM   788  C  C   . SER A 1 99  ? 8.026   -6.688  2.709   1.00 7.91  ? 241 SER A C   1 
ATOM   789  O  O   . SER A 1 99  ? 6.941   -7.109  2.283   1.00 8.28  ? 241 SER A O   1 
ATOM   790  C  CB  . SER A 1 99  ? 9.817   -5.635  1.296   1.00 7.80  ? 241 SER A CB  1 
ATOM   791  O  OG  . SER A 1 99  ? 9.427   -6.303  0.105   1.00 20.70 ? 241 SER A OG  1 
ATOM   792  N  N   . THR A 1 100 ? 8.693   -7.299  3.692   1.00 11.82 ? 242 THR A N   1 
ATOM   793  C  CA  . THR A 1 100 ? 8.206   -8.573  4.199   1.00 13.43 ? 242 THR A CA  1 
ATOM   794  C  C   . THR A 1 100 ? 6.833   -8.399  4.823   1.00 9.41  ? 242 THR A C   1 
ATOM   795  O  O   . THR A 1 100 ? 5.922   -9.197  4.566   1.00 9.31  ? 242 THR A O   1 
ATOM   796  C  CB  . THR A 1 100 ? 9.204   -9.159  5.194   1.00 11.48 ? 242 THR A CB  1 
ATOM   797  O  OG1 . THR A 1 100 ? 10.414  -9.485  4.500   1.00 13.34 ? 242 THR A OG1 1 
ATOM   798  C  CG2 . THR A 1 100 ? 8.647   -10.419 5.833   1.00 14.94 ? 242 THR A CG2 1 
ATOM   799  N  N   . ALA A 1 101 ? 6.640   -7.305  5.569   1.00 9.44  ? 243 ALA A N   1 
ATOM   800  C  CA  . ALA A 1 101 ? 5.333   -7.068  6.165   1.00 10.35 ? 243 ALA A CA  1 
ATOM   801  C  C   . ALA A 1 101 ? 4.269   -6.978  5.085   1.00 10.28 ? 243 ALA A C   1 
ATOM   802  O  O   . ALA A 1 101 ? 3.202   -7.600  5.193   1.00 10.46 ? 243 ALA A O   1 
ATOM   803  C  CB  . ALA A 1 101 ? 5.354   -5.798  7.016   1.00 4.23  ? 243 ALA A CB  1 
ATOM   804  N  N   . LEU A 1 102 ? 4.571   -6.270  3.994   1.00 5.20  ? 244 LEU A N   1 
ATOM   805  C  CA  . LEU A 1 102 ? 3.553   -6.130  2.968   1.00 6.25  ? 244 LEU A CA  1 
ATOM   806  C  C   . LEU A 1 102 ? 3.296   -7.465  2.281   1.00 8.02  ? 244 LEU A C   1 
ATOM   807  O  O   . LEU A 1 102 ? 2.146   -7.767  1.934   1.00 13.03 ? 244 LEU A O   1 
ATOM   808  C  CB  . LEU A 1 102 ? 3.950   -5.033  1.981   1.00 6.77  ? 244 LEU A CB  1 
ATOM   809  C  CG  . LEU A 1 102 ? 3.891   -3.647  2.648   1.00 12.18 ? 244 LEU A CG  1 
ATOM   810  C  CD1 . LEU A 1 102 ? 4.360   -2.532  1.714   1.00 15.91 ? 244 LEU A CD1 1 
ATOM   811  C  CD2 . LEU A 1 102 ? 2.493   -3.353  3.175   1.00 10.08 ? 244 LEU A CD2 1 
ATOM   812  N  N   . LYS A 1 103 ? 4.328   -8.312  2.163   1.00 7.77  ? 245 LYS A N   1 
ATOM   813  C  CA  . LYS A 1 103 ? 4.096   -9.650  1.630   1.00 7.01  ? 245 LYS A CA  1 
ATOM   814  C  C   . LYS A 1 103 ? 3.066   -10.377 2.480   1.00 10.93 ? 245 LYS A C   1 
ATOM   815  O  O   . LYS A 1 103 ? 2.115   -10.966 1.949   1.00 10.80 ? 245 LYS A O   1 
ATOM   816  C  CB  . LYS A 1 103 ? 5.408   -10.435 1.559   1.00 8.81  ? 245 LYS A CB  1 
ATOM   817  C  CG  . LYS A 1 103 ? 5.281   -11.882 1.048   1.00 7.71  ? 245 LYS A CG  1 
ATOM   818  C  CD  . LYS A 1 103 ? 4.688   -11.952 -0.357  1.00 15.28 ? 245 LYS A CD  1 
ATOM   819  C  CE  . LYS A 1 103 ? 5.560   -11.216 -1.370  1.00 17.88 ? 245 LYS A CE  1 
ATOM   820  N  NZ  . LYS A 1 103 ? 5.051   -11.376 -2.768  1.00 19.78 ? 245 LYS A NZ  1 
ATOM   821  N  N   . GLU A 1 104 ? 3.195   -10.274 3.808   1.00 11.85 ? 246 GLU A N   1 
ATOM   822  C  CA  . GLU A 1 104 ? 2.202   -10.886 4.680   1.00 10.72 ? 246 GLU A CA  1 
ATOM   823  C  C   . GLU A 1 104 ? 0.819   -10.328 4.372   1.00 9.16  ? 246 GLU A C   1 
ATOM   824  O  O   . GLU A 1 104 ? -0.128  -11.087 4.120   1.00 9.76  ? 246 GLU A O   1 
ATOM   825  C  CB  . GLU A 1 104 ? 2.587   -10.669 6.144   1.00 10.99 ? 246 GLU A CB  1 
ATOM   826  C  CG  . GLU A 1 104 ? 1.495   -10.977 7.152   1.00 11.73 ? 246 GLU A CG  1 
ATOM   827  C  CD  . GLU A 1 104 ? 1.187   -12.457 7.288   1.00 17.08 ? 246 GLU A CD  1 
ATOM   828  O  OE1 . GLU A 1 104 ? 1.899   -13.288 6.687   1.00 23.59 ? 246 GLU A OE1 1 
ATOM   829  O  OE2 . GLU A 1 104 ? 0.223   -12.787 8.009   1.00 18.36 ? 246 GLU A OE2 1 
ATOM   830  N  N   . ALA A 1 105 ? 0.708   -8.998  4.292   1.00 6.64  ? 247 ALA A N   1 
ATOM   831  C  CA  . ALA A 1 105 ? -0.574  -8.399  3.944   1.00 10.88 ? 247 ALA A CA  1 
ATOM   832  C  C   . ALA A 1 105 ? -1.084  -8.969  2.630   1.00 5.54  ? 247 ALA A C   1 
ATOM   833  O  O   . ALA A 1 105 ? -2.244  -9.396  2.534   1.00 10.52 ? 247 ALA A O   1 
ATOM   834  C  CB  . ALA A 1 105 ? -0.449  -6.877  3.865   1.00 6.40  ? 247 ALA A CB  1 
ATOM   835  N  N   . GLU A 1 106 ? -0.197  -9.057  1.631   1.00 7.76  ? 248 GLU A N   1 
ATOM   836  C  CA  . GLU A 1 106 ? -0.577  -9.623  0.345   1.00 8.46  ? 248 GLU A CA  1 
ATOM   837  C  C   . GLU A 1 106 ? -1.251  -10.971 0.545   1.00 9.05  ? 248 GLU A C   1 
ATOM   838  O  O   . GLU A 1 106 ? -2.422  -11.162 0.191   1.00 11.03 ? 248 GLU A O   1 
ATOM   839  C  CB  . GLU A 1 106 ? 0.653   -9.764  -0.557  1.00 9.42  ? 248 GLU A CB  1 
ATOM   840  C  CG  . GLU A 1 106 ? 0.353   -10.407 -1.911  1.00 7.52  ? 248 GLU A CG  1 
ATOM   841  C  CD  . GLU A 1 106 ? 1.600   -10.646 -2.742  1.00 13.55 ? 248 GLU A CD  1 
ATOM   842  O  OE1 . GLU A 1 106 ? 2.598   -9.921  -2.546  1.00 16.54 ? 248 GLU A OE1 1 
ATOM   843  O  OE2 . GLU A 1 106 ? 1.582   -11.562 -3.588  1.00 18.34 ? 248 GLU A OE2 1 
ATOM   844  N  N   . GLN A 1 107 ? -0.541  -11.890 1.207   1.00 15.13 ? 249 GLN A N   1 
ATOM   845  C  CA  . GLN A 1 107 ? -1.070  -13.235 1.364   1.00 11.26 ? 249 GLN A CA  1 
ATOM   846  C  C   . GLN A 1 107 ? -2.423  -13.197 2.051   1.00 8.50  ? 249 GLN A C   1 
ATOM   847  O  O   . GLN A 1 107 ? -3.393  -13.805 1.574   1.00 9.79  ? 249 GLN A O   1 
ATOM   848  C  CB  . GLN A 1 107 ? -0.070  -14.091 2.137   1.00 10.80 ? 249 GLN A CB  1 
ATOM   849  C  CG  . GLN A 1 107 ? 1.227   -14.310 1.366   1.00 14.45 ? 249 GLN A CG  1 
ATOM   850  C  CD  . GLN A 1 107 ? 2.315   -14.953 2.200   1.00 13.58 ? 249 GLN A CD  1 
ATOM   851  O  OE1 . GLN A 1 107 ? 2.279   -14.910 3.430   1.00 15.79 ? 249 GLN A OE1 1 
ATOM   852  N  NE2 . GLN A 1 107 ? 3.295   -15.548 1.532   1.00 15.23 ? 249 GLN A NE2 1 
ATOM   853  N  N   . GLU A 1 108 ? -2.543  -12.395 3.110   1.00 10.86 ? 250 GLU A N   1 
ATOM   854  C  CA  . GLU A 1 108 ? -3.796  -12.427 3.843   1.00 9.30  ? 250 GLU A CA  1 
ATOM   855  C  C   . GLU A 1 108 ? -4.907  -11.789 3.031   1.00 11.59 ? 250 GLU A C   1 
ATOM   856  O  O   . GLU A 1 108 ? -6.039  -12.290 3.036   1.00 14.04 ? 250 GLU A O   1 
ATOM   857  C  CB  . GLU A 1 108 ? -3.631  -11.763 5.206   1.00 10.53 ? 250 GLU A CB  1 
ATOM   858  C  CG  . GLU A 1 108 ? -2.777  -12.590 6.156   1.00 14.20 ? 250 GLU A CG  1 
ATOM   859  C  CD  . GLU A 1 108 ? -3.181  -14.058 6.180   1.00 18.59 ? 250 GLU A CD  1 
ATOM   860  O  OE1 . GLU A 1 108 ? -4.395  -14.351 6.235   1.00 18.32 ? 250 GLU A OE1 1 
ATOM   861  O  OE2 . GLU A 1 108 ? -2.280  -14.924 6.139   1.00 29.25 ? 250 GLU A OE2 1 
ATOM   862  N  N   . THR A 1 109 ? -4.588  -10.746 2.259   1.00 8.64  ? 251 THR A N   1 
ATOM   863  C  CA  . THR A 1 109 ? -5.616  -10.179 1.401   1.00 7.81  ? 251 THR A CA  1 
ATOM   864  C  C   . THR A 1 109 ? -6.086  -11.220 0.397   1.00 7.71  ? 251 THR A C   1 
ATOM   865  O  O   . THR A 1 109 ? -7.295  -11.378 0.177   1.00 11.50 ? 251 THR A O   1 
ATOM   866  C  CB  . THR A 1 109 ? -5.102  -8.920  0.702   1.00 9.27  ? 251 THR A CB  1 
ATOM   867  O  OG1 . THR A 1 109 ? -4.746  -7.946  1.689   1.00 10.47 ? 251 THR A OG1 1 
ATOM   868  C  CG2 . THR A 1 109 ? -6.185  -8.326  -0.194  1.00 9.74  ? 251 THR A CG2 1 
ATOM   869  N  N   . VAL A 1 110 ? -5.150  -11.997 -0.158  1.00 8.45  ? 252 VAL A N   1 
ATOM   870  C  CA  . VAL A 1 110 ? -5.539  -13.070 -1.066  1.00 6.37  ? 252 VAL A CA  1 
ATOM   871  C  C   . VAL A 1 110 ? -6.496  -14.012 -0.353  1.00 10.89 ? 252 VAL A C   1 
ATOM   872  O  O   . VAL A 1 110 ? -7.595  -14.308 -0.845  1.00 9.54  ? 252 VAL A O   1 
ATOM   873  C  CB  . VAL A 1 110 ? -4.295  -13.809 -1.592  1.00 6.96  ? 252 VAL A CB  1 
ATOM   874  C  CG1 . VAL A 1 110 ? -4.680  -15.165 -2.167  1.00 6.03  ? 252 VAL A CG1 1 
ATOM   875  C  CG2 . VAL A 1 110 ? -3.587  -12.967 -2.649  1.00 7.88  ? 252 VAL A CG2 1 
ATOM   876  N  N   . THR A 1 111 ? -6.126  -14.423 0.862   1.00 11.44 ? 253 THR A N   1 
ATOM   877  C  CA  . THR A 1 111 ? -6.980  -15.337 1.604   1.00 12.30 ? 253 THR A CA  1 
ATOM   878  C  C   . THR A 1 111 ? -8.336  -14.702 1.863   1.00 14.51 ? 253 THR A C   1 
ATOM   879  O  O   . THR A 1 111 ? -9.373  -15.369 1.773   1.00 18.99 ? 253 THR A O   1 
ATOM   880  C  CB  . THR A 1 111 ? -6.300  -15.740 2.910   1.00 13.14 ? 253 THR A CB  1 
ATOM   881  O  OG1 . THR A 1 111 ? -5.109  -16.481 2.611   1.00 12.03 ? 253 THR A OG1 1 
ATOM   882  C  CG2 . THR A 1 111 ? -7.232  -16.595 3.763   1.00 15.54 ? 253 THR A CG2 1 
ATOM   883  N  N   . LEU A 1 112 ? -8.350  -13.393 2.116   1.00 11.06 ? 254 LEU A N   1 
ATOM   884  C  CA  . LEU A 1 112 ? -9.608  -12.725 2.407   1.00 13.90 ? 254 LEU A CA  1 
ATOM   885  C  C   . LEU A 1 112 ? -10.526 -12.726 1.194   1.00 18.27 ? 254 LEU A C   1 
ATOM   886  O  O   . LEU A 1 112 ? -11.749 -12.839 1.337   1.00 13.27 ? 254 LEU A O   1 
ATOM   887  C  CB  . LEU A 1 112 ? -9.346  -11.295 2.873   1.00 14.67 ? 254 LEU A CB  1 
ATOM   888  C  CG  . LEU A 1 112 ? -10.449 -10.637 3.696   1.00 26.84 ? 254 LEU A CG  1 
ATOM   889  C  CD1 . LEU A 1 112 ? -10.689 -11.414 4.977   1.00 17.99 ? 254 LEU A CD1 1 
ATOM   890  C  CD2 . LEU A 1 112 ? -10.084 -9.194  3.999   1.00 16.56 ? 254 LEU A CD2 1 
ATOM   891  N  N   . LEU A 1 113 ? -9.965  -12.612 -0.009  1.00 11.50 ? 255 LEU A N   1 
ATOM   892  C  CA  . LEU A 1 113 ? -10.787 -12.323 -1.174  1.00 8.47  ? 255 LEU A CA  1 
ATOM   893  C  C   . LEU A 1 113 ? -10.954 -13.518 -2.096  1.00 15.02 ? 255 LEU A C   1 
ATOM   894  O  O   . LEU A 1 113 ? -11.654 -13.408 -3.111  1.00 12.85 ? 255 LEU A O   1 
ATOM   895  C  CB  . LEU A 1 113 ? -10.212 -11.130 -1.945  1.00 13.04 ? 255 LEU A CB  1 
ATOM   896  C  CG  . LEU A 1 113 ? -10.407 -9.801  -1.206  1.00 15.67 ? 255 LEU A CG  1 
ATOM   897  C  CD1 . LEU A 1 113 ? -9.725  -8.656  -1.934  1.00 17.02 ? 255 LEU A CD1 1 
ATOM   898  C  CD2 . LEU A 1 113 ? -11.892 -9.509  -0.996  1.00 17.40 ? 255 LEU A CD2 1 
ATOM   899  N  N   . THR A 1 114 ? -10.343 -14.652 -1.763  1.00 11.83 ? 256 THR A N   1 
ATOM   900  C  CA  . THR A 1 114 ? -10.514 -15.863 -2.560  1.00 15.58 ? 256 THR A CA  1 
ATOM   901  C  C   . THR A 1 114 ? -11.973 -16.269 -2.761  1.00 11.33 ? 256 THR A C   1 
ATOM   902  O  O   . THR A 1 114 ? -12.325 -16.634 -3.895  1.00 14.64 ? 256 THR A O   1 
ATOM   903  C  CB  . THR A 1 114 ? -9.702  -16.999 -1.920  1.00 14.41 ? 256 THR A CB  1 
ATOM   904  O  OG1 . THR A 1 114 ? -8.303  -16.745 -2.110  1.00 20.24 ? 256 THR A OG1 1 
ATOM   905  C  CG2 . THR A 1 114 ? -10.062 -18.345 -2.536  1.00 18.32 ? 256 THR A CG2 1 
ATOM   906  N  N   . PRO A 1 115 ? -12.861 -16.222 -1.757  1.00 13.53 ? 257 PRO A N   1 
ATOM   907  C  CA  . PRO A 1 115 ? -14.264 -16.594 -2.014  1.00 14.52 ? 257 PRO A CA  1 
ATOM   908  C  C   . PRO A 1 115 ? -15.017 -15.626 -2.916  1.00 19.18 ? 257 PRO A C   1 
ATOM   909  O  O   . PRO A 1 115 ? -16.151 -15.942 -3.301  1.00 17.57 ? 257 PRO A O   1 
ATOM   910  C  CB  . PRO A 1 115 ? -14.888 -16.622 -0.610  1.00 17.71 ? 257 PRO A CB  1 
ATOM   911  C  CG  . PRO A 1 115 ? -13.743 -16.711 0.330   1.00 21.43 ? 257 PRO A CG  1 
ATOM   912  C  CD  . PRO A 1 115 ? -12.640 -15.952 -0.325  1.00 16.51 ? 257 PRO A CD  1 
ATOM   913  N  N   . PHE A 1 116 ? -14.441 -14.472 -3.265  1.00 13.15 ? 258 PHE A N   1 
ATOM   914  C  CA  . PHE A 1 116 ? -15.170 -13.437 -3.995  1.00 13.12 ? 258 PHE A CA  1 
ATOM   915  C  C   . PHE A 1 116 ? -14.502 -12.965 -5.278  1.00 18.26 ? 258 PHE A C   1 
ATOM   916  O  O   . PHE A 1 116 ? -15.184 -12.351 -6.108  1.00 18.91 ? 258 PHE A O   1 
ATOM   917  C  CB  . PHE A 1 116 ? -15.401 -12.215 -3.096  1.00 12.53 ? 258 PHE A CB  1 
ATOM   918  C  CG  . PHE A 1 116 ? -15.816 -12.564 -1.696  1.00 14.74 ? 258 PHE A CG  1 
ATOM   919  C  CD1 . PHE A 1 116 ? -14.912 -12.485 -0.649  1.00 17.84 ? 258 PHE A CD1 1 
ATOM   920  C  CD2 . PHE A 1 116 ? -17.111 -12.979 -1.426  1.00 19.99 ? 258 PHE A CD2 1 
ATOM   921  C  CE1 . PHE A 1 116 ? -15.292 -12.809 0.644   1.00 15.78 ? 258 PHE A CE1 1 
ATOM   922  C  CE2 . PHE A 1 116 ? -17.497 -13.302 -0.136  1.00 17.87 ? 258 PHE A CE2 1 
ATOM   923  C  CZ  . PHE A 1 116 ? -16.584 -13.217 0.900   1.00 22.19 ? 258 PHE A CZ  1 
ATOM   924  N  N   . PHE A 1 117 ? -13.212 -13.215 -5.468  1.00 17.19 ? 259 PHE A N   1 
ATOM   925  C  CA  . PHE A 1 117 ? -12.466 -12.782 -6.641  1.00 8.36  ? 259 PHE A CA  1 
ATOM   926  C  C   . PHE A 1 117 ? -12.233 -13.954 -7.584  1.00 8.34  ? 259 PHE A C   1 
ATOM   927  O  O   . PHE A 1 117 ? -11.890 -15.053 -7.144  1.00 10.01 ? 259 PHE A O   1 
ATOM   928  C  CB  . PHE A 1 117 ? -11.108 -12.214 -6.226  1.00 11.28 ? 259 PHE A CB  1 
ATOM   929  C  CG  . PHE A 1 117 ? -11.076 -10.722 -6.078  1.00 13.12 ? 259 PHE A CG  1 
ATOM   930  C  CD1 . PHE A 1 117 ? -12.228 -9.968  -6.133  1.00 21.38 ? 259 PHE A CD1 1 
ATOM   931  C  CD2 . PHE A 1 117 ? -9.872  -10.076 -5.869  1.00 15.75 ? 259 PHE A CD2 1 
ATOM   932  C  CE1 . PHE A 1 117 ? -12.169 -8.591  -5.997  1.00 41.55 ? 259 PHE A CE1 1 
ATOM   933  C  CE2 . PHE A 1 117 ? -9.812  -8.706  -5.726  1.00 20.70 ? 259 PHE A CE2 1 
ATOM   934  C  CZ  . PHE A 1 117 ? -10.962 -7.962  -5.788  1.00 15.05 ? 259 PHE A CZ  1 
ATOM   935  N  N   . ARG A 1 118 ? -12.388 -13.706 -8.889  1.00 8.78  ? 260 ARG A N   1 
ATOM   936  C  CA  . ARG A 1 118 ? -11.933 -14.666 -9.882  1.00 10.56 ? 260 ARG A CA  1 
ATOM   937  C  C   . ARG A 1 118 ? -10.415 -14.819 -9.787  1.00 13.15 ? 260 ARG A C   1 
ATOM   938  O  O   . ARG A 1 118 ? -9.724  -13.923 -9.294  1.00 8.97  ? 260 ARG A O   1 
ATOM   939  C  CB  . ARG A 1 118 ? -12.326 -14.214 -11.287 1.00 13.72 ? 260 ARG A CB  1 
ATOM   940  C  CG  . ARG A 1 118 ? -13.809 -13.979 -11.479 1.00 16.97 ? 260 ARG A CG  1 
ATOM   941  C  CD  . ARG A 1 118 ? -14.109 -13.557 -12.907 1.00 20.27 ? 260 ARG A CD  1 
ATOM   942  N  NE  . ARG A 1 118 ? -13.544 -12.253 -13.246 1.00 15.83 ? 260 ARG A NE  1 
ATOM   943  C  CZ  . ARG A 1 118 ? -12.502 -12.072 -14.053 1.00 17.82 ? 260 ARG A CZ  1 
ATOM   944  N  NH1 . ARG A 1 118 ? -11.897 -13.115 -14.611 1.00 15.17 ? 260 ARG A NH1 1 
ATOM   945  N  NH2 . ARG A 1 118 ? -12.065 -10.846 -14.310 1.00 13.79 ? 260 ARG A NH2 1 
ATOM   946  N  N   . PRO A 1 119 ? -9.872  -15.951 -10.253 1.00 11.72 ? 261 PRO A N   1 
ATOM   947  C  CA  . PRO A 1 119 ? -8.412  -16.144 -10.169 1.00 11.78 ? 261 PRO A CA  1 
ATOM   948  C  C   . PRO A 1 119 ? -7.610  -15.009 -10.787 1.00 13.06 ? 261 PRO A C   1 
ATOM   949  O  O   . PRO A 1 119 ? -6.558  -14.640 -10.249 1.00 13.12 ? 261 PRO A O   1 
ATOM   950  C  CB  . PRO A 1 119 ? -8.198  -17.468 -10.916 1.00 17.37 ? 261 PRO A CB  1 
ATOM   951  C  CG  . PRO A 1 119 ? -9.486  -18.198 -10.759 1.00 19.22 ? 261 PRO A CG  1 
ATOM   952  C  CD  . PRO A 1 119 ? -10.553 -17.137 -10.805 1.00 14.91 ? 261 PRO A CD  1 
ATOM   953  N  N   . HIS A 1 120 ? -8.086  -14.431 -11.894 1.00 9.09  ? 262 HIS A N   1 
ATOM   954  C  CA  . HIS A 1 120 ? -7.370  -13.318 -12.510 1.00 12.41 ? 262 HIS A CA  1 
ATOM   955  C  C   . HIS A 1 120 ? -7.260  -12.131 -11.556 1.00 10.86 ? 262 HIS A C   1 
ATOM   956  O  O   . HIS A 1 120 ? -6.231  -11.447 -11.522 1.00 11.31 ? 262 HIS A O   1 
ATOM   957  C  CB  . HIS A 1 120 ? -8.062  -12.899 -13.807 1.00 14.82 ? 262 HIS A CB  1 
ATOM   958  C  CG  . HIS A 1 120 ? -7.380  -11.768 -14.512 1.00 15.47 ? 262 HIS A CG  1 
ATOM   959  N  ND1 . HIS A 1 120 ? -7.638  -10.446 -14.219 1.00 17.80 ? 262 HIS A ND1 1 
ATOM   960  C  CD2 . HIS A 1 120 ? -6.441  -11.761 -15.488 1.00 16.60 ? 262 HIS A CD2 1 
ATOM   961  C  CE1 . HIS A 1 120 ? -6.891  -9.673  -14.988 1.00 24.87 ? 262 HIS A CE1 1 
ATOM   962  N  NE2 . HIS A 1 120 ? -6.158  -10.446 -15.768 1.00 19.31 ? 262 HIS A NE2 1 
ATOM   963  N  N   . ASN A 1 121 ? -8.303  -11.877 -10.767 1.00 9.81  ? 263 ASN A N   1 
ATOM   964  C  CA  . ASN A 1 121 ? -8.259  -10.765 -9.823  1.00 10.08 ? 263 ASN A CA  1 
ATOM   965  C  C   . ASN A 1 121 ? -7.469  -11.097 -8.563  1.00 13.20 ? 263 ASN A C   1 
ATOM   966  O  O   . ASN A 1 121 ? -6.944  -10.182 -7.911  1.00 12.44 ? 263 ASN A O   1 
ATOM   967  C  CB  . ASN A 1 121 ? -9.681  -10.328 -9.470  1.00 8.61  ? 263 ASN A CB  1 
ATOM   968  C  CG  . ASN A 1 121 ? -10.306 -9.472  -10.558 1.00 21.23 ? 263 ASN A CG  1 
ATOM   969  O  OD1 . ASN A 1 121 ? -9.609  -8.725  -11.241 1.00 21.10 ? 263 ASN A OD1 1 
ATOM   970  N  ND2 . ASN A 1 121 ? -11.619 -9.583  -10.728 1.00 24.56 ? 263 ASN A ND2 1 
ATOM   971  N  N   . ILE A 1 122 ? -7.367  -12.378 -8.205  1.00 9.92  ? 264 ILE A N   1 
ATOM   972  C  CA  . ILE A 1 122 ? -6.415  -12.777 -7.173  1.00 13.31 ? 264 ILE A CA  1 
ATOM   973  C  C   . ILE A 1 122 ? -4.991  -12.498 -7.644  1.00 13.66 ? 264 ILE A C   1 
ATOM   974  O  O   . ILE A 1 122 ? -4.162  -11.949 -6.899  1.00 10.57 ? 264 ILE A O   1 
ATOM   975  C  CB  . ILE A 1 122 ? -6.619  -14.258 -6.803  1.00 10.07 ? 264 ILE A CB  1 
ATOM   976  C  CG1 . ILE A 1 122 ? -8.015  -14.478 -6.215  1.00 7.48  ? 264 ILE A CG1 1 
ATOM   977  C  CG2 . ILE A 1 122 ? -5.535  -14.735 -5.844  1.00 13.71 ? 264 ILE A CG2 1 
ATOM   978  C  CD1 . ILE A 1 122 ? -8.218  -13.848 -4.840  1.00 11.41 ? 264 ILE A CD1 1 
ATOM   979  N  N   . GLN A 1 123 ? -4.688  -12.858 -8.897  1.00 9.88  ? 265 GLN A N   1 
ATOM   980  C  CA  . GLN A 1 123 ? -3.397  -12.501 -9.474  1.00 13.02 ? 265 GLN A CA  1 
ATOM   981  C  C   . GLN A 1 123 ? -3.210  -10.991 -9.487  1.00 10.13 ? 265 GLN A C   1 
ATOM   982  O  O   . GLN A 1 123 ? -2.093  -10.495 -9.307  1.00 10.66 ? 265 GLN A O   1 
ATOM   983  C  CB  . GLN A 1 123 ? -3.266  -13.062 -10.890 1.00 13.44 ? 265 GLN A CB  1 
ATOM   984  C  CG  . GLN A 1 123 ? -1.930  -12.732 -11.559 1.00 12.54 ? 265 GLN A CG  1 
ATOM   985  C  CD  . GLN A 1 123 ? -1.873  -13.144 -13.025 1.00 38.57 ? 265 GLN A CD  1 
ATOM   986  O  OE1 . GLN A 1 123 ? -2.693  -12.716 -13.841 1.00 22.28 ? 265 GLN A OE1 1 
ATOM   987  N  NE2 . GLN A 1 123 ? -0.896  -13.976 -13.365 1.00 25.02 ? 265 GLN A NE2 1 
ATOM   988  N  N   . LEU A 1 124 ? -4.293  -10.245 -9.707  1.00 8.39  ? 266 LEU A N   1 
ATOM   989  C  CA  . LEU A 1 124 ? -4.213  -8.790  -9.622  1.00 14.25 ? 266 LEU A CA  1 
ATOM   990  C  C   . LEU A 1 124 ? -3.781  -8.348  -8.227  1.00 10.30 ? 266 LEU A C   1 
ATOM   991  O  O   . LEU A 1 124 ? -2.933  -7.456  -8.087  1.00 9.83  ? 266 LEU A O   1 
ATOM   992  C  CB  . LEU A 1 124 ? -5.560  -8.171  -10.000 1.00 10.79 ? 266 LEU A CB  1 
ATOM   993  C  CG  . LEU A 1 124 ? -5.703  -6.648  -10.045 1.00 21.47 ? 266 LEU A CG  1 
ATOM   994  C  CD1 . LEU A 1 124 ? -6.656  -6.254  -11.163 1.00 28.52 ? 266 LEU A CD1 1 
ATOM   995  C  CD2 . LEU A 1 124 ? -6.193  -6.088  -8.709  1.00 16.33 ? 266 LEU A CD2 1 
ATOM   996  N  N   . ILE A 1 125 ? -4.352  -8.958  -7.185  1.00 8.00  ? 267 ILE A N   1 
ATOM   997  C  CA  . ILE A 1 125 ? -3.904  -8.664  -5.824  1.00 12.94 ? 267 ILE A CA  1 
ATOM   998  C  C   . ILE A 1 125 ? -2.409  -8.914  -5.696  1.00 10.97 ? 267 ILE A C   1 
ATOM   999  O  O   . ILE A 1 125 ? -1.657  -8.071  -5.184  1.00 8.20  ? 267 ILE A O   1 
ATOM   1000 C  CB  . ILE A 1 125 ? -4.692  -9.499  -4.801  1.00 8.32  ? 267 ILE A CB  1 
ATOM   1001 C  CG1 . ILE A 1 125 ? -6.175  -9.144  -4.837  1.00 7.97  ? 267 ILE A CG1 1 
ATOM   1002 C  CG2 . ILE A 1 125 ? -4.126  -9.287  -3.401  1.00 8.92  ? 267 ILE A CG2 1 
ATOM   1003 C  CD1 . ILE A 1 125 ? -7.016  -10.069 -4.004  1.00 9.46  ? 267 ILE A CD1 1 
ATOM   1004 N  N   . ARG A 1 126 ? -1.953  -10.079 -6.176  1.00 9.14  ? 268 ARG A N   1 
ATOM   1005 C  CA  . ARG A 1 126 ? -0.542  -10.438 -6.048  1.00 9.64  ? 268 ARG A CA  1 
ATOM   1006 C  C   . ARG A 1 126 ? 0.360   -9.431  -6.755  1.00 9.58  ? 268 ARG A C   1 
ATOM   1007 O  O   . ARG A 1 126 ? 1.372   -8.992  -6.198  1.00 9.66  ? 268 ARG A O   1 
ATOM   1008 C  CB  . ARG A 1 126 ? -0.302  -11.846 -6.596  1.00 12.81 ? 268 ARG A CB  1 
ATOM   1009 C  CG  . ARG A 1 126 ? -0.904  -12.955 -5.746  1.00 10.99 ? 268 ARG A CG  1 
ATOM   1010 C  CD  . ARG A 1 126 ? -0.281  -14.305 -6.078  1.00 16.44 ? 268 ARG A CD  1 
ATOM   1011 N  NE  . ARG A 1 126 ? -0.305  -14.575 -7.513  1.00 19.66 ? 268 ARG A NE  1 
ATOM   1012 C  CZ  . ARG A 1 126 ? -1.267  -15.253 -8.132  1.00 33.34 ? 268 ARG A CZ  1 
ATOM   1013 N  NH1 . ARG A 1 126 ? -2.291  -15.739 -7.438  1.00 21.49 ? 268 ARG A NH1 1 
ATOM   1014 N  NH2 . ARG A 1 126 ? -1.204  -15.445 -9.444  1.00 19.87 ? 268 ARG A NH2 1 
ATOM   1015 N  N   . ASN A 1 127 ? 0.016   -9.063  -7.992  1.00 8.70  ? 269 ASN A N   1 
ATOM   1016 C  CA  . ASN A 1 127 ? 0.856   -8.135  -8.747  1.00 10.71 ? 269 ASN A CA  1 
ATOM   1017 C  C   . ASN A 1 127 ? 0.874   -6.757  -8.098  1.00 7.06  ? 269 ASN A C   1 
ATOM   1018 O  O   . ASN A 1 127 ? 1.927   -6.105  -8.033  1.00 8.63  ? 269 ASN A O   1 
ATOM   1019 C  CB  . ASN A 1 127 ? 0.363   -8.026  -10.190 1.00 12.66 ? 269 ASN A CB  1 
ATOM   1020 C  CG  . ASN A 1 127 ? 0.688   -9.255  -11.012 1.00 14.12 ? 269 ASN A CG  1 
ATOM   1021 O  OD1 . ASN A 1 127 ? 1.613   -10.003 -10.694 1.00 20.61 ? 269 ASN A OD1 1 
ATOM   1022 N  ND2 . ASN A 1 127 ? -0.066  -9.462  -12.085 1.00 16.67 ? 269 ASN A ND2 1 
ATOM   1023 N  N   . THR A 1 128 ? -0.283  -6.302  -7.615  1.00 8.35  ? 270 THR A N   1 
ATOM   1024 C  CA  . THR A 1 128 ? -0.361  -4.984  -7.001  1.00 10.82 ? 270 THR A CA  1 
ATOM   1025 C  C   . THR A 1 128 ? 0.489   -4.919  -5.740  1.00 8.26  ? 270 THR A C   1 
ATOM   1026 O  O   . THR A 1 128 ? 1.334   -4.026  -5.593  1.00 7.25  ? 270 THR A O   1 
ATOM   1027 C  CB  . THR A 1 128 ? -1.818  -4.641  -6.699  1.00 10.45 ? 270 THR A CB  1 
ATOM   1028 O  OG1 . THR A 1 128 ? -2.565  -4.670  -7.920  1.00 12.59 ? 270 THR A OG1 1 
ATOM   1029 C  CG2 . THR A 1 128 ? -1.929  -3.260  -6.076  1.00 16.94 ? 270 THR A CG2 1 
ATOM   1030 N  N   . PHE A 1 129 ? 0.292   -5.871  -4.823  1.00 10.27 ? 271 PHE A N   1 
ATOM   1031 C  CA  . PHE A 1 129 ? 1.089   -5.884  -3.599  1.00 11.45 ? 271 PHE A CA  1 
ATOM   1032 C  C   . PHE A 1 129 ? 2.563   -6.121  -3.891  1.00 13.26 ? 271 PHE A C   1 
ATOM   1033 O  O   . PHE A 1 129 ? 3.430   -5.597  -3.182  1.00 16.49 ? 271 PHE A O   1 
ATOM   1034 C  CB  . PHE A 1 129 ? 0.579   -6.959  -2.641  1.00 8.01  ? 271 PHE A CB  1 
ATOM   1035 C  CG  . PHE A 1 129 ? -0.488  -6.485  -1.695  1.00 12.73 ? 271 PHE A CG  1 
ATOM   1036 C  CD1 . PHE A 1 129 ? -0.150  -5.932  -0.471  1.00 12.13 ? 271 PHE A CD1 1 
ATOM   1037 C  CD2 . PHE A 1 129 ? -1.827  -6.618  -2.015  1.00 10.74 ? 271 PHE A CD2 1 
ATOM   1038 C  CE1 . PHE A 1 129 ? -1.130  -5.505  0.406   1.00 11.05 ? 271 PHE A CE1 1 
ATOM   1039 C  CE2 . PHE A 1 129 ? -2.811  -6.192  -1.144  1.00 12.57 ? 271 PHE A CE2 1 
ATOM   1040 C  CZ  . PHE A 1 129 ? -2.463  -5.638  0.069   1.00 13.87 ? 271 PHE A CZ  1 
ATOM   1041 N  N   . ALA A 1 130 ? 2.870   -6.915  -4.917  1.00 12.11 ? 272 ALA A N   1 
ATOM   1042 C  CA  . ALA A 1 130 ? 4.261   -7.195  -5.240  1.00 9.87  ? 272 ALA A CA  1 
ATOM   1043 C  C   . ALA A 1 130 ? 4.965   -5.944  -5.740  1.00 13.64 ? 272 ALA A C   1 
ATOM   1044 O  O   . ALA A 1 130 ? 6.146   -5.730  -5.444  1.00 15.24 ? 272 ALA A O   1 
ATOM   1045 C  CB  . ALA A 1 130 ? 4.353   -8.312  -6.277  1.00 6.85  ? 272 ALA A CB  1 
ATOM   1046 N  N   . PHE A 1 131 ? 4.260   -5.102  -6.497  1.00 10.05 ? 273 PHE A N   1 
ATOM   1047 C  CA  . PHE A 1 131 ? 4.861   -3.842  -6.914  1.00 12.22 ? 273 PHE A CA  1 
ATOM   1048 C  C   . PHE A 1 131 ? 4.956   -2.868  -5.746  1.00 12.17 ? 273 PHE A C   1 
ATOM   1049 O  O   . PHE A 1 131 ? 6.033   -2.335  -5.457  1.00 13.70 ? 273 PHE A O   1 
ATOM   1050 C  CB  . PHE A 1 131 ? 4.062   -3.225  -8.059  1.00 18.77 ? 273 PHE A CB  1 
ATOM   1051 C  CG  . PHE A 1 131 ? 4.683   -1.979  -8.617  1.00 11.13 ? 273 PHE A CG  1 
ATOM   1052 C  CD1 . PHE A 1 131 ? 4.353   -0.735  -8.107  1.00 20.72 ? 273 PHE A CD1 1 
ATOM   1053 C  CD2 . PHE A 1 131 ? 5.604   -2.055  -9.646  1.00 21.69 ? 273 PHE A CD2 1 
ATOM   1054 C  CE1 . PHE A 1 131 ? 4.929   0.411   -8.618  1.00 23.55 ? 273 PHE A CE1 1 
ATOM   1055 C  CE2 . PHE A 1 131 ? 6.180   -0.914  -10.162 1.00 26.16 ? 273 PHE A CE2 1 
ATOM   1056 C  CZ  . PHE A 1 131 ? 5.841   0.320   -9.648  1.00 22.23 ? 273 PHE A CZ  1 
ATOM   1057 N  N   . LEU A 1 132 ? 3.833   -2.626  -5.062  1.00 14.31 ? 274 LEU A N   1 
ATOM   1058 C  CA  . LEU A 1 132 ? 3.803   -1.613  -4.008  1.00 16.94 ? 274 LEU A CA  1 
ATOM   1059 C  C   . LEU A 1 132 ? 4.673   -1.995  -2.821  1.00 11.68 ? 274 LEU A C   1 
ATOM   1060 O  O   . LEU A 1 132 ? 5.163   -1.113  -2.106  1.00 13.64 ? 274 LEU A O   1 
ATOM   1061 C  CB  . LEU A 1 132 ? 2.369   -1.382  -3.534  1.00 20.00 ? 274 LEU A CB  1 
ATOM   1062 C  CG  . LEU A 1 132 ? 1.372   -0.788  -4.519  1.00 22.69 ? 274 LEU A CG  1 
ATOM   1063 C  CD1 . LEU A 1 132 ? -0.025  -0.934  -3.951  1.00 20.01 ? 274 LEU A CD1 1 
ATOM   1064 C  CD2 . LEU A 1 132 ? 1.696   0.669   -4.802  1.00 31.53 ? 274 LEU A CD2 1 
ATOM   1065 N  N   . GLY A 1 133 ? 4.855   -3.288  -2.577  1.00 10.03 ? 275 GLY A N   1 
ATOM   1066 C  CA  . GLY A 1 133 ? 5.686   -3.760  -1.494  1.00 7.48  ? 275 GLY A CA  1 
ATOM   1067 C  C   . GLY A 1 133 ? 7.072   -4.193  -1.909  1.00 9.02  ? 275 GLY A C   1 
ATOM   1068 O  O   . GLY A 1 133 ? 7.776   -4.814  -1.105  1.00 12.00 ? 275 GLY A O   1 
ATOM   1069 N  N   . SER A 1 134 ? 7.490   -3.889  -3.134  1.00 10.76 ? 276 SER A N   1 
ATOM   1070 C  CA  . SER A 1 134 ? 8.782   -4.347  -3.621  1.00 10.03 ? 276 SER A CA  1 
ATOM   1071 C  C   . SER A 1 134 ? 9.916   -3.601  -2.930  1.00 9.01  ? 276 SER A C   1 
ATOM   1072 O  O   . SER A 1 134 ? 9.888   -2.372  -2.816  1.00 8.55  ? 276 SER A O   1 
ATOM   1073 C  CB  . SER A 1 134 ? 8.875   -4.151  -5.131  1.00 11.52 ? 276 SER A CB  1 
ATOM   1074 O  OG  . SER A 1 134 ? 10.207  -4.321  -5.577  1.00 13.37 ? 276 SER A OG  1 
ATOM   1075 N  N   . LEU A 1 135 ? 10.925  -4.351  -2.482  1.00 7.10  ? 277 LEU A N   1 
ATOM   1076 C  CA  . LEU A 1 135 ? 12.136  -3.725  -1.964  1.00 11.31 ? 277 LEU A CA  1 
ATOM   1077 C  C   . LEU A 1 135 ? 12.834  -2.887  -3.031  1.00 10.75 ? 277 LEU A C   1 
ATOM   1078 O  O   . LEU A 1 135 ? 13.457  -1.868  -2.710  1.00 8.51  ? 277 LEU A O   1 
ATOM   1079 C  CB  . LEU A 1 135 ? 13.080  -4.795  -1.415  1.00 12.18 ? 277 LEU A CB  1 
ATOM   1080 C  CG  . LEU A 1 135 ? 14.360  -4.316  -0.731  1.00 14.39 ? 277 LEU A CG  1 
ATOM   1081 C  CD1 . LEU A 1 135 ? 14.048  -3.295  0.351   1.00 11.03 ? 277 LEU A CD1 1 
ATOM   1082 C  CD2 . LEU A 1 135 ? 15.110  -5.504  -0.146  1.00 13.06 ? 277 LEU A CD2 1 
ATOM   1083 N  N   . ASP A 1 136 ? 12.741  -3.289  -4.303  1.00 7.53  ? 278 ASP A N   1 
ATOM   1084 C  CA  . ASP A 1 136 ? 13.316  -2.475  -5.375  1.00 9.79  ? 278 ASP A CA  1 
ATOM   1085 C  C   . ASP A 1 136 ? 12.610  -1.129  -5.478  1.00 10.77 ? 278 ASP A C   1 
ATOM   1086 O  O   . ASP A 1 136 ? 13.255  -0.088  -5.676  1.00 11.88 ? 278 ASP A O   1 
ATOM   1087 C  CB  . ASP A 1 136 ? 13.230  -3.215  -6.707  1.00 10.06 ? 278 ASP A CB  1 
ATOM   1088 C  CG  . ASP A 1 136 ? 13.971  -4.534  -6.692  1.00 13.65 ? 278 ASP A CG  1 
ATOM   1089 O  OD1 . ASP A 1 136 ? 15.014  -4.630  -6.018  1.00 11.47 ? 278 ASP A OD1 1 
ATOM   1090 O  OD2 . ASP A 1 136 ? 13.509  -5.475  -7.362  1.00 11.49 ? 278 ASP A OD2 1 
ATOM   1091 N  N   . PHE A 1 137 ? 11.279  -1.137  -5.357  1.00 7.02  ? 279 PHE A N   1 
ATOM   1092 C  CA  . PHE A 1 137 ? 10.508  0.103   -5.341  1.00 7.75  ? 279 PHE A CA  1 
ATOM   1093 C  C   . PHE A 1 137 ? 10.961  1.003   -4.199  1.00 9.73  ? 279 PHE A C   1 
ATOM   1094 O  O   . PHE A 1 137 ? 11.205  2.201   -4.392  1.00 12.39 ? 279 PHE A O   1 
ATOM   1095 C  CB  . PHE A 1 137 ? 9.017   -0.239  -5.231  1.00 7.88  ? 279 PHE A CB  1 
ATOM   1096 C  CG  . PHE A 1 137 ? 8.100   0.954   -5.184  1.00 15.28 ? 279 PHE A CG  1 
ATOM   1097 C  CD1 . PHE A 1 137 ? 8.297   2.047   -6.012  1.00 14.38 ? 279 PHE A CD1 1 
ATOM   1098 C  CD2 . PHE A 1 137 ? 7.009   0.963   -4.329  1.00 8.89  ? 279 PHE A CD2 1 
ATOM   1099 C  CE1 . PHE A 1 137 ? 7.438   3.133   -5.966  1.00 19.45 ? 279 PHE A CE1 1 
ATOM   1100 C  CE2 . PHE A 1 137 ? 6.147   2.042   -4.285  1.00 15.46 ? 279 PHE A CE2 1 
ATOM   1101 C  CZ  . PHE A 1 137 ? 6.361   3.128   -5.106  1.00 12.87 ? 279 PHE A CZ  1 
ATOM   1102 N  N   . PHE A 1 138 ? 11.125  0.426   -3.007  1.00 10.44 ? 280 PHE A N   1 
ATOM   1103 C  CA  . PHE A 1 138 ? 11.518  1.220   -1.848  1.00 6.40  ? 280 PHE A CA  1 
ATOM   1104 C  C   . PHE A 1 138 ? 12.912  1.812   -2.030  1.00 13.63 ? 280 PHE A C   1 
ATOM   1105 O  O   . PHE A 1 138 ? 13.121  3.006   -1.793  1.00 9.03  ? 280 PHE A O   1 
ATOM   1106 C  CB  . PHE A 1 138 ? 11.445  0.370   -0.575  1.00 4.28  ? 280 PHE A CB  1 
ATOM   1107 C  CG  . PHE A 1 138 ? 10.052  -0.093  -0.225  1.00 7.08  ? 280 PHE A CG  1 
ATOM   1108 C  CD1 . PHE A 1 138 ? 8.936   0.546   -0.746  1.00 3.81  ? 280 PHE A CD1 1 
ATOM   1109 C  CD2 . PHE A 1 138 ? 9.862   -1.172  0.630   1.00 7.22  ? 280 PHE A CD2 1 
ATOM   1110 C  CE1 . PHE A 1 138 ? 7.656   0.117   -0.423  1.00 7.81  ? 280 PHE A CE1 1 
ATOM   1111 C  CE2 . PHE A 1 138 ? 8.588   -1.606  0.955   1.00 6.59  ? 280 PHE A CE2 1 
ATOM   1112 C  CZ  . PHE A 1 138 ? 7.482   -0.959  0.431   1.00 5.16  ? 280 PHE A CZ  1 
ATOM   1113 N  N   . THR A 1 139 ? 13.884  0.998   -2.459  1.00 8.70  ? 281 THR A N   1 
ATOM   1114 C  CA  . THR A 1 139 ? 15.246  1.515   -2.608  1.00 9.98  ? 281 THR A CA  1 
ATOM   1115 C  C   . THR A 1 139 ? 15.304  2.613   -3.665  1.00 14.57 ? 281 THR A C   1 
ATOM   1116 O  O   . THR A 1 139 ? 15.942  3.659   -3.455  1.00 13.22 ? 281 THR A O   1 
ATOM   1117 C  CB  . THR A 1 139 ? 16.224  0.386   -2.945  1.00 13.60 ? 281 THR A CB  1 
ATOM   1118 O  OG1 . THR A 1 139 ? 15.836  -0.246  -4.169  1.00 18.87 ? 281 THR A OG1 1 
ATOM   1119 C  CG2 . THR A 1 139 ? 16.258  -0.649  -1.829  1.00 12.22 ? 281 THR A CG2 1 
ATOM   1120 N  N   . LYS A 1 140 ? 14.630  2.404   -4.800  1.00 12.79 ? 282 LYS A N   1 
ATOM   1121 C  CA  A LYS A 1 140 ? 14.559  3.455   -5.810  0.56 13.22 ? 282 LYS A CA  1 
ATOM   1122 C  CA  B LYS A 1 140 ? 14.567  3.458   -5.808  0.44 13.22 ? 282 LYS A CA  1 
ATOM   1123 C  C   . LYS A 1 140 ? 13.956  4.730   -5.232  1.00 13.68 ? 282 LYS A C   1 
ATOM   1124 O  O   . LYS A 1 140 ? 14.461  5.829   -5.471  1.00 15.31 ? 282 LYS A O   1 
ATOM   1125 C  CB  A LYS A 1 140 ? 13.750  2.977   -7.015  0.56 12.23 ? 282 LYS A CB  1 
ATOM   1126 C  CB  B LYS A 1 140 ? 13.774  2.984   -7.025  0.44 12.30 ? 282 LYS A CB  1 
ATOM   1127 C  CG  A LYS A 1 140 ? 13.529  4.041   -8.085  0.56 18.96 ? 282 LYS A CG  1 
ATOM   1128 C  CG  B LYS A 1 140 ? 13.629  4.047   -8.106  0.44 18.92 ? 282 LYS A CG  1 
ATOM   1129 C  CD  A LYS A 1 140 ? 14.663  4.058   -9.101  0.56 19.01 ? 282 LYS A CD  1 
ATOM   1130 C  CD  B LYS A 1 140 ? 13.548  3.429   -9.493  0.44 12.87 ? 282 LYS A CD  1 
ATOM   1131 C  CE  A LYS A 1 140 ? 14.502  5.201   -10.098 0.56 12.00 ? 282 LYS A CE  1 
ATOM   1132 C  CE  B LYS A 1 140 ? 13.492  4.500   -10.575 0.44 13.26 ? 282 LYS A CE  1 
ATOM   1133 N  NZ  A LYS A 1 140 ? 15.734  5.379   -10.918 0.56 15.12 ? 282 LYS A NZ  1 
ATOM   1134 N  NZ  B LYS A 1 140 ? 13.516  3.910   -11.944 0.44 11.08 ? 282 LYS A NZ  1 
ATOM   1135 N  N   . VAL A 1 141 ? 12.876  4.599   -4.461  1.00 9.78  ? 283 VAL A N   1 
ATOM   1136 C  CA  . VAL A 1 141 ? 12.224  5.769   -3.879  1.00 13.47 ? 283 VAL A CA  1 
ATOM   1137 C  C   . VAL A 1 141 ? 13.174  6.502   -2.936  1.00 16.11 ? 283 VAL A C   1 
ATOM   1138 O  O   . VAL A 1 141 ? 13.299  7.732   -2.979  1.00 11.44 ? 283 VAL A O   1 
ATOM   1139 C  CB  . VAL A 1 141 ? 10.927  5.349   -3.163  1.00 6.49  ? 283 VAL A CB  1 
ATOM   1140 C  CG1 . VAL A 1 141 ? 10.510  6.389   -2.138  1.00 17.46 ? 283 VAL A CG1 1 
ATOM   1141 C  CG2 . VAL A 1 141 ? 9.819   5.119   -4.184  1.00 6.78  ? 283 VAL A CG2 1 
ATOM   1142 N  N   . TRP A 1 142 ? 13.874  5.754   -2.083  1.00 10.62 ? 284 TRP A N   1 
ATOM   1143 C  CA  . TRP A 1 142 ? 14.718  6.371   -1.071  1.00 14.56 ? 284 TRP A CA  1 
ATOM   1144 C  C   . TRP A 1 142 ? 15.980  6.989   -1.657  1.00 17.81 ? 284 TRP A C   1 
ATOM   1145 O  O   . TRP A 1 142 ? 16.586  7.845   -1.003  1.00 10.70 ? 284 TRP A O   1 
ATOM   1146 C  CB  . TRP A 1 142 ? 15.090  5.347   0.006   1.00 9.48  ? 284 TRP A CB  1 
ATOM   1147 C  CG  . TRP A 1 142 ? 14.365  5.553   1.304   1.00 12.57 ? 284 TRP A CG  1 
ATOM   1148 C  CD1 . TRP A 1 142 ? 14.882  6.064   2.463   1.00 5.44  ? 284 TRP A CD1 1 
ATOM   1149 C  CD2 . TRP A 1 142 ? 12.988  5.258   1.577   1.00 10.28 ? 284 TRP A CD2 1 
ATOM   1150 N  NE1 . TRP A 1 142 ? 13.916  6.099   3.438   1.00 5.43  ? 284 TRP A NE1 1 
ATOM   1151 C  CE2 . TRP A 1 142 ? 12.745  5.612   2.922   1.00 7.43  ? 284 TRP A CE2 1 
ATOM   1152 C  CE3 . TRP A 1 142 ? 11.941  4.727   0.817   1.00 9.38  ? 284 TRP A CE3 1 
ATOM   1153 C  CZ2 . TRP A 1 142 ? 11.498  5.454   3.522   1.00 6.23  ? 284 TRP A CZ2 1 
ATOM   1154 C  CZ3 . TRP A 1 142 ? 10.699  4.570   1.417   1.00 13.15 ? 284 TRP A CZ3 1 
ATOM   1155 C  CH2 . TRP A 1 142 ? 10.491  4.932   2.757   1.00 6.77  ? 284 TRP A CH2 1 
ATOM   1156 N  N   . ASP A 1 143 ? 16.392  6.588   -2.862  1.00 19.94 ? 285 ASP A N   1 
ATOM   1157 C  CA  . ASP A 1 143 ? 17.616  7.137   -3.442  1.00 18.79 ? 285 ASP A CA  1 
ATOM   1158 C  C   . ASP A 1 143 ? 17.402  8.124   -4.581  1.00 23.47 ? 285 ASP A C   1 
ATOM   1159 O  O   . ASP A 1 143 ? 18.205  9.048   -4.732  1.00 24.94 ? 285 ASP A O   1 
ATOM   1160 C  CB  . ASP A 1 143 ? 18.520  6.008   -3.951  1.00 16.72 ? 285 ASP A CB  1 
ATOM   1161 C  CG  . ASP A 1 143 ? 19.479  5.516   -2.897  1.00 15.74 ? 285 ASP A CG  1 
ATOM   1162 O  OD1 . ASP A 1 143 ? 19.475  6.075   -1.781  1.00 24.09 ? 285 ASP A OD1 1 
ATOM   1163 O  OD2 . ASP A 1 143 ? 20.243  4.574   -3.184  1.00 20.88 ? 285 ASP A OD2 1 
ATOM   1164 N  N   . ASP A 1 144 ? 16.353  7.964   -5.384  1.00 24.88 ? 286 ASP A N   1 
ATOM   1165 C  CA  . ASP A 1 144 ? 16.276  8.615   -6.687  1.00 25.06 ? 286 ASP A CA  1 
ATOM   1166 C  C   . ASP A 1 144 ? 15.117  9.598   -6.814  1.00 29.71 ? 286 ASP A C   1 
ATOM   1167 O  O   . ASP A 1 144 ? 14.867  10.099  -7.917  1.00 41.25 ? 286 ASP A O   1 
ATOM   1168 C  CB  . ASP A 1 144 ? 16.184  7.554   -7.792  1.00 21.17 ? 286 ASP A CB  1 
ATOM   1169 C  CG  . ASP A 1 144 ? 17.475  6.765   -7.957  1.00 22.46 ? 286 ASP A CG  1 
ATOM   1170 O  OD1 . ASP A 1 144 ? 18.502  7.171   -7.371  1.00 27.03 ? 286 ASP A OD1 1 
ATOM   1171 O  OD2 . ASP A 1 144 ? 17.465  5.734   -8.665  1.00 19.01 ? 286 ASP A OD2 1 
ATOM   1172 N  N   . LEU A 1 145 ? 14.405  9.891   -5.733  1.00 23.14 ? 287 LEU A N   1 
ATOM   1173 C  CA  . LEU A 1 145 ? 13.310  10.848  -5.793  1.00 34.00 ? 287 LEU A CA  1 
ATOM   1174 C  C   . LEU A 1 145 ? 13.803  12.255  -5.481  1.00 35.53 ? 287 LEU A C   1 
ATOM   1175 O  O   . LEU A 1 145 ? 14.750  12.452  -4.714  1.00 33.03 ? 287 LEU A O   1 
ATOM   1176 C  CB  . LEU A 1 145 ? 12.193  10.482  -4.812  1.00 30.63 ? 287 LEU A CB  1 
ATOM   1177 C  CG  . LEU A 1 145 ? 11.203  9.380   -5.182  1.00 20.48 ? 287 LEU A CG  1 
ATOM   1178 C  CD1 . LEU A 1 145 ? 10.057  9.367   -4.184  1.00 26.35 ? 287 LEU A CD1 1 
ATOM   1179 C  CD2 . LEU A 1 145 ? 10.680  9.558   -6.597  1.00 26.45 ? 287 LEU A CD2 1 
ATOM   1180 N  N   . GLU A 1 146 ? 13.147  13.237  -6.087  1.00 29.16 ? 288 GLU A N   1 
ATOM   1181 C  CA  . GLU A 1 146 ? 13.332  14.612  -5.661  1.00 21.31 ? 288 GLU A CA  1 
ATOM   1182 C  C   . GLU A 1 146 ? 12.501  14.874  -4.409  1.00 22.11 ? 288 GLU A C   1 
ATOM   1183 O  O   . GLU A 1 146 ? 11.579  14.123  -4.076  1.00 26.15 ? 288 GLU A O   1 
ATOM   1184 C  CB  . GLU A 1 146 ? 12.932  15.591  -6.771  1.00 22.66 ? 288 GLU A CB  1 
ATOM   1185 C  CG  . GLU A 1 146 ? 13.081  15.054  -8.191  1.00 31.51 ? 288 GLU A CG  1 
ATOM   1186 C  CD  . GLU A 1 146 ? 14.517  15.048  -8.679  1.00 48.74 ? 288 GLU A CD  1 
ATOM   1187 O  OE1 . GLU A 1 146 ? 15.380  15.654  -8.010  1.00 51.11 ? 288 GLU A OE1 1 
ATOM   1188 O  OE2 . GLU A 1 146 ? 14.780  14.439  -9.739  1.00 61.62 ? 288 GLU A OE2 1 
ATOM   1189 N  N   . ILE A 1 147 ? 12.842  15.958  -3.705  1.00 20.64 ? 289 ILE A N   1 
ATOM   1190 C  CA  . ILE A 1 147 ? 12.047  16.360  -2.548  1.00 16.54 ? 289 ILE A CA  1 
ATOM   1191 C  C   . ILE A 1 147 ? 10.643  16.767  -2.978  1.00 14.87 ? 289 ILE A C   1 
ATOM   1192 O  O   . ILE A 1 147 ? 9.681   16.610  -2.214  1.00 14.55 ? 289 ILE A O   1 
ATOM   1193 C  CB  . ILE A 1 147 ? 12.761  17.488  -1.768  1.00 17.95 ? 289 ILE A CB  1 
ATOM   1194 C  CG1 . ILE A 1 147 ? 12.133  17.672  -0.384  1.00 17.43 ? 289 ILE A CG1 1 
ATOM   1195 C  CG2 . ILE A 1 147 ? 12.750  18.798  -2.553  1.00 23.81 ? 289 ILE A CG2 1 
ATOM   1196 C  CD1 . ILE A 1 147 ? 12.575  16.635  0.629   1.00 22.30 ? 289 ILE A CD1 1 
ATOM   1197 N  N   . GLU A 1 148 ? 10.490  17.266  -4.210  1.00 12.42 ? 290 GLU A N   1 
ATOM   1198 C  CA  . GLU A 1 148 ? 9.182   17.657  -4.728  1.00 19.07 ? 290 GLU A CA  1 
ATOM   1199 C  C   . GLU A 1 148 ? 8.264   16.469  -4.992  1.00 19.94 ? 290 GLU A C   1 
ATOM   1200 O  O   . GLU A 1 148 ? 7.071   16.676  -5.246  1.00 20.58 ? 290 GLU A O   1 
ATOM   1201 C  CB  . GLU A 1 148 ? 9.342   18.467  -6.019  1.00 23.01 ? 290 GLU A CB  1 
ATOM   1202 C  CG  . GLU A 1 148 ? 9.617   19.948  -5.805  1.00 28.65 ? 290 GLU A CG  1 
ATOM   1203 C  CD  . GLU A 1 148 ? 11.071  20.234  -5.477  1.00 34.83 ? 290 GLU A CD  1 
ATOM   1204 O  OE1 . GLU A 1 148 ? 11.337  21.260  -4.812  1.00 23.11 ? 290 GLU A OE1 1 
ATOM   1205 O  OE2 . GLU A 1 148 ? 11.943  19.433  -5.883  1.00 26.91 ? 290 GLU A OE2 1 
ATOM   1206 N  N   . ASP A 1 149 ? 8.780   15.240  -4.950  1.00 20.61 ? 291 ASP A N   1 
ATOM   1207 C  CA  . ASP A 1 149 ? 7.954   14.065  -5.197  1.00 24.48 ? 291 ASP A CA  1 
ATOM   1208 C  C   . ASP A 1 149 ? 7.139   13.644  -3.979  1.00 22.74 ? 291 ASP A C   1 
ATOM   1209 O  O   . ASP A 1 149 ? 6.322   12.724  -4.088  1.00 23.48 ? 291 ASP A O   1 
ATOM   1210 C  CB  . ASP A 1 149 ? 8.835   12.917  -5.693  1.00 26.15 ? 291 ASP A CB  1 
ATOM   1211 C  CG  . ASP A 1 149 ? 9.491   13.237  -7.029  1.00 29.06 ? 291 ASP A CG  1 
ATOM   1212 O  OD1 . ASP A 1 149 ? 10.620  12.767  -7.291  1.00 24.08 ? 291 ASP A OD1 1 
ATOM   1213 O  OD2 . ASP A 1 149 ? 8.873   13.986  -7.814  1.00 22.26 ? 291 ASP A OD2 1 
ATOM   1214 N  N   . ASP A 1 150 ? 7.356   14.287  -2.830  1.00 12.34 ? 292 ASP A N   1 
ATOM   1215 C  CA  . ASP A 1 150 ? 6.405   14.293  -1.717  1.00 10.81 ? 292 ASP A CA  1 
ATOM   1216 C  C   . ASP A 1 150 ? 6.212   12.907  -1.104  1.00 15.94 ? 292 ASP A C   1 
ATOM   1217 O  O   . ASP A 1 150 ? 5.102   12.523  -0.729  1.00 14.01 ? 292 ASP A O   1 
ATOM   1218 C  CB  . ASP A 1 150 ? 5.067   14.893  -2.150  1.00 17.94 ? 292 ASP A CB  1 
ATOM   1219 C  CG  . ASP A 1 150 ? 5.151   16.397  -2.377  1.00 18.67 ? 292 ASP A CG  1 
ATOM   1220 O  OD1 . ASP A 1 150 ? 5.965   17.054  -1.696  1.00 16.21 ? 292 ASP A OD1 1 
ATOM   1221 O  OD2 . ASP A 1 150 ? 4.411   16.924  -3.232  1.00 19.01 ? 292 ASP A OD2 1 
ATOM   1222 N  N   . LEU A 1 151 ? 7.305   12.152  -0.984  1.00 11.69 ? 293 LEU A N   1 
ATOM   1223 C  CA  . LEU A 1 151 ? 7.293   10.993  -0.097  1.00 10.59 ? 293 LEU A CA  1 
ATOM   1224 C  C   . LEU A 1 151 ? 6.878   11.395  1.314   1.00 19.10 ? 293 LEU A C   1 
ATOM   1225 O  O   . LEU A 1 151 ? 6.239   10.610  2.029   1.00 13.36 ? 293 LEU A O   1 
ATOM   1226 C  CB  . LEU A 1 151 ? 8.673   10.335  -0.084  1.00 9.39  ? 293 LEU A CB  1 
ATOM   1227 C  CG  . LEU A 1 151 ? 8.860   9.091   0.784   1.00 9.60  ? 293 LEU A CG  1 
ATOM   1228 C  CD1 . LEU A 1 151 ? 7.974   7.944   0.295   1.00 7.43  ? 293 LEU A CD1 1 
ATOM   1229 C  CD2 . LEU A 1 151 ? 10.321  8.688   0.790   1.00 12.57 ? 293 LEU A CD2 1 
ATOM   1230 N  N   . PHE A 1 152 ? 7.211   12.628  1.718   1.00 11.46 ? 294 PHE A N   1 
ATOM   1231 C  CA  . PHE A 1 152 ? 6.848   13.109  3.048   1.00 14.20 ? 294 PHE A CA  1 
ATOM   1232 C  C   . PHE A 1 152 ? 5.342   13.082  3.267   1.00 14.10 ? 294 PHE A C   1 
ATOM   1233 O  O   . PHE A 1 152 ? 4.876   12.712  4.348   1.00 14.92 ? 294 PHE A O   1 
ATOM   1234 C  CB  . PHE A 1 152 ? 7.380   14.527  3.270   1.00 18.09 ? 294 PHE A CB  1 
ATOM   1235 C  CG  . PHE A 1 152 ? 6.793   15.207  4.481   1.00 20.39 ? 294 PHE A CG  1 
ATOM   1236 C  CD1 . PHE A 1 152 ? 7.242   14.890  5.754   1.00 17.53 ? 294 PHE A CD1 1 
ATOM   1237 C  CD2 . PHE A 1 152 ? 5.776   16.141  4.348   1.00 18.58 ? 294 PHE A CD2 1 
ATOM   1238 C  CE1 . PHE A 1 152 ? 6.698   15.501  6.872   1.00 20.93 ? 294 PHE A CE1 1 
ATOM   1239 C  CE2 . PHE A 1 152 ? 5.226   16.754  5.461   1.00 24.44 ? 294 PHE A CE2 1 
ATOM   1240 C  CZ  . PHE A 1 152 ? 5.686   16.431  6.724   1.00 23.96 ? 294 PHE A CZ  1 
ATOM   1241 N  N   . LEU A 1 153 ? 4.564   13.492  2.263   1.00 15.98 ? 295 LEU A N   1 
ATOM   1242 C  CA  . LEU A 1 153 ? 3.111   13.499  2.421   1.00 10.65 ? 295 LEU A CA  1 
ATOM   1243 C  C   . LEU A 1 153 ? 2.576   12.090  2.632   1.00 14.13 ? 295 LEU A C   1 
ATOM   1244 O  O   . LEU A 1 153 ? 1.708   11.861  3.485   1.00 16.58 ? 295 LEU A O   1 
ATOM   1245 C  CB  . LEU A 1 153 ? 2.457   14.148  1.201   1.00 15.82 ? 295 LEU A CB  1 
ATOM   1246 C  CG  . LEU A 1 153 ? 2.857   15.600  0.941   1.00 24.31 ? 295 LEU A CG  1 
ATOM   1247 C  CD1 . LEU A 1 153 ? 2.057   16.180  -0.209  1.00 21.53 ? 295 LEU A CD1 1 
ATOM   1248 C  CD2 . LEU A 1 153 ? 2.671   16.439  2.195   1.00 21.46 ? 295 LEU A CD2 1 
ATOM   1249 N  N   . LEU A 1 154 ? 3.097   11.126  1.870   1.00 12.23 ? 296 LEU A N   1 
ATOM   1250 C  CA  . LEU A 1 154 ? 2.629   9.751   1.989   1.00 15.75 ? 296 LEU A CA  1 
ATOM   1251 C  C   . LEU A 1 154 ? 2.999   9.158   3.342   1.00 15.53 ? 296 LEU A C   1 
ATOM   1252 O  O   . LEU A 1 154 ? 2.138   8.622   4.049   1.00 16.27 ? 296 LEU A O   1 
ATOM   1253 C  CB  . LEU A 1 154 ? 3.205   8.901   0.857   1.00 11.09 ? 296 LEU A CB  1 
ATOM   1254 C  CG  . LEU A 1 154 ? 2.911   7.407   1.004   1.00 14.10 ? 296 LEU A CG  1 
ATOM   1255 C  CD1 . LEU A 1 154 ? 1.407   7.158   1.000   1.00 13.14 ? 296 LEU A CD1 1 
ATOM   1256 C  CD2 . LEU A 1 154 ? 3.604   6.610   -0.088  1.00 18.78 ? 296 LEU A CD2 1 
ATOM   1257 N  N   . ILE A 1 155 ? 4.277   9.238   3.720   1.00 13.42 ? 297 ILE A N   1 
ATOM   1258 C  CA  . ILE A 1 155 ? 4.695   8.618   4.973   1.00 11.60 ? 297 ILE A CA  1 
ATOM   1259 C  C   . ILE A 1 155 ? 4.054   9.323   6.159   1.00 20.69 ? 297 ILE A C   1 
ATOM   1260 O  O   . ILE A 1 155 ? 3.604   8.680   7.113   1.00 15.81 ? 297 ILE A O   1 
ATOM   1261 C  CB  . ILE A 1 155 ? 6.229   8.605   5.091   1.00 11.10 ? 297 ILE A CB  1 
ATOM   1262 C  CG1 . ILE A 1 155 ? 6.850   7.872   3.900   1.00 10.12 ? 297 ILE A CG1 1 
ATOM   1263 C  CG2 . ILE A 1 155 ? 6.645   7.963   6.407   1.00 13.62 ? 297 ILE A CG2 1 
ATOM   1264 C  CD1 . ILE A 1 155 ? 6.303   6.472   3.687   1.00 12.93 ? 297 ILE A CD1 1 
ATOM   1265 N  N   . SER A 1 156 ? 3.993   10.654  6.116   1.00 13.63 ? 298 SER A N   1 
ATOM   1266 C  CA  . SER A 1 156 ? 3.395   11.403  7.212   1.00 18.54 ? 298 SER A CA  1 
ATOM   1267 C  C   . SER A 1 156 ? 1.893   11.177  7.306   1.00 20.50 ? 298 SER A C   1 
ATOM   1268 O  O   . SER A 1 156 ? 1.312   11.406  8.372   1.00 29.67 ? 298 SER A O   1 
ATOM   1269 C  CB  . SER A 1 156 ? 3.696   12.895  7.064   1.00 13.52 ? 298 SER A CB  1 
ATOM   1270 O  OG  . SER A 1 156 ? 2.972   13.456  5.985   1.00 28.98 ? 298 SER A OG  1 
ATOM   1271 N  N   . ALA A 1 157 ? 1.248   10.740  6.221   1.00 20.27 ? 299 ALA A N   1 
ATOM   1272 C  CA  . ALA A 1 157 ? -0.144  10.325  6.345   1.00 15.57 ? 299 ALA A CA  1 
ATOM   1273 C  C   . ALA A 1 157 ? -0.264  8.888   6.838   1.00 27.32 ? 299 ALA A C   1 
ATOM   1274 O  O   . ALA A 1 157 ? -1.219  8.559   7.549   1.00 25.74 ? 299 ALA A O   1 
ATOM   1275 C  CB  . ALA A 1 157 ? -0.865  10.490  5.007   1.00 18.62 ? 299 ALA A CB  1 
ATOM   1276 N  N   . LEU A 1 158 ? 0.701   8.032   6.494   1.00 21.35 ? 300 LEU A N   1 
ATOM   1277 C  CA  . LEU A 1 158 ? 0.632   6.620   6.862   1.00 16.68 ? 300 LEU A CA  1 
ATOM   1278 C  C   . LEU A 1 158 ? 0.975   6.387   8.329   1.00 21.95 ? 300 LEU A C   1 
ATOM   1279 O  O   . LEU A 1 158 ? 0.376   5.523   8.978   1.00 17.82 ? 300 LEU A O   1 
ATOM   1280 C  CB  . LEU A 1 158 ? 1.573   5.805   5.974   1.00 14.27 ? 300 LEU A CB  1 
ATOM   1281 C  CG  . LEU A 1 158 ? 1.145   5.584   4.521   1.00 13.56 ? 300 LEU A CG  1 
ATOM   1282 C  CD1 . LEU A 1 158 ? 2.172   4.729   3.797   1.00 11.47 ? 300 LEU A CD1 1 
ATOM   1283 C  CD2 . LEU A 1 158 ? -0.237  4.951   4.459   1.00 14.11 ? 300 LEU A CD2 1 
ATOM   1284 N  N   . ASN A 1 159 ? 1.940   7.134   8.868   1.00 23.41 ? 301 ASN A N   1 
ATOM   1285 C  CA  . ASN A 1 159 ? 2.453   6.849   10.202  1.00 19.45 ? 301 ASN A CA  1 
ATOM   1286 C  C   . ASN A 1 159 ? 1.500   7.270   11.312  1.00 20.00 ? 301 ASN A C   1 
ATOM   1287 O  O   . ASN A 1 159 ? 1.774   6.982   12.481  1.00 23.11 ? 301 ASN A O   1 
ATOM   1288 C  CB  . ASN A 1 159 ? 3.825   7.510   10.403  1.00 12.43 ? 301 ASN A CB  1 
ATOM   1289 C  CG  . ASN A 1 159 ? 3.783   9.030   10.314  1.00 23.62 ? 301 ASN A CG  1 
ATOM   1290 O  OD1 . ASN A 1 159 ? 2.718   9.639   10.213  1.00 27.26 ? 301 ASN A OD1 1 
ATOM   1291 N  ND2 . ASN A 1 159 ? 4.959   9.650   10.357  1.00 22.50 ? 301 ASN A ND2 1 
ATOM   1292 N  N   . LYS A 1 160 ? 0.400   7.946   10.980  1.00 21.55 ? 302 LYS A N   1 
ATOM   1293 C  CA  . LYS A 1 160 ? -0.606  8.243   11.990  1.00 20.86 ? 302 LYS A CA  1 
ATOM   1294 C  C   . LYS A 1 160 ? -1.422  7.012   12.352  1.00 19.93 ? 302 LYS A C   1 
ATOM   1295 O  O   . LYS A 1 160 ? -2.044  6.986   13.420  1.00 13.82 ? 302 LYS A O   1 
ATOM   1296 C  CB  . LYS A 1 160 ? -1.541  9.352   11.498  1.00 23.80 ? 302 LYS A CB  1 
ATOM   1297 C  CG  . LYS A 1 160 ? -0.841  10.558  10.895  1.00 31.19 ? 302 LYS A CG  1 
ATOM   1298 C  CD  . LYS A 1 160 ? 0.095   11.221  11.893  1.00 26.46 ? 302 LYS A CD  1 
ATOM   1299 C  CE  . LYS A 1 160 ? 0.650   12.533  11.343  1.00 33.51 ? 302 LYS A CE  1 
ATOM   1300 N  NZ  . LYS A 1 160 ? 2.093   12.432  10.968  1.00 22.16 ? 302 LYS A NZ  1 
ATOM   1301 N  N   . TYR A 1 161 ? -1.412  5.988   11.500  1.00 21.05 ? 303 TYR A N   1 
ATOM   1302 C  CA  . TYR A 1 161 ? -2.315  4.852   11.618  1.00 25.55 ? 303 TYR A CA  1 
ATOM   1303 C  C   . TYR A 1 161 ? -1.654  3.597   12.178  1.00 25.78 ? 303 TYR A C   1 
ATOM   1304 O  O   . TYR A 1 161 ? -2.315  2.557   12.258  1.00 31.91 ? 303 TYR A O   1 
ATOM   1305 C  CB  . TYR A 1 161 ? -2.924  4.536   10.248  1.00 18.17 ? 303 TYR A CB  1 
ATOM   1306 C  CG  . TYR A 1 161 ? -3.842  5.615   9.730   1.00 18.54 ? 303 TYR A CG  1 
ATOM   1307 C  CD1 . TYR A 1 161 ? -5.161  5.691   10.156  1.00 20.17 ? 303 TYR A CD1 1 
ATOM   1308 C  CD2 . TYR A 1 161 ? -3.389  6.562   8.821   1.00 23.77 ? 303 TYR A CD2 1 
ATOM   1309 C  CE1 . TYR A 1 161 ? -6.007  6.677   9.690   1.00 20.34 ? 303 TYR A CE1 1 
ATOM   1310 C  CE2 . TYR A 1 161 ? -4.229  7.555   8.348   1.00 34.27 ? 303 TYR A CE2 1 
ATOM   1311 C  CZ  . TYR A 1 161 ? -5.536  7.608   8.790   1.00 23.90 ? 303 TYR A CZ  1 
ATOM   1312 O  OH  . TYR A 1 161 ? -6.380  8.589   8.324   1.00 24.64 ? 303 TYR A OH  1 
ATOM   1313 N  N   . THR A 1 162 ? -0.385  3.664   12.584  1.00 16.16 ? 304 THR A N   1 
ATOM   1314 C  CA  . THR A 1 162 ? 0.335   2.448   12.946  1.00 16.17 ? 304 THR A CA  1 
ATOM   1315 C  C   . THR A 1 162 ? -0.128  1.846   14.270  1.00 17.37 ? 304 THR A C   1 
ATOM   1316 O  O   . THR A 1 162 ? 0.038   0.638   14.476  1.00 14.19 ? 304 THR A O   1 
ATOM   1317 C  CB  . THR A 1 162 ? 1.838   2.727   13.012  1.00 15.32 ? 304 THR A CB  1 
ATOM   1318 O  OG1 . THR A 1 162 ? 2.086   3.776   13.955  1.00 15.51 ? 304 THR A OG1 1 
ATOM   1319 C  CG2 . THR A 1 162 ? 2.364   3.145   11.647  1.00 12.54 ? 304 THR A CG2 1 
ATOM   1320 N  N   . GLN A 1 163 ? -0.704  2.644   15.168  1.00 14.74 ? 305 GLN A N   1 
ATOM   1321 C  CA  . GLN A 1 163 ? -1.018  2.170   16.512  1.00 19.34 ? 305 GLN A CA  1 
ATOM   1322 C  C   . GLN A 1 163 ? -2.492  1.857   16.723  1.00 27.06 ? 305 GLN A C   1 
ATOM   1323 O  O   . GLN A 1 163 ? -2.847  1.324   17.779  1.00 26.84 ? 305 GLN A O   1 
ATOM   1324 C  CB  . GLN A 1 163 ? -0.570  3.200   17.555  1.00 18.01 ? 305 GLN A CB  1 
ATOM   1325 C  CG  . GLN A 1 163 ? 0.860   3.668   17.375  1.00 26.63 ? 305 GLN A CG  1 
ATOM   1326 C  CD  . GLN A 1 163 ? 1.544   3.966   18.691  1.00 39.63 ? 305 GLN A CD  1 
ATOM   1327 O  OE1 . GLN A 1 163 ? 1.517   5.096   19.178  1.00 63.44 ? 305 GLN A OE1 1 
ATOM   1328 N  NE2 . GLN A 1 163 ? 2.157   2.945   19.281  1.00 33.16 ? 305 GLN A NE2 1 
ATOM   1329 N  N   . ILE A 1 164 ? -3.353  2.170   15.760  1.00 18.76 ? 306 ILE A N   1 
ATOM   1330 C  CA  . ILE A 1 164 ? -4.788  1.950   15.875  1.00 20.35 ? 306 ILE A CA  1 
ATOM   1331 C  C   . ILE A 1 164 ? -5.231  1.068   14.716  1.00 29.57 ? 306 ILE A C   1 
ATOM   1332 O  O   . ILE A 1 164 ? -4.704  1.188   13.605  1.00 23.20 ? 306 ILE A O   1 
ATOM   1333 C  CB  . ILE A 1 164 ? -5.562  3.287   15.881  1.00 25.10 ? 306 ILE A CB  1 
ATOM   1334 C  CG1 . ILE A 1 164 ? -7.073  3.052   15.942  1.00 29.14 ? 306 ILE A CG1 1 
ATOM   1335 C  CG2 . ILE A 1 164 ? -5.206  4.119   14.656  1.00 37.80 ? 306 ILE A CG2 1 
ATOM   1336 C  CD1 . ILE A 1 164 ? -7.888  4.329   15.822  1.00 26.17 ? 306 ILE A CD1 1 
ATOM   1337 N  N   . GLU A 1 165 ? -6.184  0.173   14.984  1.00 24.63 ? 307 GLU A N   1 
ATOM   1338 C  CA  . GLU A 1 165 ? -6.734  -0.686  13.941  1.00 35.38 ? 307 GLU A CA  1 
ATOM   1339 C  C   . GLU A 1 165 ? -7.205  0.142   12.753  1.00 27.55 ? 307 GLU A C   1 
ATOM   1340 O  O   . GLU A 1 165 ? -7.873  1.167   12.918  1.00 26.75 ? 307 GLU A O   1 
ATOM   1341 C  CB  . GLU A 1 165 ? -7.897  -1.513  14.493  1.00 27.28 ? 307 GLU A CB  1 
ATOM   1342 C  CG  . GLU A 1 165 ? -7.526  -2.483  15.597  1.00 42.87 ? 307 GLU A CG  1 
ATOM   1343 C  CD  . GLU A 1 165 ? -8.748  -3.109  16.239  1.00 57.98 ? 307 GLU A CD  1 
ATOM   1344 O  OE1 . GLU A 1 165 ? -9.747  -2.386  16.441  1.00 55.97 ? 307 GLU A OE1 1 
ATOM   1345 O  OE2 . GLU A 1 165 ? -8.714  -4.322  16.533  1.00 70.00 ? 307 GLU A OE2 1 
ATOM   1346 N  N   . LEU A 1 166 ? -6.852  -0.312  11.549  1.00 22.04 ? 308 LEU A N   1 
ATOM   1347 C  CA  . LEU A 1 166 ? -7.186  0.446   10.348  1.00 27.06 ? 308 LEU A CA  1 
ATOM   1348 C  C   . LEU A 1 166 ? -8.684  0.418   10.070  1.00 31.89 ? 308 LEU A C   1 
ATOM   1349 O  O   . LEU A 1 166 ? -9.263  1.434   9.666   1.00 37.61 ? 308 LEU A O   1 
ATOM   1350 C  CB  . LEU A 1 166 ? -6.406  -0.099  9.151   1.00 26.90 ? 308 LEU A CB  1 
ATOM   1351 C  CG  . LEU A 1 166 ? -4.882  0.027   9.210   1.00 20.56 ? 308 LEU A CG  1 
ATOM   1352 C  CD1 . LEU A 1 166 ? -4.246  -0.594  7.978   1.00 14.89 ? 308 LEU A CD1 1 
ATOM   1353 C  CD2 . LEU A 1 166 ? -4.472  1.477   9.351   1.00 19.97 ? 308 LEU A CD2 1 
ATOM   1354 N  N   . ILE A 1 167 ? -9.327  -0.732  10.265  1.00 32.10 ? 309 ILE A N   1 
ATOM   1355 C  CA  . ILE A 1 167 ? -10.764 -0.883  10.065  1.00 43.36 ? 309 ILE A CA  1 
ATOM   1356 C  C   . ILE A 1 167 ? -11.365 -1.472  11.334  1.00 50.61 ? 309 ILE A C   1 
ATOM   1357 O  O   . ILE A 1 167 ? -10.876 -2.485  11.846  1.00 34.38 ? 309 ILE A O   1 
ATOM   1358 C  CB  . ILE A 1 167 ? -11.094 -1.771  8.850   1.00 38.76 ? 309 ILE A CB  1 
ATOM   1359 C  CG1 . ILE A 1 167 ? -10.228 -1.391  7.645   1.00 38.72 ? 309 ILE A CG1 1 
ATOM   1360 C  CG2 . ILE A 1 167 ? -12.570 -1.660  8.495   1.00 40.71 ? 309 ILE A CG2 1 
ATOM   1361 C  CD1 . ILE A 1 167 ? -10.538 -0.026  7.077   1.00 37.49 ? 309 ILE A CD1 1 
ATOM   1362 N  N   . TYR A 1 168 ? -12.424 -0.843  11.834  1.00 52.76 ? 310 TYR A N   1 
ATOM   1363 C  CA  . TYR A 1 168 ? -13.063 -1.293  13.065  1.00 54.67 ? 310 TYR A CA  1 
ATOM   1364 C  C   . TYR A 1 168 ? -14.562 -1.013  13.047  1.00 68.04 ? 310 TYR A C   1 
ATOM   1365 O  O   . TYR A 1 168 ? -15.281 -1.378  13.978  1.00 69.84 ? 310 TYR A O   1 
ATOM   1366 C  CB  . TYR A 1 168 ? -12.416 -0.621  14.279  1.00 50.11 ? 310 TYR A CB  1 
ATOM   1367 C  CG  . TYR A 1 168 ? -12.229 0.874   14.128  1.00 50.00 ? 310 TYR A CG  1 
ATOM   1368 C  CD1 . TYR A 1 168 ? -13.257 1.757   14.439  1.00 39.22 ? 310 TYR A CD1 1 
ATOM   1369 C  CD2 . TYR A 1 168 ? -11.024 1.403   13.679  1.00 32.87 ? 310 TYR A CD2 1 
ATOM   1370 C  CE1 . TYR A 1 168 ? -13.091 3.123   14.305  1.00 29.83 ? 310 TYR A CE1 1 
ATOM   1371 C  CE2 . TYR A 1 168 ? -10.851 2.767   13.541  1.00 36.07 ? 310 TYR A CE2 1 
ATOM   1372 C  CZ  . TYR A 1 168 ? -11.887 3.622   13.857  1.00 28.08 ? 310 TYR A CZ  1 
ATOM   1373 O  OH  . TYR A 1 168 ? -11.720 4.980   13.723  1.00 31.47 ? 310 TYR A OH  1 
HETATM 1374 C  C2  A PEF B 2 .   ? -10.759 4.677   4.052   1.00 24.15 ? 401 PEF A C2  1 
HETATM 1375 C  C1  A PEF B 2 .   ? -11.602 3.784   4.954   1.00 24.30 ? 401 PEF A C1  1 
HETATM 1376 N  N   A PEF B 2 .   ? -12.361 4.155   10.830  0.50 29.33 ? 401 PEF A N   1 
HETATM 1377 C  C3  A PEF B 2 .   ? -10.433 6.002   4.724   1.00 13.45 ? 401 PEF A C3  1 
HETATM 1378 C  C4  A PEF B 2 .   ? -12.488 2.820   8.815   0.50 36.42 ? 401 PEF A C4  1 
HETATM 1379 C  C5  A PEF B 2 .   ? -12.795 2.878   10.305  0.50 35.46 ? 401 PEF A C5  1 
HETATM 1380 C  C10 A PEF B 2 .   ? -9.082  4.159   2.433   1.00 22.40 ? 401 PEF A C10 1 
HETATM 1381 C  C11 A PEF B 2 .   ? -7.952  3.294   1.932   1.00 29.38 ? 401 PEF A C11 1 
HETATM 1382 C  C12 A PEF B 2 .   ? -6.818  4.123   1.339   1.00 23.00 ? 401 PEF A C12 1 
HETATM 1383 C  C13 A PEF B 2 .   ? -5.609  3.209   1.165   1.00 20.54 ? 401 PEF A C13 1 
HETATM 1384 C  C14 A PEF B 2 .   ? -4.445  3.865   0.431   1.00 21.61 ? 401 PEF A C14 1 
HETATM 1385 C  C15 A PEF B 2 .   ? -3.196  3.010   0.629   1.00 27.43 ? 401 PEF A C15 1 
HETATM 1386 C  C16 A PEF B 2 .   ? -2.010  3.530   -0.170  1.00 35.38 ? 401 PEF A C16 1 
HETATM 1387 C  C17 A PEF B 2 .   ? -0.697  2.928   0.324   1.00 32.13 ? 401 PEF A C17 1 
HETATM 1388 C  C18 A PEF B 2 .   ? -0.797  1.421   0.537   1.00 30.61 ? 401 PEF A C18 1 
HETATM 1389 C  C19 A PEF B 2 .   ? 0.496   0.716   0.138   1.00 35.19 ? 401 PEF A C19 1 
HETATM 1390 C  C20 A PEF B 2 .   ? 1.725   1.357   0.776   1.00 20.72 ? 401 PEF A C20 1 
HETATM 1391 C  C21 A PEF B 2 .   ? 2.783   1.652   -0.282  1.00 21.44 ? 401 PEF A C21 1 
HETATM 1392 C  C22 A PEF B 2 .   ? 3.967   2.409   0.308   1.00 20.19 ? 401 PEF A C22 1 
HETATM 1393 C  C23 A PEF B 2 .   ? 4.820   3.036   -0.792  1.00 14.73 ? 401 PEF A C23 1 
HETATM 1394 C  C24 A PEF B 2 .   ? 6.067   3.685   -0.206  1.00 14.44 ? 401 PEF A C24 1 
HETATM 1395 C  C25 A PEF B 2 .   ? 6.831   4.458   -1.258  1.00 20.26 ? 401 PEF A C25 1 
HETATM 1396 C  C30 A PEF B 2 .   ? -8.042  6.069   5.357   1.00 27.79 ? 401 PEF A C30 1 
HETATM 1397 C  C31 A PEF B 2 .   ? -6.939  5.844   6.364   1.00 27.61 ? 401 PEF A C31 1 
HETATM 1398 C  C32 A PEF B 2 .   ? -6.181  4.566   6.026   1.00 25.24 ? 401 PEF A C32 1 
HETATM 1399 C  C33 A PEF B 2 .   ? -7.027  3.328   6.296   1.00 29.79 ? 401 PEF A C33 1 
HETATM 1400 C  C34 A PEF B 2 .   ? -6.605  2.178   5.389   1.00 39.05 ? 401 PEF A C34 1 
HETATM 1401 C  C35 A PEF B 2 .   ? -7.297  0.878   5.783   1.00 40.18 ? 401 PEF A C35 1 
HETATM 1402 C  C36 A PEF B 2 .   ? -7.372  -0.088  4.606   1.00 51.35 ? 401 PEF A C36 1 
HETATM 1403 C  C37 A PEF B 2 .   ? -7.621  -1.523  5.061   1.00 40.40 ? 401 PEF A C37 1 
HETATM 1404 C  C38 A PEF B 2 .   ? -7.880  -2.434  3.864   1.00 37.89 ? 401 PEF A C38 1 
HETATM 1405 C  C39 A PEF B 2 .   ? -6.956  -3.648  3.875   1.00 42.95 ? 401 PEF A C39 1 
HETATM 1406 C  C40 A PEF B 2 .   ? -7.235  -4.588  2.706   1.00 35.70 ? 401 PEF A C40 1 
HETATM 1407 C  C41 A PEF B 2 .   ? -7.034  -3.903  1.358   1.00 41.06 ? 401 PEF A C41 1 
HETATM 1408 C  C42 A PEF B 2 .   ? -5.589  -3.460  1.147   1.00 31.45 ? 401 PEF A C42 1 
HETATM 1409 C  C43 A PEF B 2 .   ? -5.382  -2.962  -0.279  1.00 17.80 ? 401 PEF A C43 1 
HETATM 1410 C  C44 A PEF B 2 .   ? -3.955  -2.477  -0.502  1.00 33.59 ? 401 PEF A C44 1 
HETATM 1411 C  C45 A PEF B 2 .   ? -3.708  -2.200  -1.970  1.00 23.97 ? 401 PEF A C45 1 
HETATM 1412 O  O4  A PEF B 2 .   ? -9.623  4.982   1.717   1.00 14.21 ? 401 PEF A O4  1 
HETATM 1413 O  O5  A PEF B 2 .   ? -7.793  6.495   4.241   1.00 28.09 ? 401 PEF A O5  1 
HETATM 1414 O  O2  A PEF B 2 .   ? -9.534  4.001   3.804   1.00 20.00 ? 401 PEF A O2  1 
HETATM 1415 O  O3  A PEF B 2 .   ? -9.419  5.757   5.694   1.00 29.60 ? 401 PEF A O3  1 
HETATM 1416 O  O1P A PEF B 2 .   ? -14.822 4.732   6.624   1.00 16.64 ? 401 PEF A O1P 1 
HETATM 1417 O  O2P A PEF B 2 .   ? -13.599 2.414   6.395   1.00 18.79 ? 401 PEF A O2P 1 
HETATM 1418 O  O3P A PEF B 2 .   ? -12.409 4.577   5.814   1.00 22.49 ? 401 PEF A O3P 1 
HETATM 1419 O  O4P A PEF B 2 .   ? -12.942 4.010   8.173   1.00 28.97 ? 401 PEF A O4P 1 
HETATM 1420 P  P   A PEF B 2 .   ? -13.566 3.890   6.700   1.00 19.14 ? 401 PEF A P   1 
HETATM 1421 O  O1  B LHG C 3 .   ? -13.795 1.217   9.909   0.50 25.33 ? 402 LHG A O1  1 
HETATM 1422 C  C1  B LHG C 3 .   ? -13.500 2.469   10.539  0.50 33.03 ? 402 LHG A C1  1 
HETATM 1423 C  C2  B LHG C 3 .   ? -12.104 2.936   10.143  0.50 35.21 ? 402 LHG A C2  1 
HETATM 1424 O  O2  B LHG C 3 .   ? -11.853 4.226   10.710  0.50 30.93 ? 402 LHG A O2  1 
HETATM 1425 C  C3  B LHG C 3 .   ? -12.009 3.035   8.627   0.50 34.49 ? 402 LHG A C3  1 
HETATM 1426 NA NA  . NA  D 4 .   ? -6.871  -10.866 7.800   1.00 36.32 ? 403 NA  A NA  1 
HETATM 1427 O  O   . HOH E 5 .   ? 3.310   5.798   13.999  1.00 22.73 ? 501 HOH A O   1 
HETATM 1428 O  O   . HOH E 5 .   ? -2.335  3.694   -22.800 1.00 30.88 ? 502 HOH A O   1 
HETATM 1429 O  O   . HOH E 5 .   ? 16.140  3.311   -12.050 1.00 16.35 ? 503 HOH A O   1 
HETATM 1430 O  O   . HOH E 5 .   ? -2.218  5.220   15.038  1.00 27.56 ? 504 HOH A O   1 
HETATM 1431 O  O   . HOH E 5 .   ? -7.359  3.472   12.286  1.00 29.88 ? 505 HOH A O   1 
HETATM 1432 O  O   . HOH E 5 .   ? -6.745  9.826   -11.026 1.00 36.15 ? 506 HOH A O   1 
HETATM 1433 O  O   . HOH E 5 .   ? -1.520  11.689  -17.865 1.00 12.94 ? 507 HOH A O   1 
HETATM 1434 O  O   . HOH E 5 .   ? 21.829  3.078   -1.992  1.00 18.27 ? 508 HOH A O   1 
HETATM 1435 O  O   . HOH E 5 .   ? -5.112  9.117   -7.428  1.00 19.82 ? 509 HOH A O   1 
HETATM 1436 O  O   . HOH E 5 .   ? -10.622 -17.114 -6.511  1.00 22.50 ? 510 HOH A O   1 
HETATM 1437 O  O   . HOH E 5 .   ? 0.346   16.209  -5.918  1.00 35.61 ? 511 HOH A O   1 
HETATM 1438 O  O   . HOH E 5 .   ? 2.382   18.399  -2.899  1.00 27.35 ? 512 HOH A O   1 
HETATM 1439 O  O   . HOH E 5 .   ? -6.004  5.206   -13.060 1.00 18.02 ? 513 HOH A O   1 
HETATM 1440 O  O   . HOH E 5 .   ? -3.413  -17.110 4.401   1.00 21.98 ? 514 HOH A O   1 
HETATM 1441 O  O   . HOH E 5 .   ? -0.790  -15.090 8.470   1.00 22.53 ? 515 HOH A O   1 
HETATM 1442 O  O   . HOH E 5 .   ? 10.758  -6.116  -7.330  1.00 32.67 ? 516 HOH A O   1 
HETATM 1443 O  O   . HOH E 5 .   ? 10.668  6.170   -14.637 1.00 26.94 ? 517 HOH A O   1 
HETATM 1444 O  O   . HOH E 5 .   ? -3.221  4.197   -18.743 1.00 22.61 ? 518 HOH A O   1 
HETATM 1445 O  O   . HOH E 5 .   ? 14.829  9.803   -3.116  1.00 31.05 ? 519 HOH A O   1 
HETATM 1446 O  O   . HOH E 5 .   ? -9.355  5.547   12.860  1.00 28.36 ? 520 HOH A O   1 
HETATM 1447 O  O   . HOH E 5 .   ? 5.833   4.821   13.292  1.00 28.08 ? 521 HOH A O   1 
HETATM 1448 O  O   . HOH E 5 .   ? 5.390   16.880  -7.197  1.00 20.61 ? 522 HOH A O   1 
HETATM 1449 O  O   . HOH E 5 .   ? -1.277  12.073  -7.609  1.00 28.36 ? 523 HOH A O   1 
HETATM 1450 O  O   . HOH E 5 .   ? 11.689  12.134  -9.602  1.00 25.15 ? 524 HOH A O   1 
HETATM 1451 O  O   . HOH E 5 .   ? 10.251  13.008  -2.105  1.00 16.75 ? 525 HOH A O   1 
HETATM 1452 O  O   . HOH E 5 .   ? 15.319  -7.642  14.261  1.00 28.98 ? 526 HOH A O   1 
HETATM 1453 O  O   . HOH E 5 .   ? -5.349  -16.697 7.062   1.00 20.19 ? 527 HOH A O   1 
HETATM 1454 O  O   . HOH E 5 .   ? 13.726  -3.937  13.478  1.00 27.24 ? 528 HOH A O   1 
HETATM 1455 O  O   . HOH E 5 .   ? -6.817  -18.033 -3.929  1.00 18.05 ? 529 HOH A O   1 
HETATM 1456 O  O   . HOH E 5 .   ? -16.763 2.172   0.479   1.00 17.55 ? 530 HOH A O   1 
HETATM 1457 O  O   . HOH E 5 .   ? 1.576   -8.140  12.871  1.00 26.06 ? 531 HOH A O   1 
HETATM 1458 O  O   . HOH E 5 .   ? -4.981  -16.489 -9.068  1.00 16.57 ? 532 HOH A O   1 
HETATM 1459 O  O   . HOH E 5 .   ? -10.117 -17.951 2.096   1.00 34.07 ? 533 HOH A O   1 
HETATM 1460 O  O   . HOH E 5 .   ? -6.658  -12.883 6.002   1.00 15.54 ? 534 HOH A O   1 
HETATM 1461 O  O   . HOH E 5 .   ? 9.537   23.194  -4.220  1.00 17.46 ? 535 HOH A O   1 
HETATM 1462 O  O   . HOH E 5 .   ? -0.832  -10.808 9.829   1.00 17.71 ? 536 HOH A O   1 
HETATM 1463 O  O   . HOH E 5 .   ? -15.467 0.520   7.861   1.00 31.12 ? 537 HOH A O   1 
HETATM 1464 O  O   . HOH E 5 .   ? -4.100  -10.446 -13.206 1.00 17.39 ? 538 HOH A O   1 
HETATM 1465 O  O   . HOH E 5 .   ? 15.938  -0.363  -6.910  1.00 22.18 ? 539 HOH A O   1 
HETATM 1466 O  O   . HOH E 5 .   ? -7.079  9.654   -5.612  1.00 20.28 ? 540 HOH A O   1 
HETATM 1467 O  O   . HOH E 5 .   ? -5.470  13.900  7.478   1.00 31.47 ? 541 HOH A O   1 
HETATM 1468 O  O   . HOH E 5 .   ? 5.348   -14.009 -3.536  1.00 26.07 ? 542 HOH A O   1 
HETATM 1469 O  O   . HOH E 5 .   ? 4.008   -7.641  -1.418  1.00 13.89 ? 543 HOH A O   1 
HETATM 1470 O  O   . HOH E 5 .   ? 7.490   -7.386  -3.679  1.00 25.93 ? 544 HOH A O   1 
HETATM 1471 O  O   . HOH E 5 .   ? 1.324   -4.680  13.674  1.00 13.21 ? 545 HOH A O   1 
HETATM 1472 O  O   . HOH E 5 .   ? 10.112  15.887  -9.424  1.00 24.31 ? 546 HOH A O   1 
HETATM 1473 O  O   . HOH E 5 .   ? 8.645   16.762  0.368   1.00 22.37 ? 547 HOH A O   1 
HETATM 1474 O  O   . HOH E 5 .   ? 6.815   8.853   13.670  1.00 22.64 ? 548 HOH A O   1 
HETATM 1475 O  O   . HOH E 5 .   ? 0.157   12.156  -20.314 1.00 18.84 ? 549 HOH A O   1 
HETATM 1476 O  O   . HOH E 5 .   ? 0.885   -14.111 -2.596  1.00 19.22 ? 550 HOH A O   1 
HETATM 1477 O  O   . HOH E 5 .   ? 12.275  -9.158  6.600   1.00 29.03 ? 551 HOH A O   1 
HETATM 1478 O  O   . HOH E 5 .   ? 8.822   11.242  -14.049 1.00 29.11 ? 552 HOH A O   1 
HETATM 1479 O  O   . HOH E 5 .   ? 17.407  8.736   1.664   1.00 13.41 ? 553 HOH A O   1 
HETATM 1480 O  O   . HOH E 5 .   ? 19.828  1.345   8.943   1.00 26.93 ? 554 HOH A O   1 
HETATM 1481 O  O   . HOH E 5 .   ? -14.687 12.790  1.484   1.00 16.77 ? 555 HOH A O   1 
HETATM 1482 O  O   . HOH E 5 .   ? 16.027  -6.986  7.709   1.00 24.59 ? 556 HOH A O   1 
HETATM 1483 O  O   . HOH E 5 .   ? 8.983   -9.082  -0.362  1.00 22.92 ? 557 HOH A O   1 
HETATM 1484 O  O   . HOH E 5 .   ? 2.443   17.984  -7.055  1.00 23.69 ? 558 HOH A O   1 
HETATM 1485 O  O   . HOH E 5 .   ? 12.233  3.054   -14.356 1.00 19.48 ? 559 HOH A O   1 
HETATM 1486 O  O   . HOH E 5 .   ? -0.903  11.490  1.449   1.00 24.94 ? 560 HOH A O   1 
HETATM 1487 O  O   . HOH E 5 .   ? 3.925   -6.685  -10.010 1.00 22.47 ? 561 HOH A O   1 
HETATM 1488 O  O   . HOH E 5 .   ? 1.637   13.788  -2.701  1.00 24.54 ? 562 HOH A O   1 
HETATM 1489 O  O   . HOH E 5 .   ? -2.745  1.833   -17.611 1.00 25.86 ? 563 HOH A O   1 
HETATM 1490 O  O   . HOH E 5 .   ? 8.678   2.774   14.972  1.00 14.78 ? 564 HOH A O   1 
HETATM 1491 O  O   . HOH E 5 .   ? 9.194   8.352   -14.573 1.00 23.82 ? 565 HOH A O   1 
HETATM 1492 O  O   . HOH E 5 .   ? 12.927  -1.923  11.597  1.00 16.97 ? 566 HOH A O   1 
HETATM 1493 O  O   . HOH E 5 .   ? -13.006 -14.211 3.581   1.00 21.30 ? 567 HOH A O   1 
HETATM 1494 O  O   . HOH E 5 .   ? -2.166  -16.662 -4.668  1.00 23.45 ? 568 HOH A O   1 
HETATM 1495 O  O   . HOH E 5 .   ? 3.550   -8.450  9.632   1.00 17.08 ? 569 HOH A O   1 
HETATM 1496 O  O   . HOH E 5 .   ? 5.921   -0.777  -16.721 1.00 20.33 ? 570 HOH A O   1 
HETATM 1497 O  O   . HOH E 5 .   ? 9.803   9.145   10.080  1.00 14.89 ? 571 HOH A O   1 
HETATM 1498 O  O   . HOH E 5 .   ? 6.321   -2.925  13.130  1.00 18.00 ? 572 HOH A O   1 
HETATM 1499 O  O   . HOH E 5 .   ? -9.789  -15.753 -13.927 1.00 10.95 ? 573 HOH A O   1 
HETATM 1500 O  O   . HOH E 5 .   ? 10.414  -7.276  -2.583  1.00 10.31 ? 574 HOH A O   1 
HETATM 1501 O  O   . HOH E 5 .   ? 3.496   11.976  -3.517  1.00 11.63 ? 575 HOH A O   1 
HETATM 1502 O  O   . HOH E 5 .   ? 23.102  -3.151  1.686   1.00 34.97 ? 576 HOH A O   1 
HETATM 1503 O  O   . HOH E 5 .   ? -22.530 -3.653  8.166   1.00 33.50 ? 577 HOH A O   1 
HETATM 1504 O  O   . HOH E 5 .   ? 8.462   -7.561  8.773   1.00 16.14 ? 578 HOH A O   1 
HETATM 1505 O  O   . HOH E 5 .   ? 6.419   -7.504  -0.651  1.00 12.11 ? 579 HOH A O   1 
HETATM 1506 O  O   . HOH E 5 .   ? 6.094   -12.186 4.893   1.00 15.19 ? 580 HOH A O   1 
HETATM 1507 O  O   . HOH E 5 .   ? 20.764  -1.810  5.944   1.00 27.37 ? 581 HOH A O   1 
HETATM 1508 O  O   . HOH E 5 .   ? 4.101   8.156   14.048  1.00 31.34 ? 582 HOH A O   1 
HETATM 1509 O  O   . HOH E 5 .   ? -16.942 -0.193  -1.102  1.00 20.18 ? 583 HOH A O   1 
HETATM 1510 O  O   . HOH E 5 .   ? 7.201   16.146  -10.491 1.00 32.03 ? 584 HOH A O   1 
HETATM 1511 O  O   . HOH E 5 .   ? 13.280  22.822  -3.035  1.00 22.40 ? 585 HOH A O   1 
HETATM 1512 O  O   . HOH E 5 .   ? 9.434   14.183  0.296   1.00 15.89 ? 586 HOH A O   1 
HETATM 1513 O  O   . HOH E 5 .   ? 10.795  -8.695  1.450   1.00 19.16 ? 587 HOH A O   1 
HETATM 1514 O  O   . HOH E 5 .   ? -14.476 15.745  1.842   1.00 23.59 ? 588 HOH A O   1 
HETATM 1515 O  O   . HOH E 5 .   ? 15.143  -3.302  10.789  1.00 26.51 ? 589 HOH A O   1 
HETATM 1516 O  O   . HOH E 5 .   ? -0.492  9.117   -14.715 1.00 17.04 ? 590 HOH A O   1 
HETATM 1517 O  O   . HOH E 5 .   ? -4.641  11.960  3.329   1.00 30.16 ? 591 HOH A O   1 
HETATM 1518 O  O   . HOH E 5 .   ? 17.639  12.101  -5.868  1.00 30.31 ? 592 HOH A O   1 
HETATM 1519 O  O   . HOH E 5 .   ? -3.282  9.344   -18.041 1.00 21.72 ? 593 HOH A O   1 
HETATM 1520 O  O   . HOH E 5 .   ? -8.954  -13.926 7.114   1.00 30.86 ? 594 HOH A O   1 
HETATM 1521 O  O   . HOH E 5 .   ? -0.449  14.372  3.686   1.00 31.47 ? 595 HOH A O   1 
HETATM 1522 O  O   . HOH E 5 .   ? -0.943  13.733  -5.324  1.00 29.72 ? 596 HOH A O   1 
HETATM 1523 O  O   . HOH E 5 .   ? 11.307  18.440  -9.078  1.00 15.74 ? 597 HOH A O   1 
HETATM 1524 O  O   . HOH E 5 .   ? 11.782  10.823  -13.225 1.00 45.52 ? 598 HOH A O   1 
HETATM 1525 O  O   . HOH E 5 .   ? 4.755   5.557   15.812  1.00 32.87 ? 599 HOH A O   1 
HETATM 1526 O  O   . HOH E 5 .   ? -2.697  13.199  2.543   1.00 35.85 ? 600 HOH A O   1 
HETATM 1527 O  O   . HOH E 5 .   ? 6.091   -9.052  8.834   1.00 18.03 ? 601 HOH A O   1 
HETATM 1528 O  O   . HOH E 5 .   ? 0.090   -5.242  16.013  1.00 25.71 ? 602 HOH A O   1 
HETATM 1529 O  O   . HOH E 5 .   ? 11.494  14.173  -11.637 1.00 35.90 ? 603 HOH A O   1 
HETATM 1530 O  O   . HOH E 5 .   ? 7.084   -0.559  -14.325 1.00 27.29 ? 604 HOH A O   1 
HETATM 1531 O  O   . HOH E 5 .   ? 17.006  -8.286  11.843  1.00 38.60 ? 605 HOH A O   1 
HETATM 1532 O  O   . HOH E 5 .   ? -4.310  -18.240 -4.440  1.00 24.10 ? 606 HOH A O   1 
HETATM 1533 O  O   . HOH E 5 .   ? -2.500  6.354   17.746  1.00 27.48 ? 607 HOH A O   1 
HETATM 1534 O  O   . HOH E 5 .   ? -6.419  -18.401 -7.879  1.00 23.58 ? 608 HOH A O   1 
HETATM 1535 O  O   . HOH E 5 .   ? -7.808  -16.974 -15.568 1.00 24.15 ? 609 HOH A O   1 
HETATM 1536 O  O   . HOH E 5 .   ? -8.251  -18.543 -6.478  1.00 37.28 ? 610 HOH A O   1 
# 
loop_
_pdbx_poly_seq_scheme.asym_id 
_pdbx_poly_seq_scheme.entity_id 
_pdbx_poly_seq_scheme.seq_id 
_pdbx_poly_seq_scheme.mon_id 
_pdbx_poly_seq_scheme.ndb_seq_num 
_pdbx_poly_seq_scheme.pdb_seq_num 
_pdbx_poly_seq_scheme.auth_seq_num 
_pdbx_poly_seq_scheme.pdb_mon_id 
_pdbx_poly_seq_scheme.auth_mon_id 
_pdbx_poly_seq_scheme.pdb_strand_id 
_pdbx_poly_seq_scheme.pdb_ins_code 
_pdbx_poly_seq_scheme.hetero 
A 1 1   GLY 1   143 ?   ?   ?   A . n 
A 1 2   PRO 2   144 ?   ?   ?   A . n 
A 1 3   LEU 3   145 145 LEU LEU A . n 
A 1 4   SER 4   146 146 SER SER A . n 
A 1 5   GLY 5   147 147 GLY GLY A . n 
A 1 6   LEU 6   148 148 LEU LEU A . n 
A 1 7   LYS 7   149 149 LYS LYS A . n 
A 1 8   LYS 8   150 150 LYS LYS A . n 
A 1 9   LEU 9   151 151 LEU LEU A . n 
A 1 10  ILE 10  152 152 ILE ILE A . n 
A 1 11  PRO 11  153 153 PRO PRO A . n 
A 1 12  GLU 12  154 154 GLU GLU A . n 
A 1 13  GLU 13  155 155 GLU GLU A . n 
A 1 14  GLY 14  156 156 GLY GLY A . n 
A 1 15  ARG 15  157 157 ARG ARG A . n 
A 1 16  GLU 16  158 158 GLU GLU A . n 
A 1 17  LEU 17  159 159 LEU LEU A . n 
A 1 18  ILE 18  160 160 ILE ILE A . n 
A 1 19  GLY 19  161 161 GLY GLY A . n 
A 1 20  SER 20  162 162 SER SER A . n 
A 1 21  VAL 21  163 163 VAL VAL A . n 
A 1 22  LYS 22  164 164 LYS LYS A . n 
A 1 23  LYS 23  165 165 LYS LYS A . n 
A 1 24  ILE 24  166 166 ILE ILE A . n 
A 1 25  ILE 25  167 167 ILE ILE A . n 
A 1 26  LYS 26  168 168 LYS LYS A . n 
A 1 27  ARG 27  169 169 ARG ARG A . n 
A 1 28  VAL 28  170 170 VAL VAL A . n 
A 1 29  SER 29  171 171 SER SER A . n 
A 1 30  ASN 30  172 172 ASN ASN A . n 
A 1 31  GLU 31  173 173 GLU GLU A . n 
A 1 32  GLU 32  174 174 GLU GLU A . n 
A 1 33  LYS 33  175 175 LYS LYS A . n 
A 1 34  ALA 34  176 176 ALA ALA A . n 
A 1 35  ASN 35  177 177 ASN ASN A . n 
A 1 36  GLU 36  178 178 GLU GLU A . n 
A 1 37  MET 37  179 179 MET MET A . n 
A 1 38  GLU 38  180 180 GLU GLU A . n 
A 1 39  LYS 39  181 181 LYS LYS A . n 
A 1 40  ASN 40  182 182 ASN ASN A . n 
A 1 41  ILE 41  183 183 ILE ILE A . n 
A 1 42  LEU 42  184 184 LEU LEU A . n 
A 1 43  LYS 43  185 185 LYS LYS A . n 
A 1 44  ILE 44  186 186 ILE ILE A . n 
A 1 45  LEU 45  187 187 LEU LEU A . n 
A 1 46  ILE 46  188 188 ILE ILE A . n 
A 1 47  LYS 47  189 189 LYS LYS A . n 
A 1 48  VAL 48  190 190 VAL VAL A . n 
A 1 49  PHE 49  191 191 PHE PHE A . n 
A 1 50  PHE 50  192 192 PHE PHE A . n 
A 1 51  TYR 51  193 193 TYR TYR A . n 
A 1 52  ILE 52  194 194 ILE ILE A . n 
A 1 53  ASP 53  195 195 ASP ASP A . n 
A 1 54  SER 54  196 196 SER SER A . n 
A 1 55  LYS 55  197 197 LYS LYS A . n 
A 1 56  ALA 56  198 198 ALA ALA A . n 
A 1 57  ILE 57  199 199 ILE ILE A . n 
A 1 58  GLN 58  200 200 GLN GLN A . n 
A 1 59  ILE 59  201 201 ILE ILE A . n 
A 1 60  GLY 60  202 202 GLY GLY A . n 
A 1 61  ASP 61  203 203 ASP ASP A . n 
A 1 62  LEU 62  204 204 LEU LEU A . n 
A 1 63  ALA 63  205 205 ALA ALA A . n 
A 1 64  LYS 64  206 206 LYS LYS A . n 
A 1 65  VAL 65  207 207 VAL VAL A . n 
A 1 66  ASP 66  208 208 ASP ASP A . n 
A 1 67  ARG 67  209 209 ARG ARG A . n 
A 1 68  ALA 68  210 210 ALA ALA A . n 
A 1 69  LEU 69  211 211 LEU LEU A . n 
A 1 70  ARG 70  212 212 ARG ARG A . n 
A 1 71  ASP 71  213 213 ASP ASP A . n 
A 1 72  GLY 72  214 214 GLY GLY A . n 
A 1 73  PHE 73  215 215 PHE PHE A . n 
A 1 74  ASN 74  216 216 ASN ASN A . n 
A 1 75  HIS 75  217 217 HIS HIS A . n 
A 1 76  LEU 76  218 218 LEU LEU A . n 
A 1 77  ASP 77  219 219 ASP ASP A . n 
A 1 78  ARG 78  220 220 ARG ARG A . n 
A 1 79  ALA 79  221 221 ALA ALA A . n 
A 1 80  PHE 80  222 222 PHE PHE A . n 
A 1 81  ARG 81  223 223 ARG ARG A . n 
A 1 82  TYR 82  224 224 TYR TYR A . n 
A 1 83  TYR 83  225 225 TYR TYR A . n 
A 1 84  GLY 84  226 226 GLY GLY A . n 
A 1 85  VAL 85  227 227 VAL VAL A . n 
A 1 86  LYS 86  228 228 LYS LYS A . n 
A 1 87  LYS 87  229 229 LYS LYS A . n 
A 1 88  ALA 88  230 230 ALA ALA A . n 
A 1 89  ALA 89  231 231 ALA ALA A . n 
A 1 90  ASP 90  232 232 ASP ASP A . n 
A 1 91  LEU 91  233 233 LEU LEU A . n 
A 1 92  VAL 92  234 234 VAL VAL A . n 
A 1 93  VAL 93  235 235 VAL VAL A . n 
A 1 94  ILE 94  236 236 ILE ILE A . n 
A 1 95  LEU 95  237 237 LEU LEU A . n 
A 1 96  GLU 96  238 238 GLU GLU A . n 
A 1 97  LYS 97  239 239 LYS LYS A . n 
A 1 98  ALA 98  240 240 ALA ALA A . n 
A 1 99  SER 99  241 241 SER SER A . n 
A 1 100 THR 100 242 242 THR THR A . n 
A 1 101 ALA 101 243 243 ALA ALA A . n 
A 1 102 LEU 102 244 244 LEU LEU A . n 
A 1 103 LYS 103 245 245 LYS LYS A . n 
A 1 104 GLU 104 246 246 GLU GLU A . n 
A 1 105 ALA 105 247 247 ALA ALA A . n 
A 1 106 GLU 106 248 248 GLU GLU A . n 
A 1 107 GLN 107 249 249 GLN GLN A . n 
A 1 108 GLU 108 250 250 GLU GLU A . n 
A 1 109 THR 109 251 251 THR THR A . n 
A 1 110 VAL 110 252 252 VAL VAL A . n 
A 1 111 THR 111 253 253 THR THR A . n 
A 1 112 LEU 112 254 254 LEU LEU A . n 
A 1 113 LEU 113 255 255 LEU LEU A . n 
A 1 114 THR 114 256 256 THR THR A . n 
A 1 115 PRO 115 257 257 PRO PRO A . n 
A 1 116 PHE 116 258 258 PHE PHE A . n 
A 1 117 PHE 117 259 259 PHE PHE A . n 
A 1 118 ARG 118 260 260 ARG ARG A . n 
A 1 119 PRO 119 261 261 PRO PRO A . n 
A 1 120 HIS 120 262 262 HIS HIS A . n 
A 1 121 ASN 121 263 263 ASN ASN A . n 
A 1 122 ILE 122 264 264 ILE ILE A . n 
A 1 123 GLN 123 265 265 GLN GLN A . n 
A 1 124 LEU 124 266 266 LEU LEU A . n 
A 1 125 ILE 125 267 267 ILE ILE A . n 
A 1 126 ARG 126 268 268 ARG ARG A . n 
A 1 127 ASN 127 269 269 ASN ASN A . n 
A 1 128 THR 128 270 270 THR THR A . n 
A 1 129 PHE 129 271 271 PHE PHE A . n 
A 1 130 ALA 130 272 272 ALA ALA A . n 
A 1 131 PHE 131 273 273 PHE PHE A . n 
A 1 132 LEU 132 274 274 LEU LEU A . n 
A 1 133 GLY 133 275 275 GLY GLY A . n 
A 1 134 SER 134 276 276 SER SER A . n 
A 1 135 LEU 135 277 277 LEU LEU A . n 
A 1 136 ASP 136 278 278 ASP ASP A . n 
A 1 137 PHE 137 279 279 PHE PHE A . n 
A 1 138 PHE 138 280 280 PHE PHE A . n 
A 1 139 THR 139 281 281 THR THR A . n 
A 1 140 LYS 140 282 282 LYS LYS A . n 
A 1 141 VAL 141 283 283 VAL VAL A . n 
A 1 142 TRP 142 284 284 TRP TRP A . n 
A 1 143 ASP 143 285 285 ASP ASP A . n 
A 1 144 ASP 144 286 286 ASP ASP A . n 
A 1 145 LEU 145 287 287 LEU LEU A . n 
A 1 146 GLU 146 288 288 GLU GLU A . n 
A 1 147 ILE 147 289 289 ILE ILE A . n 
A 1 148 GLU 148 290 290 GLU GLU A . n 
A 1 149 ASP 149 291 291 ASP ASP A . n 
A 1 150 ASP 150 292 292 ASP ASP A . n 
A 1 151 LEU 151 293 293 LEU LEU A . n 
A 1 152 PHE 152 294 294 PHE PHE A . n 
A 1 153 LEU 153 295 295 LEU LEU A . n 
A 1 154 LEU 154 296 296 LEU LEU A . n 
A 1 155 ILE 155 297 297 ILE ILE A . n 
A 1 156 SER 156 298 298 SER SER A . n 
A 1 157 ALA 157 299 299 ALA ALA A . n 
A 1 158 LEU 158 300 300 LEU LEU A . n 
A 1 159 ASN 159 301 301 ASN ASN A . n 
A 1 160 LYS 160 302 302 LYS LYS A . n 
A 1 161 TYR 161 303 303 TYR TYR A . n 
A 1 162 THR 162 304 304 THR THR A . n 
A 1 163 GLN 163 305 305 GLN GLN A . n 
A 1 164 ILE 164 306 306 ILE ILE A . n 
A 1 165 GLU 165 307 307 GLU GLU A . n 
A 1 166 LEU 166 308 308 LEU LEU A . n 
A 1 167 ILE 167 309 309 ILE ILE A . n 
A 1 168 TYR 168 310 310 TYR TYR A . n 
# 
loop_
_pdbx_nonpoly_scheme.asym_id 
_pdbx_nonpoly_scheme.entity_id 
_pdbx_nonpoly_scheme.mon_id 
_pdbx_nonpoly_scheme.ndb_seq_num 
_pdbx_nonpoly_scheme.pdb_seq_num 
_pdbx_nonpoly_scheme.auth_seq_num 
_pdbx_nonpoly_scheme.pdb_mon_id 
_pdbx_nonpoly_scheme.auth_mon_id 
_pdbx_nonpoly_scheme.pdb_strand_id 
_pdbx_nonpoly_scheme.pdb_ins_code 
B 2 PEF 1   401 1   PEF PEF A . 
C 3 LHG 1   402 2   LHG LHG A . 
D 4 NA  1   403 1   NA  NA  A . 
E 5 HOH 1   501 29  HOH HOH A . 
E 5 HOH 2   502 86  HOH HOH A . 
E 5 HOH 3   503 110 HOH HOH A . 
E 5 HOH 4   504 102 HOH HOH A . 
E 5 HOH 5   505 103 HOH HOH A . 
E 5 HOH 6   506 99  HOH HOH A . 
E 5 HOH 7   507 9   HOH HOH A . 
E 5 HOH 8   508 45  HOH HOH A . 
E 5 HOH 9   509 50  HOH HOH A . 
E 5 HOH 10  510 80  HOH HOH A . 
E 5 HOH 11  511 105 HOH HOH A . 
E 5 HOH 12  512 108 HOH HOH A . 
E 5 HOH 13  513 28  HOH HOH A . 
E 5 HOH 14  514 25  HOH HOH A . 
E 5 HOH 15  515 76  HOH HOH A . 
E 5 HOH 16  516 92  HOH HOH A . 
E 5 HOH 17  517 100 HOH HOH A . 
E 5 HOH 18  518 46  HOH HOH A . 
E 5 HOH 19  519 94  HOH HOH A . 
E 5 HOH 20  520 85  HOH HOH A . 
E 5 HOH 21  521 71  HOH HOH A . 
E 5 HOH 22  522 30  HOH HOH A . 
E 5 HOH 23  523 52  HOH HOH A . 
E 5 HOH 24  524 63  HOH HOH A . 
E 5 HOH 25  525 1   HOH HOH A . 
E 5 HOH 26  526 83  HOH HOH A . 
E 5 HOH 27  527 24  HOH HOH A . 
E 5 HOH 28  528 72  HOH HOH A . 
E 5 HOH 29  529 21  HOH HOH A . 
E 5 HOH 30  530 13  HOH HOH A . 
E 5 HOH 31  531 66  HOH HOH A . 
E 5 HOH 32  532 22  HOH HOH A . 
E 5 HOH 33  533 81  HOH HOH A . 
E 5 HOH 34  534 20  HOH HOH A . 
E 5 HOH 35  535 16  HOH HOH A . 
E 5 HOH 36  536 6   HOH HOH A . 
E 5 HOH 37  537 34  HOH HOH A . 
E 5 HOH 38  538 41  HOH HOH A . 
E 5 HOH 39  539 36  HOH HOH A . 
E 5 HOH 40  540 17  HOH HOH A . 
E 5 HOH 41  541 74  HOH HOH A . 
E 5 HOH 42  542 59  HOH HOH A . 
E 5 HOH 43  543 11  HOH HOH A . 
E 5 HOH 44  544 57  HOH HOH A . 
E 5 HOH 45  545 7   HOH HOH A . 
E 5 HOH 46  546 60  HOH HOH A . 
E 5 HOH 47  547 32  HOH HOH A . 
E 5 HOH 48  548 33  HOH HOH A . 
E 5 HOH 49  549 47  HOH HOH A . 
E 5 HOH 50  550 18  HOH HOH A . 
E 5 HOH 51  551 79  HOH HOH A . 
E 5 HOH 52  552 73  HOH HOH A . 
E 5 HOH 53  553 4   HOH HOH A . 
E 5 HOH 54  554 65  HOH HOH A . 
E 5 HOH 55  555 109 HOH HOH A . 
E 5 HOH 56  556 43  HOH HOH A . 
E 5 HOH 57  557 58  HOH HOH A . 
E 5 HOH 58  558 48  HOH HOH A . 
E 5 HOH 59  559 37  HOH HOH A . 
E 5 HOH 60  560 62  HOH HOH A . 
E 5 HOH 61  561 40  HOH HOH A . 
E 5 HOH 62  562 67  HOH HOH A . 
E 5 HOH 63  563 98  HOH HOH A . 
E 5 HOH 64  564 8   HOH HOH A . 
E 5 HOH 65  565 23  HOH HOH A . 
E 5 HOH 66  566 26  HOH HOH A . 
E 5 HOH 67  567 44  HOH HOH A . 
E 5 HOH 68  568 53  HOH HOH A . 
E 5 HOH 69  569 31  HOH HOH A . 
E 5 HOH 70  570 51  HOH HOH A . 
E 5 HOH 71  571 27  HOH HOH A . 
E 5 HOH 72  572 14  HOH HOH A . 
E 5 HOH 73  573 5   HOH HOH A . 
E 5 HOH 74  574 19  HOH HOH A . 
E 5 HOH 75  575 2   HOH HOH A . 
E 5 HOH 76  576 87  HOH HOH A . 
E 5 HOH 77  577 77  HOH HOH A . 
E 5 HOH 78  578 42  HOH HOH A . 
E 5 HOH 79  579 3   HOH HOH A . 
E 5 HOH 80  580 70  HOH HOH A . 
E 5 HOH 81  581 54  HOH HOH A . 
E 5 HOH 82  582 93  HOH HOH A . 
E 5 HOH 83  583 15  HOH HOH A . 
E 5 HOH 84  584 64  HOH HOH A . 
E 5 HOH 85  585 49  HOH HOH A . 
E 5 HOH 86  586 12  HOH HOH A . 
E 5 HOH 87  587 35  HOH HOH A . 
E 5 HOH 88  588 55  HOH HOH A . 
E 5 HOH 89  589 82  HOH HOH A . 
E 5 HOH 90  590 38  HOH HOH A . 
E 5 HOH 91  591 68  HOH HOH A . 
E 5 HOH 92  592 88  HOH HOH A . 
E 5 HOH 93  593 56  HOH HOH A . 
E 5 HOH 94  594 84  HOH HOH A . 
E 5 HOH 95  595 97  HOH HOH A . 
E 5 HOH 96  596 78  HOH HOH A . 
E 5 HOH 97  597 10  HOH HOH A . 
E 5 HOH 98  598 75  HOH HOH A . 
E 5 HOH 99  599 96  HOH HOH A . 
E 5 HOH 100 600 101 HOH HOH A . 
E 5 HOH 101 601 39  HOH HOH A . 
E 5 HOH 102 602 106 HOH HOH A . 
E 5 HOH 103 603 61  HOH HOH A . 
E 5 HOH 104 604 107 HOH HOH A . 
E 5 HOH 105 605 90  HOH HOH A . 
E 5 HOH 106 606 69  HOH HOH A . 
E 5 HOH 107 607 95  HOH HOH A . 
E 5 HOH 108 608 91  HOH HOH A . 
E 5 HOH 109 609 104 HOH HOH A . 
E 5 HOH 110 610 89  HOH HOH A . 
# 
_pdbx_struct_assembly.id                   1 
_pdbx_struct_assembly.details              author_and_software_defined_assembly 
_pdbx_struct_assembly.method_details       PISA 
_pdbx_struct_assembly.oligomeric_details   monomeric 
_pdbx_struct_assembly.oligomeric_count     1 
# 
_pdbx_struct_assembly_gen.assembly_id       1 
_pdbx_struct_assembly_gen.oper_expression   1 
_pdbx_struct_assembly_gen.asym_id_list      A,B,C,D,E 
# 
loop_
_pdbx_struct_assembly_prop.biol_id 
_pdbx_struct_assembly_prop.type 
_pdbx_struct_assembly_prop.value 
_pdbx_struct_assembly_prop.details 
1 'ABSA (A^2)' 130  ? 
1 MORE         -12  ? 
1 'SSA (A^2)'  9480 ? 
# 
_pdbx_struct_oper_list.id                   1 
_pdbx_struct_oper_list.type                 'identity operation' 
_pdbx_struct_oper_list.name                 1_555 
_pdbx_struct_oper_list.symmetry_operation   x,y,z 
_pdbx_struct_oper_list.matrix[1][1]         1.0000000000 
_pdbx_struct_oper_list.matrix[1][2]         0.0000000000 
_pdbx_struct_oper_list.matrix[1][3]         0.0000000000 
_pdbx_struct_oper_list.vector[1]            0.0000000000 
_pdbx_struct_oper_list.matrix[2][1]         0.0000000000 
_pdbx_struct_oper_list.matrix[2][2]         1.0000000000 
_pdbx_struct_oper_list.matrix[2][3]         0.0000000000 
_pdbx_struct_oper_list.vector[2]            0.0000000000 
_pdbx_struct_oper_list.matrix[3][1]         0.0000000000 
_pdbx_struct_oper_list.matrix[3][2]         0.0000000000 
_pdbx_struct_oper_list.matrix[3][3]         1.0000000000 
_pdbx_struct_oper_list.vector[3]            0.0000000000 
# 
_pdbx_struct_conn_angle.id                    1 
_pdbx_struct_conn_angle.ptnr1_label_atom_id   O 
_pdbx_struct_conn_angle.ptnr1_label_alt_id    ? 
_pdbx_struct_conn_angle.ptnr1_label_asym_id   A 
_pdbx_struct_conn_angle.ptnr1_label_comp_id   ASP 
_pdbx_struct_conn_angle.ptnr1_label_seq_id    61 
_pdbx_struct_conn_angle.ptnr1_auth_atom_id    ? 
_pdbx_struct_conn_angle.ptnr1_auth_asym_id    A 
_pdbx_struct_conn_angle.ptnr1_auth_comp_id    ASP 
_pdbx_struct_conn_angle.ptnr1_auth_seq_id     203 
_pdbx_struct_conn_angle.ptnr1_PDB_ins_code    ? 
_pdbx_struct_conn_angle.ptnr1_symmetry        1_555 
_pdbx_struct_conn_angle.ptnr2_label_atom_id   NA 
_pdbx_struct_conn_angle.ptnr2_label_alt_id    ? 
_pdbx_struct_conn_angle.ptnr2_label_asym_id   D 
_pdbx_struct_conn_angle.ptnr2_label_comp_id   NA 
_pdbx_struct_conn_angle.ptnr2_label_seq_id    . 
_pdbx_struct_conn_angle.ptnr2_auth_atom_id    ? 
_pdbx_struct_conn_angle.ptnr2_auth_asym_id    A 
_pdbx_struct_conn_angle.ptnr2_auth_comp_id    NA 
_pdbx_struct_conn_angle.ptnr2_auth_seq_id     403 
_pdbx_struct_conn_angle.ptnr2_PDB_ins_code    ? 
_pdbx_struct_conn_angle.ptnr2_symmetry        1_555 
_pdbx_struct_conn_angle.ptnr3_label_atom_id   O 
_pdbx_struct_conn_angle.ptnr3_label_alt_id    ? 
_pdbx_struct_conn_angle.ptnr3_label_asym_id   E 
_pdbx_struct_conn_angle.ptnr3_label_comp_id   HOH 
_pdbx_struct_conn_angle.ptnr3_label_seq_id    . 
_pdbx_struct_conn_angle.ptnr3_auth_atom_id    ? 
_pdbx_struct_conn_angle.ptnr3_auth_asym_id    A 
_pdbx_struct_conn_angle.ptnr3_auth_comp_id    HOH 
_pdbx_struct_conn_angle.ptnr3_auth_seq_id     534 
_pdbx_struct_conn_angle.ptnr3_PDB_ins_code    ? 
_pdbx_struct_conn_angle.ptnr3_symmetry        1_555 
_pdbx_struct_conn_angle.value                 102.8 
_pdbx_struct_conn_angle.value_esd             ? 
# 
loop_
_pdbx_audit_revision_history.ordinal 
_pdbx_audit_revision_history.data_content_type 
_pdbx_audit_revision_history.major_revision 
_pdbx_audit_revision_history.minor_revision 
_pdbx_audit_revision_history.revision_date 
1 'Structure model' 1 0 2018-10-17 
2 'Structure model' 1 1 2018-11-21 
3 'Structure model' 1 2 2023-11-22 
# 
_pdbx_audit_revision_details.ordinal             1 
_pdbx_audit_revision_details.revision_ordinal    1 
_pdbx_audit_revision_details.data_content_type   'Structure model' 
_pdbx_audit_revision_details.provider            repository 
_pdbx_audit_revision_details.type                'Initial release' 
_pdbx_audit_revision_details.description         ? 
_pdbx_audit_revision_details.details             ? 
# 
loop_
_pdbx_audit_revision_group.ordinal 
_pdbx_audit_revision_group.revision_ordinal 
_pdbx_audit_revision_group.data_content_type 
_pdbx_audit_revision_group.group 
1 2 'Structure model' 'Data collection'        
2 2 'Structure model' 'Database references'    
3 3 'Structure model' 'Data collection'        
4 3 'Structure model' 'Database references'    
5 3 'Structure model' 'Refinement description' 
# 
loop_
_pdbx_audit_revision_category.ordinal 
_pdbx_audit_revision_category.revision_ordinal 
_pdbx_audit_revision_category.data_content_type 
_pdbx_audit_revision_category.category 
1 2 'Structure model' citation                      
2 2 'Structure model' citation_author               
3 3 'Structure model' chem_comp_atom                
4 3 'Structure model' chem_comp_bond                
5 3 'Structure model' database_2                    
6 3 'Structure model' pdbx_initial_refinement_model 
# 
loop_
_pdbx_audit_revision_item.ordinal 
_pdbx_audit_revision_item.revision_ordinal 
_pdbx_audit_revision_item.data_content_type 
_pdbx_audit_revision_item.item 
1 2 'Structure model' '_citation.journal_volume'            
2 2 'Structure model' '_citation.page_first'                
3 2 'Structure model' '_citation.page_last'                 
4 2 'Structure model' '_citation.pdbx_database_id_DOI'      
5 2 'Structure model' '_citation.pdbx_database_id_PubMed'   
6 2 'Structure model' '_citation_author.identifier_ORCID'   
7 3 'Structure model' '_database_2.pdbx_DOI'                
8 3 'Structure model' '_database_2.pdbx_database_accession' 
# 
loop_
_software.citation_id 
_software.classification 
_software.compiler_name 
_software.compiler_version 
_software.contact_author 
_software.contact_author_email 
_software.date 
_software.description 
_software.dependencies 
_software.hardware 
_software.language 
_software.location 
_software.mods 
_software.name 
_software.os 
_software.os_version 
_software.type 
_software.version 
_software.pdbx_ordinal 
? 'data scaling'    ? ? ? ? ? ? ? ? ? ? ? SCALEPACK   ? ? ? .           1 
? refinement        ? ? ? ? ? ? ? ? ? ? ? PHENIX      ? ? ? 1.11.1_2575 2 
? 'data extraction' ? ? ? ? ? ? ? ? ? ? ? PDB_EXTRACT ? ? ? 3.24        3 
? 'data reduction'  ? ? ? ? ? ? ? ? ? ? ? HKL-2000    ? ? ? .           4 
? phasing           ? ? ? ? ? ? ? ? ? ? ? PHASER      ? ? ? .           5 
# 
_pdbx_validate_torsion.id              1 
_pdbx_validate_torsion.PDB_model_num   1 
_pdbx_validate_torsion.auth_comp_id    SER 
_pdbx_validate_torsion.auth_asym_id    A 
_pdbx_validate_torsion.auth_seq_id     171 
_pdbx_validate_torsion.PDB_ins_code    ? 
_pdbx_validate_torsion.label_alt_id    ? 
_pdbx_validate_torsion.phi             -131.07 
_pdbx_validate_torsion.psi             -97.36 
# 
loop_
_pdbx_unobs_or_zero_occ_atoms.id 
_pdbx_unobs_or_zero_occ_atoms.PDB_model_num 
_pdbx_unobs_or_zero_occ_atoms.polymer_flag 
_pdbx_unobs_or_zero_occ_atoms.occupancy_flag 
_pdbx_unobs_or_zero_occ_atoms.auth_asym_id 
_pdbx_unobs_or_zero_occ_atoms.auth_comp_id 
_pdbx_unobs_or_zero_occ_atoms.auth_seq_id 
_pdbx_unobs_or_zero_occ_atoms.PDB_ins_code 
_pdbx_unobs_or_zero_occ_atoms.auth_atom_id 
_pdbx_unobs_or_zero_occ_atoms.label_alt_id 
_pdbx_unobs_or_zero_occ_atoms.label_asym_id 
_pdbx_unobs_or_zero_occ_atoms.label_comp_id 
_pdbx_unobs_or_zero_occ_atoms.label_seq_id 
_pdbx_unobs_or_zero_occ_atoms.label_atom_id 
1  1 N 1 A LHG 402 ? O3  ? C LHG 1 O3  
2  1 N 1 A LHG 402 ? P   ? C LHG 1 P   
3  1 N 1 A LHG 402 ? O4  ? C LHG 1 O4  
4  1 N 1 A LHG 402 ? O5  ? C LHG 1 O5  
5  1 N 1 A LHG 402 ? O6  ? C LHG 1 O6  
6  1 N 1 A LHG 402 ? C4  ? C LHG 1 C4  
7  1 N 1 A LHG 402 ? C5  ? C LHG 1 C5  
8  1 N 1 A LHG 402 ? C6  ? C LHG 1 C6  
9  1 N 1 A LHG 402 ? O7  ? C LHG 1 O7  
10 1 N 1 A LHG 402 ? C7  ? C LHG 1 C7  
11 1 N 1 A LHG 402 ? O9  ? C LHG 1 O9  
12 1 N 1 A LHG 402 ? C8  ? C LHG 1 C8  
13 1 N 1 A LHG 402 ? C9  ? C LHG 1 C9  
14 1 N 1 A LHG 402 ? C10 ? C LHG 1 C10 
15 1 N 1 A LHG 402 ? O8  ? C LHG 1 O8  
16 1 N 1 A LHG 402 ? C23 ? C LHG 1 C23 
17 1 N 1 A LHG 402 ? O10 ? C LHG 1 O10 
18 1 N 1 A LHG 402 ? C24 ? C LHG 1 C24 
19 1 N 1 A LHG 402 ? C11 ? C LHG 1 C11 
20 1 N 1 A LHG 402 ? C12 ? C LHG 1 C12 
21 1 N 1 A LHG 402 ? C13 ? C LHG 1 C13 
22 1 N 1 A LHG 402 ? C14 ? C LHG 1 C14 
23 1 N 1 A LHG 402 ? C15 ? C LHG 1 C15 
24 1 N 1 A LHG 402 ? C16 ? C LHG 1 C16 
25 1 N 1 A LHG 402 ? C17 ? C LHG 1 C17 
26 1 N 1 A LHG 402 ? C18 ? C LHG 1 C18 
27 1 N 1 A LHG 402 ? C19 ? C LHG 1 C19 
28 1 N 1 A LHG 402 ? C20 ? C LHG 1 C20 
29 1 N 1 A LHG 402 ? C21 ? C LHG 1 C21 
30 1 N 1 A LHG 402 ? C22 ? C LHG 1 C22 
31 1 N 1 A LHG 402 ? C25 ? C LHG 1 C25 
32 1 N 1 A LHG 402 ? C26 ? C LHG 1 C26 
33 1 N 1 A LHG 402 ? C27 ? C LHG 1 C27 
34 1 N 1 A LHG 402 ? C28 ? C LHG 1 C28 
35 1 N 1 A LHG 402 ? C29 ? C LHG 1 C29 
36 1 N 1 A LHG 402 ? C30 ? C LHG 1 C30 
37 1 N 1 A LHG 402 ? C31 ? C LHG 1 C31 
38 1 N 1 A LHG 402 ? C32 ? C LHG 1 C32 
39 1 N 1 A LHG 402 ? C33 ? C LHG 1 C33 
40 1 N 1 A LHG 402 ? C34 ? C LHG 1 C34 
41 1 N 1 A LHG 402 ? C35 ? C LHG 1 C35 
42 1 N 1 A LHG 402 ? C36 ? C LHG 1 C36 
43 1 N 1 A LHG 402 ? C37 ? C LHG 1 C37 
44 1 N 1 A LHG 402 ? C38 ? C LHG 1 C38 
# 
loop_
_pdbx_unobs_or_zero_occ_residues.id 
_pdbx_unobs_or_zero_occ_residues.PDB_model_num 
_pdbx_unobs_or_zero_occ_residues.polymer_flag 
_pdbx_unobs_or_zero_occ_residues.occupancy_flag 
_pdbx_unobs_or_zero_occ_residues.auth_asym_id 
_pdbx_unobs_or_zero_occ_residues.auth_comp_id 
_pdbx_unobs_or_zero_occ_residues.auth_seq_id 
_pdbx_unobs_or_zero_occ_residues.PDB_ins_code 
_pdbx_unobs_or_zero_occ_residues.label_asym_id 
_pdbx_unobs_or_zero_occ_residues.label_comp_id 
_pdbx_unobs_or_zero_occ_residues.label_seq_id 
1 1 Y 1 A GLY 143 ? A GLY 1 
2 1 Y 1 A PRO 144 ? A PRO 2 
# 
loop_
_chem_comp_atom.comp_id 
_chem_comp_atom.atom_id 
_chem_comp_atom.type_symbol 
_chem_comp_atom.pdbx_aromatic_flag 
_chem_comp_atom.pdbx_stereo_config 
_chem_comp_atom.pdbx_ordinal 
ALA N    N  N N 1   
ALA CA   C  N S 2   
ALA C    C  N N 3   
ALA O    O  N N 4   
ALA CB   C  N N 5   
ALA OXT  O  N N 6   
ALA H    H  N N 7   
ALA H2   H  N N 8   
ALA HA   H  N N 9   
ALA HB1  H  N N 10  
ALA HB2  H  N N 11  
ALA HB3  H  N N 12  
ALA HXT  H  N N 13  
ARG N    N  N N 14  
ARG CA   C  N S 15  
ARG C    C  N N 16  
ARG O    O  N N 17  
ARG CB   C  N N 18  
ARG CG   C  N N 19  
ARG CD   C  N N 20  
ARG NE   N  N N 21  
ARG CZ   C  N N 22  
ARG NH1  N  N N 23  
ARG NH2  N  N N 24  
ARG OXT  O  N N 25  
ARG H    H  N N 26  
ARG H2   H  N N 27  
ARG HA   H  N N 28  
ARG HB2  H  N N 29  
ARG HB3  H  N N 30  
ARG HG2  H  N N 31  
ARG HG3  H  N N 32  
ARG HD2  H  N N 33  
ARG HD3  H  N N 34  
ARG HE   H  N N 35  
ARG HH11 H  N N 36  
ARG HH12 H  N N 37  
ARG HH21 H  N N 38  
ARG HH22 H  N N 39  
ARG HXT  H  N N 40  
ASN N    N  N N 41  
ASN CA   C  N S 42  
ASN C    C  N N 43  
ASN O    O  N N 44  
ASN CB   C  N N 45  
ASN CG   C  N N 46  
ASN OD1  O  N N 47  
ASN ND2  N  N N 48  
ASN OXT  O  N N 49  
ASN H    H  N N 50  
ASN H2   H  N N 51  
ASN HA   H  N N 52  
ASN HB2  H  N N 53  
ASN HB3  H  N N 54  
ASN HD21 H  N N 55  
ASN HD22 H  N N 56  
ASN HXT  H  N N 57  
ASP N    N  N N 58  
ASP CA   C  N S 59  
ASP C    C  N N 60  
ASP O    O  N N 61  
ASP CB   C  N N 62  
ASP CG   C  N N 63  
ASP OD1  O  N N 64  
ASP OD2  O  N N 65  
ASP OXT  O  N N 66  
ASP H    H  N N 67  
ASP H2   H  N N 68  
ASP HA   H  N N 69  
ASP HB2  H  N N 70  
ASP HB3  H  N N 71  
ASP HD2  H  N N 72  
ASP HXT  H  N N 73  
GLN N    N  N N 74  
GLN CA   C  N S 75  
GLN C    C  N N 76  
GLN O    O  N N 77  
GLN CB   C  N N 78  
GLN CG   C  N N 79  
GLN CD   C  N N 80  
GLN OE1  O  N N 81  
GLN NE2  N  N N 82  
GLN OXT  O  N N 83  
GLN H    H  N N 84  
GLN H2   H  N N 85  
GLN HA   H  N N 86  
GLN HB2  H  N N 87  
GLN HB3  H  N N 88  
GLN HG2  H  N N 89  
GLN HG3  H  N N 90  
GLN HE21 H  N N 91  
GLN HE22 H  N N 92  
GLN HXT  H  N N 93  
GLU N    N  N N 94  
GLU CA   C  N S 95  
GLU C    C  N N 96  
GLU O    O  N N 97  
GLU CB   C  N N 98  
GLU CG   C  N N 99  
GLU CD   C  N N 100 
GLU OE1  O  N N 101 
GLU OE2  O  N N 102 
GLU OXT  O  N N 103 
GLU H    H  N N 104 
GLU H2   H  N N 105 
GLU HA   H  N N 106 
GLU HB2  H  N N 107 
GLU HB3  H  N N 108 
GLU HG2  H  N N 109 
GLU HG3  H  N N 110 
GLU HE2  H  N N 111 
GLU HXT  H  N N 112 
GLY N    N  N N 113 
GLY CA   C  N N 114 
GLY C    C  N N 115 
GLY O    O  N N 116 
GLY OXT  O  N N 117 
GLY H    H  N N 118 
GLY H2   H  N N 119 
GLY HA2  H  N N 120 
GLY HA3  H  N N 121 
GLY HXT  H  N N 122 
HIS N    N  N N 123 
HIS CA   C  N S 124 
HIS C    C  N N 125 
HIS O    O  N N 126 
HIS CB   C  N N 127 
HIS CG   C  Y N 128 
HIS ND1  N  Y N 129 
HIS CD2  C  Y N 130 
HIS CE1  C  Y N 131 
HIS NE2  N  Y N 132 
HIS OXT  O  N N 133 
HIS H    H  N N 134 
HIS H2   H  N N 135 
HIS HA   H  N N 136 
HIS HB2  H  N N 137 
HIS HB3  H  N N 138 
HIS HD1  H  N N 139 
HIS HD2  H  N N 140 
HIS HE1  H  N N 141 
HIS HE2  H  N N 142 
HIS HXT  H  N N 143 
HOH O    O  N N 144 
HOH H1   H  N N 145 
HOH H2   H  N N 146 
ILE N    N  N N 147 
ILE CA   C  N S 148 
ILE C    C  N N 149 
ILE O    O  N N 150 
ILE CB   C  N S 151 
ILE CG1  C  N N 152 
ILE CG2  C  N N 153 
ILE CD1  C  N N 154 
ILE OXT  O  N N 155 
ILE H    H  N N 156 
ILE H2   H  N N 157 
ILE HA   H  N N 158 
ILE HB   H  N N 159 
ILE HG12 H  N N 160 
ILE HG13 H  N N 161 
ILE HG21 H  N N 162 
ILE HG22 H  N N 163 
ILE HG23 H  N N 164 
ILE HD11 H  N N 165 
ILE HD12 H  N N 166 
ILE HD13 H  N N 167 
ILE HXT  H  N N 168 
LEU N    N  N N 169 
LEU CA   C  N S 170 
LEU C    C  N N 171 
LEU O    O  N N 172 
LEU CB   C  N N 173 
LEU CG   C  N N 174 
LEU CD1  C  N N 175 
LEU CD2  C  N N 176 
LEU OXT  O  N N 177 
LEU H    H  N N 178 
LEU H2   H  N N 179 
LEU HA   H  N N 180 
LEU HB2  H  N N 181 
LEU HB3  H  N N 182 
LEU HG   H  N N 183 
LEU HD11 H  N N 184 
LEU HD12 H  N N 185 
LEU HD13 H  N N 186 
LEU HD21 H  N N 187 
LEU HD22 H  N N 188 
LEU HD23 H  N N 189 
LEU HXT  H  N N 190 
LHG O1   O  N N 191 
LHG C1   C  N N 192 
LHG C2   C  N S 193 
LHG O2   O  N N 194 
LHG C3   C  N N 195 
LHG O3   O  N N 196 
LHG P    P  N S 197 
LHG O4   O  N N 198 
LHG O5   O  N N 199 
LHG O6   O  N N 200 
LHG C4   C  N N 201 
LHG C5   C  N R 202 
LHG C6   C  N N 203 
LHG O7   O  N N 204 
LHG C7   C  N N 205 
LHG O9   O  N N 206 
LHG C8   C  N N 207 
LHG C9   C  N N 208 
LHG C10  C  N N 209 
LHG O8   O  N N 210 
LHG C23  C  N N 211 
LHG O10  O  N N 212 
LHG C24  C  N N 213 
LHG C11  C  N N 214 
LHG C12  C  N N 215 
LHG C13  C  N N 216 
LHG C14  C  N N 217 
LHG C15  C  N N 218 
LHG C16  C  N N 219 
LHG C17  C  N N 220 
LHG C18  C  N N 221 
LHG C19  C  N N 222 
LHG C20  C  N N 223 
LHG C21  C  N N 224 
LHG C22  C  N N 225 
LHG C25  C  N N 226 
LHG C26  C  N N 227 
LHG C27  C  N N 228 
LHG C28  C  N N 229 
LHG C29  C  N N 230 
LHG C30  C  N N 231 
LHG C31  C  N N 232 
LHG C32  C  N N 233 
LHG C33  C  N N 234 
LHG C34  C  N N 235 
LHG C35  C  N N 236 
LHG C36  C  N N 237 
LHG C37  C  N N 238 
LHG C38  C  N N 239 
LHG HO1  H  N N 240 
LHG HC11 H  N N 241 
LHG HC12 H  N N 242 
LHG HC2  H  N N 243 
LHG H02  H  N N 244 
LHG HC31 H  N N 245 
LHG HC32 H  N N 246 
LHG HO4  H  N N 247 
LHG HC41 H  N N 248 
LHG HC42 H  N N 249 
LHG HC5  H  N N 250 
LHG HC61 H  N N 251 
LHG HC62 H  N N 252 
LHG HC81 H  N N 253 
LHG HC82 H  N N 254 
LHG HC91 H  N N 255 
LHG HC92 H  N N 256 
LHG H101 H  N N 257 
LHG H102 H  N N 258 
LHG H241 H  N N 259 
LHG H242 H  N N 260 
LHG H111 H  N N 261 
LHG H112 H  N N 262 
LHG H121 H  N N 263 
LHG H122 H  N N 264 
LHG H131 H  N N 265 
LHG H132 H  N N 266 
LHG H141 H  N N 267 
LHG H142 H  N N 268 
LHG H151 H  N N 269 
LHG H152 H  N N 270 
LHG H161 H  N N 271 
LHG H162 H  N N 272 
LHG H171 H  N N 273 
LHG H172 H  N N 274 
LHG H181 H  N N 275 
LHG H182 H  N N 276 
LHG H191 H  N N 277 
LHG H192 H  N N 278 
LHG H201 H  N N 279 
LHG H202 H  N N 280 
LHG H211 H  N N 281 
LHG H212 H  N N 282 
LHG H221 H  N N 283 
LHG H222 H  N N 284 
LHG H223 H  N N 285 
LHG H251 H  N N 286 
LHG H252 H  N N 287 
LHG H261 H  N N 288 
LHG H262 H  N N 289 
LHG H271 H  N N 290 
LHG H272 H  N N 291 
LHG H281 H  N N 292 
LHG H282 H  N N 293 
LHG H291 H  N N 294 
LHG H292 H  N N 295 
LHG H301 H  N N 296 
LHG H302 H  N N 297 
LHG H311 H  N N 298 
LHG H312 H  N N 299 
LHG H321 H  N N 300 
LHG H322 H  N N 301 
LHG H331 H  N N 302 
LHG H332 H  N N 303 
LHG H341 H  N N 304 
LHG H342 H  N N 305 
LHG H351 H  N N 306 
LHG H352 H  N N 307 
LHG H361 H  N N 308 
LHG H362 H  N N 309 
LHG H371 H  N N 310 
LHG H372 H  N N 311 
LHG H381 H  N N 312 
LHG H382 H  N N 313 
LHG H383 H  N N 314 
LYS N    N  N N 315 
LYS CA   C  N S 316 
LYS C    C  N N 317 
LYS O    O  N N 318 
LYS CB   C  N N 319 
LYS CG   C  N N 320 
LYS CD   C  N N 321 
LYS CE   C  N N 322 
LYS NZ   N  N N 323 
LYS OXT  O  N N 324 
LYS H    H  N N 325 
LYS H2   H  N N 326 
LYS HA   H  N N 327 
LYS HB2  H  N N 328 
LYS HB3  H  N N 329 
LYS HG2  H  N N 330 
LYS HG3  H  N N 331 
LYS HD2  H  N N 332 
LYS HD3  H  N N 333 
LYS HE2  H  N N 334 
LYS HE3  H  N N 335 
LYS HZ1  H  N N 336 
LYS HZ2  H  N N 337 
LYS HZ3  H  N N 338 
LYS HXT  H  N N 339 
MET N    N  N N 340 
MET CA   C  N S 341 
MET C    C  N N 342 
MET O    O  N N 343 
MET CB   C  N N 344 
MET CG   C  N N 345 
MET SD   S  N N 346 
MET CE   C  N N 347 
MET OXT  O  N N 348 
MET H    H  N N 349 
MET H2   H  N N 350 
MET HA   H  N N 351 
MET HB2  H  N N 352 
MET HB3  H  N N 353 
MET HG2  H  N N 354 
MET HG3  H  N N 355 
MET HE1  H  N N 356 
MET HE2  H  N N 357 
MET HE3  H  N N 358 
MET HXT  H  N N 359 
NA  NA   NA N N 360 
PEF C2   C  N R 361 
PEF C1   C  N N 362 
PEF N    N  N N 363 
PEF C3   C  N N 364 
PEF C4   C  N N 365 
PEF C5   C  N N 366 
PEF C10  C  N N 367 
PEF C11  C  N N 368 
PEF C12  C  N N 369 
PEF C13  C  N N 370 
PEF C14  C  N N 371 
PEF C15  C  N N 372 
PEF C16  C  N N 373 
PEF C17  C  N N 374 
PEF C18  C  N N 375 
PEF C19  C  N N 376 
PEF C20  C  N N 377 
PEF C21  C  N N 378 
PEF C22  C  N N 379 
PEF C23  C  N N 380 
PEF C24  C  N N 381 
PEF C25  C  N N 382 
PEF C30  C  N N 383 
PEF C31  C  N N 384 
PEF C32  C  N N 385 
PEF C33  C  N N 386 
PEF C34  C  N N 387 
PEF C35  C  N N 388 
PEF C36  C  N N 389 
PEF C37  C  N N 390 
PEF C38  C  N N 391 
PEF C39  C  N N 392 
PEF C40  C  N N 393 
PEF C41  C  N N 394 
PEF C42  C  N N 395 
PEF C43  C  N N 396 
PEF C44  C  N N 397 
PEF C45  C  N N 398 
PEF O4   O  N N 399 
PEF O5   O  N N 400 
PEF O2   O  N N 401 
PEF O3   O  N N 402 
PEF O1P  O  N N 403 
PEF O2P  O  N N 404 
PEF O3P  O  N N 405 
PEF O4P  O  N N 406 
PEF P    P  N S 407 
PEF H21  H  N N 408 
PEF H11  H  N N 409 
PEF H12  H  N N 410 
PEF HN1  H  N N 411 
PEF HN2  H  N N 412 
PEF H31  H  N N 413 
PEF H32  H  N N 414 
PEF H41  H  N N 415 
PEF H42  H  N N 416 
PEF H51  H  N N 417 
PEF H52  H  N N 418 
PEF H112 H  N N 419 
PEF H111 H  N N 420 
PEF H122 H  N N 421 
PEF H121 H  N N 422 
PEF H132 H  N N 423 
PEF H131 H  N N 424 
PEF H142 H  N N 425 
PEF H141 H  N N 426 
PEF H152 H  N N 427 
PEF H151 H  N N 428 
PEF H162 H  N N 429 
PEF H161 H  N N 430 
PEF H172 H  N N 431 
PEF H171 H  N N 432 
PEF H182 H  N N 433 
PEF H181 H  N N 434 
PEF H192 H  N N 435 
PEF H191 H  N N 436 
PEF H202 H  N N 437 
PEF H201 H  N N 438 
PEF H212 H  N N 439 
PEF H211 H  N N 440 
PEF H222 H  N N 441 
PEF H221 H  N N 442 
PEF H232 H  N N 443 
PEF H231 H  N N 444 
PEF H242 H  N N 445 
PEF H241 H  N N 446 
PEF H252 H  N N 447 
PEF H251 H  N N 448 
PEF H253 H  N N 449 
PEF H312 H  N N 450 
PEF H311 H  N N 451 
PEF H322 H  N N 452 
PEF H321 H  N N 453 
PEF H332 H  N N 454 
PEF H331 H  N N 455 
PEF H342 H  N N 456 
PEF H341 H  N N 457 
PEF H352 H  N N 458 
PEF H351 H  N N 459 
PEF H362 H  N N 460 
PEF H361 H  N N 461 
PEF H372 H  N N 462 
PEF H371 H  N N 463 
PEF H382 H  N N 464 
PEF H381 H  N N 465 
PEF H392 H  N N 466 
PEF H391 H  N N 467 
PEF H402 H  N N 468 
PEF H401 H  N N 469 
PEF H412 H  N N 470 
PEF H411 H  N N 471 
PEF H422 H  N N 472 
PEF H421 H  N N 473 
PEF H432 H  N N 474 
PEF H431 H  N N 475 
PEF H442 H  N N 476 
PEF H441 H  N N 477 
PEF H452 H  N N 478 
PEF H451 H  N N 479 
PEF H453 H  N N 480 
PEF HOP2 H  N N 481 
PHE N    N  N N 482 
PHE CA   C  N S 483 
PHE C    C  N N 484 
PHE O    O  N N 485 
PHE CB   C  N N 486 
PHE CG   C  Y N 487 
PHE CD1  C  Y N 488 
PHE CD2  C  Y N 489 
PHE CE1  C  Y N 490 
PHE CE2  C  Y N 491 
PHE CZ   C  Y N 492 
PHE OXT  O  N N 493 
PHE H    H  N N 494 
PHE H2   H  N N 495 
PHE HA   H  N N 496 
PHE HB2  H  N N 497 
PHE HB3  H  N N 498 
PHE HD1  H  N N 499 
PHE HD2  H  N N 500 
PHE HE1  H  N N 501 
PHE HE2  H  N N 502 
PHE HZ   H  N N 503 
PHE HXT  H  N N 504 
PRO N    N  N N 505 
PRO CA   C  N S 506 
PRO C    C  N N 507 
PRO O    O  N N 508 
PRO CB   C  N N 509 
PRO CG   C  N N 510 
PRO CD   C  N N 511 
PRO OXT  O  N N 512 
PRO H    H  N N 513 
PRO HA   H  N N 514 
PRO HB2  H  N N 515 
PRO HB3  H  N N 516 
PRO HG2  H  N N 517 
PRO HG3  H  N N 518 
PRO HD2  H  N N 519 
PRO HD3  H  N N 520 
PRO HXT  H  N N 521 
SER N    N  N N 522 
SER CA   C  N S 523 
SER C    C  N N 524 
SER O    O  N N 525 
SER CB   C  N N 526 
SER OG   O  N N 527 
SER OXT  O  N N 528 
SER H    H  N N 529 
SER H2   H  N N 530 
SER HA   H  N N 531 
SER HB2  H  N N 532 
SER HB3  H  N N 533 
SER HG   H  N N 534 
SER HXT  H  N N 535 
THR N    N  N N 536 
THR CA   C  N S 537 
THR C    C  N N 538 
THR O    O  N N 539 
THR CB   C  N R 540 
THR OG1  O  N N 541 
THR CG2  C  N N 542 
THR OXT  O  N N 543 
THR H    H  N N 544 
THR H2   H  N N 545 
THR HA   H  N N 546 
THR HB   H  N N 547 
THR HG1  H  N N 548 
THR HG21 H  N N 549 
THR HG22 H  N N 550 
THR HG23 H  N N 551 
THR HXT  H  N N 552 
TRP N    N  N N 553 
TRP CA   C  N S 554 
TRP C    C  N N 555 
TRP O    O  N N 556 
TRP CB   C  N N 557 
TRP CG   C  Y N 558 
TRP CD1  C  Y N 559 
TRP CD2  C  Y N 560 
TRP NE1  N  Y N 561 
TRP CE2  C  Y N 562 
TRP CE3  C  Y N 563 
TRP CZ2  C  Y N 564 
TRP CZ3  C  Y N 565 
TRP CH2  C  Y N 566 
TRP OXT  O  N N 567 
TRP H    H  N N 568 
TRP H2   H  N N 569 
TRP HA   H  N N 570 
TRP HB2  H  N N 571 
TRP HB3  H  N N 572 
TRP HD1  H  N N 573 
TRP HE1  H  N N 574 
TRP HE3  H  N N 575 
TRP HZ2  H  N N 576 
TRP HZ3  H  N N 577 
TRP HH2  H  N N 578 
TRP HXT  H  N N 579 
TYR N    N  N N 580 
TYR CA   C  N S 581 
TYR C    C  N N 582 
TYR O    O  N N 583 
TYR CB   C  N N 584 
TYR CG   C  Y N 585 
TYR CD1  C  Y N 586 
TYR CD2  C  Y N 587 
TYR CE1  C  Y N 588 
TYR CE2  C  Y N 589 
TYR CZ   C  Y N 590 
TYR OH   O  N N 591 
TYR OXT  O  N N 592 
TYR H    H  N N 593 
TYR H2   H  N N 594 
TYR HA   H  N N 595 
TYR HB2  H  N N 596 
TYR HB3  H  N N 597 
TYR HD1  H  N N 598 
TYR HD2  H  N N 599 
TYR HE1  H  N N 600 
TYR HE2  H  N N 601 
TYR HH   H  N N 602 
TYR HXT  H  N N 603 
VAL N    N  N N 604 
VAL CA   C  N S 605 
VAL C    C  N N 606 
VAL O    O  N N 607 
VAL CB   C  N N 608 
VAL CG1  C  N N 609 
VAL CG2  C  N N 610 
VAL OXT  O  N N 611 
VAL H    H  N N 612 
VAL H2   H  N N 613 
VAL HA   H  N N 614 
VAL HB   H  N N 615 
VAL HG11 H  N N 616 
VAL HG12 H  N N 617 
VAL HG13 H  N N 618 
VAL HG21 H  N N 619 
VAL HG22 H  N N 620 
VAL HG23 H  N N 621 
VAL HXT  H  N N 622 
# 
loop_
_chem_comp_bond.comp_id 
_chem_comp_bond.atom_id_1 
_chem_comp_bond.atom_id_2 
_chem_comp_bond.value_order 
_chem_comp_bond.pdbx_aromatic_flag 
_chem_comp_bond.pdbx_stereo_config 
_chem_comp_bond.pdbx_ordinal 
ALA N   CA   sing N N 1   
ALA N   H    sing N N 2   
ALA N   H2   sing N N 3   
ALA CA  C    sing N N 4   
ALA CA  CB   sing N N 5   
ALA CA  HA   sing N N 6   
ALA C   O    doub N N 7   
ALA C   OXT  sing N N 8   
ALA CB  HB1  sing N N 9   
ALA CB  HB2  sing N N 10  
ALA CB  HB3  sing N N 11  
ALA OXT HXT  sing N N 12  
ARG N   CA   sing N N 13  
ARG N   H    sing N N 14  
ARG N   H2   sing N N 15  
ARG CA  C    sing N N 16  
ARG CA  CB   sing N N 17  
ARG CA  HA   sing N N 18  
ARG C   O    doub N N 19  
ARG C   OXT  sing N N 20  
ARG CB  CG   sing N N 21  
ARG CB  HB2  sing N N 22  
ARG CB  HB3  sing N N 23  
ARG CG  CD   sing N N 24  
ARG CG  HG2  sing N N 25  
ARG CG  HG3  sing N N 26  
ARG CD  NE   sing N N 27  
ARG CD  HD2  sing N N 28  
ARG CD  HD3  sing N N 29  
ARG NE  CZ   sing N N 30  
ARG NE  HE   sing N N 31  
ARG CZ  NH1  sing N N 32  
ARG CZ  NH2  doub N N 33  
ARG NH1 HH11 sing N N 34  
ARG NH1 HH12 sing N N 35  
ARG NH2 HH21 sing N N 36  
ARG NH2 HH22 sing N N 37  
ARG OXT HXT  sing N N 38  
ASN N   CA   sing N N 39  
ASN N   H    sing N N 40  
ASN N   H2   sing N N 41  
ASN CA  C    sing N N 42  
ASN CA  CB   sing N N 43  
ASN CA  HA   sing N N 44  
ASN C   O    doub N N 45  
ASN C   OXT  sing N N 46  
ASN CB  CG   sing N N 47  
ASN CB  HB2  sing N N 48  
ASN CB  HB3  sing N N 49  
ASN CG  OD1  doub N N 50  
ASN CG  ND2  sing N N 51  
ASN ND2 HD21 sing N N 52  
ASN ND2 HD22 sing N N 53  
ASN OXT HXT  sing N N 54  
ASP N   CA   sing N N 55  
ASP N   H    sing N N 56  
ASP N   H2   sing N N 57  
ASP CA  C    sing N N 58  
ASP CA  CB   sing N N 59  
ASP CA  HA   sing N N 60  
ASP C   O    doub N N 61  
ASP C   OXT  sing N N 62  
ASP CB  CG   sing N N 63  
ASP CB  HB2  sing N N 64  
ASP CB  HB3  sing N N 65  
ASP CG  OD1  doub N N 66  
ASP CG  OD2  sing N N 67  
ASP OD2 HD2  sing N N 68  
ASP OXT HXT  sing N N 69  
GLN N   CA   sing N N 70  
GLN N   H    sing N N 71  
GLN N   H2   sing N N 72  
GLN CA  C    sing N N 73  
GLN CA  CB   sing N N 74  
GLN CA  HA   sing N N 75  
GLN C   O    doub N N 76  
GLN C   OXT  sing N N 77  
GLN CB  CG   sing N N 78  
GLN CB  HB2  sing N N 79  
GLN CB  HB3  sing N N 80  
GLN CG  CD   sing N N 81  
GLN CG  HG2  sing N N 82  
GLN CG  HG3  sing N N 83  
GLN CD  OE1  doub N N 84  
GLN CD  NE2  sing N N 85  
GLN NE2 HE21 sing N N 86  
GLN NE2 HE22 sing N N 87  
GLN OXT HXT  sing N N 88  
GLU N   CA   sing N N 89  
GLU N   H    sing N N 90  
GLU N   H2   sing N N 91  
GLU CA  C    sing N N 92  
GLU CA  CB   sing N N 93  
GLU CA  HA   sing N N 94  
GLU C   O    doub N N 95  
GLU C   OXT  sing N N 96  
GLU CB  CG   sing N N 97  
GLU CB  HB2  sing N N 98  
GLU CB  HB3  sing N N 99  
GLU CG  CD   sing N N 100 
GLU CG  HG2  sing N N 101 
GLU CG  HG3  sing N N 102 
GLU CD  OE1  doub N N 103 
GLU CD  OE2  sing N N 104 
GLU OE2 HE2  sing N N 105 
GLU OXT HXT  sing N N 106 
GLY N   CA   sing N N 107 
GLY N   H    sing N N 108 
GLY N   H2   sing N N 109 
GLY CA  C    sing N N 110 
GLY CA  HA2  sing N N 111 
GLY CA  HA3  sing N N 112 
GLY C   O    doub N N 113 
GLY C   OXT  sing N N 114 
GLY OXT HXT  sing N N 115 
HIS N   CA   sing N N 116 
HIS N   H    sing N N 117 
HIS N   H2   sing N N 118 
HIS CA  C    sing N N 119 
HIS CA  CB   sing N N 120 
HIS CA  HA   sing N N 121 
HIS C   O    doub N N 122 
HIS C   OXT  sing N N 123 
HIS CB  CG   sing N N 124 
HIS CB  HB2  sing N N 125 
HIS CB  HB3  sing N N 126 
HIS CG  ND1  sing Y N 127 
HIS CG  CD2  doub Y N 128 
HIS ND1 CE1  doub Y N 129 
HIS ND1 HD1  sing N N 130 
HIS CD2 NE2  sing Y N 131 
HIS CD2 HD2  sing N N 132 
HIS CE1 NE2  sing Y N 133 
HIS CE1 HE1  sing N N 134 
HIS NE2 HE2  sing N N 135 
HIS OXT HXT  sing N N 136 
HOH O   H1   sing N N 137 
HOH O   H2   sing N N 138 
ILE N   CA   sing N N 139 
ILE N   H    sing N N 140 
ILE N   H2   sing N N 141 
ILE CA  C    sing N N 142 
ILE CA  CB   sing N N 143 
ILE CA  HA   sing N N 144 
ILE C   O    doub N N 145 
ILE C   OXT  sing N N 146 
ILE CB  CG1  sing N N 147 
ILE CB  CG2  sing N N 148 
ILE CB  HB   sing N N 149 
ILE CG1 CD1  sing N N 150 
ILE CG1 HG12 sing N N 151 
ILE CG1 HG13 sing N N 152 
ILE CG2 HG21 sing N N 153 
ILE CG2 HG22 sing N N 154 
ILE CG2 HG23 sing N N 155 
ILE CD1 HD11 sing N N 156 
ILE CD1 HD12 sing N N 157 
ILE CD1 HD13 sing N N 158 
ILE OXT HXT  sing N N 159 
LEU N   CA   sing N N 160 
LEU N   H    sing N N 161 
LEU N   H2   sing N N 162 
LEU CA  C    sing N N 163 
LEU CA  CB   sing N N 164 
LEU CA  HA   sing N N 165 
LEU C   O    doub N N 166 
LEU C   OXT  sing N N 167 
LEU CB  CG   sing N N 168 
LEU CB  HB2  sing N N 169 
LEU CB  HB3  sing N N 170 
LEU CG  CD1  sing N N 171 
LEU CG  CD2  sing N N 172 
LEU CG  HG   sing N N 173 
LEU CD1 HD11 sing N N 174 
LEU CD1 HD12 sing N N 175 
LEU CD1 HD13 sing N N 176 
LEU CD2 HD21 sing N N 177 
LEU CD2 HD22 sing N N 178 
LEU CD2 HD23 sing N N 179 
LEU OXT HXT  sing N N 180 
LHG O1  C1   sing N N 181 
LHG O1  HO1  sing N N 182 
LHG C1  C2   sing N N 183 
LHG C1  HC11 sing N N 184 
LHG C1  HC12 sing N N 185 
LHG C2  O2   sing N N 186 
LHG C2  C3   sing N N 187 
LHG C2  HC2  sing N N 188 
LHG O2  H02  sing N N 189 
LHG C3  O3   sing N N 190 
LHG C3  HC31 sing N N 191 
LHG C3  HC32 sing N N 192 
LHG O3  P    sing N N 193 
LHG P   O4   sing N N 194 
LHG P   O5   doub N N 195 
LHG P   O6   sing N N 196 
LHG O4  HO4  sing N N 197 
LHG O6  C4   sing N N 198 
LHG C4  C5   sing N N 199 
LHG C4  HC41 sing N N 200 
LHG C4  HC42 sing N N 201 
LHG C5  C6   sing N N 202 
LHG C5  O7   sing N N 203 
LHG C5  HC5  sing N N 204 
LHG C6  O8   sing N N 205 
LHG C6  HC61 sing N N 206 
LHG C6  HC62 sing N N 207 
LHG O7  C7   sing N N 208 
LHG C7  O9   doub N N 209 
LHG C7  C8   sing N N 210 
LHG C8  C9   sing N N 211 
LHG C8  HC81 sing N N 212 
LHG C8  HC82 sing N N 213 
LHG C9  C10  sing N N 214 
LHG C9  HC91 sing N N 215 
LHG C9  HC92 sing N N 216 
LHG C10 C11  sing N N 217 
LHG C10 H101 sing N N 218 
LHG C10 H102 sing N N 219 
LHG O8  C23  sing N N 220 
LHG C23 O10  doub N N 221 
LHG C23 C24  sing N N 222 
LHG C24 C25  sing N N 223 
LHG C24 H241 sing N N 224 
LHG C24 H242 sing N N 225 
LHG C11 C12  sing N N 226 
LHG C11 H111 sing N N 227 
LHG C11 H112 sing N N 228 
LHG C12 C13  sing N N 229 
LHG C12 H121 sing N N 230 
LHG C12 H122 sing N N 231 
LHG C13 C14  sing N N 232 
LHG C13 H131 sing N N 233 
LHG C13 H132 sing N N 234 
LHG C14 C15  sing N N 235 
LHG C14 H141 sing N N 236 
LHG C14 H142 sing N N 237 
LHG C15 C16  sing N N 238 
LHG C15 H151 sing N N 239 
LHG C15 H152 sing N N 240 
LHG C16 C17  sing N N 241 
LHG C16 H161 sing N N 242 
LHG C16 H162 sing N N 243 
LHG C17 C18  sing N N 244 
LHG C17 H171 sing N N 245 
LHG C17 H172 sing N N 246 
LHG C18 C19  sing N N 247 
LHG C18 H181 sing N N 248 
LHG C18 H182 sing N N 249 
LHG C19 C20  sing N N 250 
LHG C19 H191 sing N N 251 
LHG C19 H192 sing N N 252 
LHG C20 C21  sing N N 253 
LHG C20 H201 sing N N 254 
LHG C20 H202 sing N N 255 
LHG C21 C22  sing N N 256 
LHG C21 H211 sing N N 257 
LHG C21 H212 sing N N 258 
LHG C22 H221 sing N N 259 
LHG C22 H222 sing N N 260 
LHG C22 H223 sing N N 261 
LHG C25 C26  sing N N 262 
LHG C25 H251 sing N N 263 
LHG C25 H252 sing N N 264 
LHG C26 C27  sing N N 265 
LHG C26 H261 sing N N 266 
LHG C26 H262 sing N N 267 
LHG C27 C28  sing N N 268 
LHG C27 H271 sing N N 269 
LHG C27 H272 sing N N 270 
LHG C28 C29  sing N N 271 
LHG C28 H281 sing N N 272 
LHG C28 H282 sing N N 273 
LHG C29 C30  sing N N 274 
LHG C29 H291 sing N N 275 
LHG C29 H292 sing N N 276 
LHG C30 C31  sing N N 277 
LHG C30 H301 sing N N 278 
LHG C30 H302 sing N N 279 
LHG C31 C32  sing N N 280 
LHG C31 H311 sing N N 281 
LHG C31 H312 sing N N 282 
LHG C32 C33  sing N N 283 
LHG C32 H321 sing N N 284 
LHG C32 H322 sing N N 285 
LHG C33 C34  sing N N 286 
LHG C33 H331 sing N N 287 
LHG C33 H332 sing N N 288 
LHG C34 C35  sing N N 289 
LHG C34 H341 sing N N 290 
LHG C34 H342 sing N N 291 
LHG C35 C36  sing N N 292 
LHG C35 H351 sing N N 293 
LHG C35 H352 sing N N 294 
LHG C36 C37  sing N N 295 
LHG C36 H361 sing N N 296 
LHG C36 H362 sing N N 297 
LHG C37 C38  sing N N 298 
LHG C37 H371 sing N N 299 
LHG C37 H372 sing N N 300 
LHG C38 H381 sing N N 301 
LHG C38 H382 sing N N 302 
LHG C38 H383 sing N N 303 
LYS N   CA   sing N N 304 
LYS N   H    sing N N 305 
LYS N   H2   sing N N 306 
LYS CA  C    sing N N 307 
LYS CA  CB   sing N N 308 
LYS CA  HA   sing N N 309 
LYS C   O    doub N N 310 
LYS C   OXT  sing N N 311 
LYS CB  CG   sing N N 312 
LYS CB  HB2  sing N N 313 
LYS CB  HB3  sing N N 314 
LYS CG  CD   sing N N 315 
LYS CG  HG2  sing N N 316 
LYS CG  HG3  sing N N 317 
LYS CD  CE   sing N N 318 
LYS CD  HD2  sing N N 319 
LYS CD  HD3  sing N N 320 
LYS CE  NZ   sing N N 321 
LYS CE  HE2  sing N N 322 
LYS CE  HE3  sing N N 323 
LYS NZ  HZ1  sing N N 324 
LYS NZ  HZ2  sing N N 325 
LYS NZ  HZ3  sing N N 326 
LYS OXT HXT  sing N N 327 
MET N   CA   sing N N 328 
MET N   H    sing N N 329 
MET N   H2   sing N N 330 
MET CA  C    sing N N 331 
MET CA  CB   sing N N 332 
MET CA  HA   sing N N 333 
MET C   O    doub N N 334 
MET C   OXT  sing N N 335 
MET CB  CG   sing N N 336 
MET CB  HB2  sing N N 337 
MET CB  HB3  sing N N 338 
MET CG  SD   sing N N 339 
MET CG  HG2  sing N N 340 
MET CG  HG3  sing N N 341 
MET SD  CE   sing N N 342 
MET CE  HE1  sing N N 343 
MET CE  HE2  sing N N 344 
MET CE  HE3  sing N N 345 
MET OXT HXT  sing N N 346 
PEF C2  C1   sing N N 347 
PEF C2  C3   sing N N 348 
PEF C2  O2   sing N N 349 
PEF C2  H21  sing N N 350 
PEF C1  O3P  sing N N 351 
PEF C1  H11  sing N N 352 
PEF C1  H12  sing N N 353 
PEF N   C5   sing N N 354 
PEF N   HN1  sing N N 355 
PEF N   HN2  sing N N 356 
PEF C3  O3   sing N N 357 
PEF C3  H31  sing N N 358 
PEF C3  H32  sing N N 359 
PEF C4  C5   sing N N 360 
PEF C4  O4P  sing N N 361 
PEF C4  H41  sing N N 362 
PEF C4  H42  sing N N 363 
PEF C5  H51  sing N N 364 
PEF C5  H52  sing N N 365 
PEF C10 C11  sing N N 366 
PEF C10 O4   doub N N 367 
PEF C10 O2   sing N N 368 
PEF C11 C12  sing N N 369 
PEF C11 H112 sing N N 370 
PEF C11 H111 sing N N 371 
PEF C12 C13  sing N N 372 
PEF C12 H122 sing N N 373 
PEF C12 H121 sing N N 374 
PEF C13 C14  sing N N 375 
PEF C13 H132 sing N N 376 
PEF C13 H131 sing N N 377 
PEF C14 C15  sing N N 378 
PEF C14 H142 sing N N 379 
PEF C14 H141 sing N N 380 
PEF C15 C16  sing N N 381 
PEF C15 H152 sing N N 382 
PEF C15 H151 sing N N 383 
PEF C16 C17  sing N N 384 
PEF C16 H162 sing N N 385 
PEF C16 H161 sing N N 386 
PEF C17 C18  sing N N 387 
PEF C17 H172 sing N N 388 
PEF C17 H171 sing N N 389 
PEF C18 C19  sing N N 390 
PEF C18 H182 sing N N 391 
PEF C18 H181 sing N N 392 
PEF C19 C20  sing N N 393 
PEF C19 H192 sing N N 394 
PEF C19 H191 sing N N 395 
PEF C20 C21  sing N N 396 
PEF C20 H202 sing N N 397 
PEF C20 H201 sing N N 398 
PEF C21 C22  sing N N 399 
PEF C21 H212 sing N N 400 
PEF C21 H211 sing N N 401 
PEF C22 C23  sing N N 402 
PEF C22 H222 sing N N 403 
PEF C22 H221 sing N N 404 
PEF C23 C24  sing N N 405 
PEF C23 H232 sing N N 406 
PEF C23 H231 sing N N 407 
PEF C24 C25  sing N N 408 
PEF C24 H242 sing N N 409 
PEF C24 H241 sing N N 410 
PEF C25 H252 sing N N 411 
PEF C25 H251 sing N N 412 
PEF C25 H253 sing N N 413 
PEF C30 C31  sing N N 414 
PEF C30 O5   doub N N 415 
PEF C30 O3   sing N N 416 
PEF C31 C32  sing N N 417 
PEF C31 H312 sing N N 418 
PEF C31 H311 sing N N 419 
PEF C32 C33  sing N N 420 
PEF C32 H322 sing N N 421 
PEF C32 H321 sing N N 422 
PEF C33 C34  sing N N 423 
PEF C33 H332 sing N N 424 
PEF C33 H331 sing N N 425 
PEF C34 C35  sing N N 426 
PEF C34 H342 sing N N 427 
PEF C34 H341 sing N N 428 
PEF C35 C36  sing N N 429 
PEF C35 H352 sing N N 430 
PEF C35 H351 sing N N 431 
PEF C36 C37  sing N N 432 
PEF C36 H362 sing N N 433 
PEF C36 H361 sing N N 434 
PEF C37 C38  sing N N 435 
PEF C37 H372 sing N N 436 
PEF C37 H371 sing N N 437 
PEF C38 C39  sing N N 438 
PEF C38 H382 sing N N 439 
PEF C38 H381 sing N N 440 
PEF C39 C40  sing N N 441 
PEF C39 H392 sing N N 442 
PEF C39 H391 sing N N 443 
PEF C40 C41  sing N N 444 
PEF C40 H402 sing N N 445 
PEF C40 H401 sing N N 446 
PEF C41 C42  sing N N 447 
PEF C41 H412 sing N N 448 
PEF C41 H411 sing N N 449 
PEF C42 C43  sing N N 450 
PEF C42 H422 sing N N 451 
PEF C42 H421 sing N N 452 
PEF C43 C44  sing N N 453 
PEF C43 H432 sing N N 454 
PEF C43 H431 sing N N 455 
PEF C44 C45  sing N N 456 
PEF C44 H442 sing N N 457 
PEF C44 H441 sing N N 458 
PEF C45 H452 sing N N 459 
PEF C45 H451 sing N N 460 
PEF C45 H453 sing N N 461 
PEF O1P P    doub N N 462 
PEF O2P P    sing N N 463 
PEF O2P HOP2 sing N N 464 
PEF O3P P    sing N N 465 
PEF O4P P    sing N N 466 
PHE N   CA   sing N N 467 
PHE N   H    sing N N 468 
PHE N   H2   sing N N 469 
PHE CA  C    sing N N 470 
PHE CA  CB   sing N N 471 
PHE CA  HA   sing N N 472 
PHE C   O    doub N N 473 
PHE C   OXT  sing N N 474 
PHE CB  CG   sing N N 475 
PHE CB  HB2  sing N N 476 
PHE CB  HB3  sing N N 477 
PHE CG  CD1  doub Y N 478 
PHE CG  CD2  sing Y N 479 
PHE CD1 CE1  sing Y N 480 
PHE CD1 HD1  sing N N 481 
PHE CD2 CE2  doub Y N 482 
PHE CD2 HD2  sing N N 483 
PHE CE1 CZ   doub Y N 484 
PHE CE1 HE1  sing N N 485 
PHE CE2 CZ   sing Y N 486 
PHE CE2 HE2  sing N N 487 
PHE CZ  HZ   sing N N 488 
PHE OXT HXT  sing N N 489 
PRO N   CA   sing N N 490 
PRO N   CD   sing N N 491 
PRO N   H    sing N N 492 
PRO CA  C    sing N N 493 
PRO CA  CB   sing N N 494 
PRO CA  HA   sing N N 495 
PRO C   O    doub N N 496 
PRO C   OXT  sing N N 497 
PRO CB  CG   sing N N 498 
PRO CB  HB2  sing N N 499 
PRO CB  HB3  sing N N 500 
PRO CG  CD   sing N N 501 
PRO CG  HG2  sing N N 502 
PRO CG  HG3  sing N N 503 
PRO CD  HD2  sing N N 504 
PRO CD  HD3  sing N N 505 
PRO OXT HXT  sing N N 506 
SER N   CA   sing N N 507 
SER N   H    sing N N 508 
SER N   H2   sing N N 509 
SER CA  C    sing N N 510 
SER CA  CB   sing N N 511 
SER CA  HA   sing N N 512 
SER C   O    doub N N 513 
SER C   OXT  sing N N 514 
SER CB  OG   sing N N 515 
SER CB  HB2  sing N N 516 
SER CB  HB3  sing N N 517 
SER OG  HG   sing N N 518 
SER OXT HXT  sing N N 519 
THR N   CA   sing N N 520 
THR N   H    sing N N 521 
THR N   H2   sing N N 522 
THR CA  C    sing N N 523 
THR CA  CB   sing N N 524 
THR CA  HA   sing N N 525 
THR C   O    doub N N 526 
THR C   OXT  sing N N 527 
THR CB  OG1  sing N N 528 
THR CB  CG2  sing N N 529 
THR CB  HB   sing N N 530 
THR OG1 HG1  sing N N 531 
THR CG2 HG21 sing N N 532 
THR CG2 HG22 sing N N 533 
THR CG2 HG23 sing N N 534 
THR OXT HXT  sing N N 535 
TRP N   CA   sing N N 536 
TRP N   H    sing N N 537 
TRP N   H2   sing N N 538 
TRP CA  C    sing N N 539 
TRP CA  CB   sing N N 540 
TRP CA  HA   sing N N 541 
TRP C   O    doub N N 542 
TRP C   OXT  sing N N 543 
TRP CB  CG   sing N N 544 
TRP CB  HB2  sing N N 545 
TRP CB  HB3  sing N N 546 
TRP CG  CD1  doub Y N 547 
TRP CG  CD2  sing Y N 548 
TRP CD1 NE1  sing Y N 549 
TRP CD1 HD1  sing N N 550 
TRP CD2 CE2  doub Y N 551 
TRP CD2 CE3  sing Y N 552 
TRP NE1 CE2  sing Y N 553 
TRP NE1 HE1  sing N N 554 
TRP CE2 CZ2  sing Y N 555 
TRP CE3 CZ3  doub Y N 556 
TRP CE3 HE3  sing N N 557 
TRP CZ2 CH2  doub Y N 558 
TRP CZ2 HZ2  sing N N 559 
TRP CZ3 CH2  sing Y N 560 
TRP CZ3 HZ3  sing N N 561 
TRP CH2 HH2  sing N N 562 
TRP OXT HXT  sing N N 563 
TYR N   CA   sing N N 564 
TYR N   H    sing N N 565 
TYR N   H2   sing N N 566 
TYR CA  C    sing N N 567 
TYR CA  CB   sing N N 568 
TYR CA  HA   sing N N 569 
TYR C   O    doub N N 570 
TYR C   OXT  sing N N 571 
TYR CB  CG   sing N N 572 
TYR CB  HB2  sing N N 573 
TYR CB  HB3  sing N N 574 
TYR CG  CD1  doub Y N 575 
TYR CG  CD2  sing Y N 576 
TYR CD1 CE1  sing Y N 577 
TYR CD1 HD1  sing N N 578 
TYR CD2 CE2  doub Y N 579 
TYR CD2 HD2  sing N N 580 
TYR CE1 CZ   doub Y N 581 
TYR CE1 HE1  sing N N 582 
TYR CE2 CZ   sing Y N 583 
TYR CE2 HE2  sing N N 584 
TYR CZ  OH   sing N N 585 
TYR OH  HH   sing N N 586 
TYR OXT HXT  sing N N 587 
VAL N   CA   sing N N 588 
VAL N   H    sing N N 589 
VAL N   H2   sing N N 590 
VAL CA  C    sing N N 591 
VAL CA  CB   sing N N 592 
VAL CA  HA   sing N N 593 
VAL C   O    doub N N 594 
VAL C   OXT  sing N N 595 
VAL CB  CG1  sing N N 596 
VAL CB  CG2  sing N N 597 
VAL CB  HB   sing N N 598 
VAL CG1 HG11 sing N N 599 
VAL CG1 HG12 sing N N 600 
VAL CG1 HG13 sing N N 601 
VAL CG2 HG21 sing N N 602 
VAL CG2 HG22 sing N N 603 
VAL CG2 HG23 sing N N 604 
VAL OXT HXT  sing N N 605 
# 
loop_
_pdbx_audit_support.funding_organization 
_pdbx_audit_support.country 
_pdbx_audit_support.grant_number 
_pdbx_audit_support.ordinal 
JSPS       Japan 17K15105 1 
JSPS       Japan 17K07396 2 
AMED-CREST Japan ?        3 
# 
loop_
_pdbx_entity_nonpoly.entity_id 
_pdbx_entity_nonpoly.name 
_pdbx_entity_nonpoly.comp_id 
2 DI-PALMITOYL-3-SN-PHOSPHATIDYLETHANOLAMINE PEF 
3 1,2-DIPALMITOYL-PHOSPHATIDYL-GLYCEROLE     LHG 
4 'SODIUM ION'                               NA  
5 water                                      HOH 
# 
_pdbx_initial_refinement_model.id               1 
_pdbx_initial_refinement_model.entity_id_list   ? 
_pdbx_initial_refinement_model.type             'experimental model' 
_pdbx_initial_refinement_model.source_name      PDB 
_pdbx_initial_refinement_model.accession_code   3F4M 
_pdbx_initial_refinement_model.details          ? 
# 
_pdbx_struct_assembly_auth_evidence.id                     1 
_pdbx_struct_assembly_auth_evidence.assembly_id            1 
_pdbx_struct_assembly_auth_evidence.experimental_support   'gel filtration' 
_pdbx_struct_assembly_auth_evidence.details                ? 
# 
